data_1U53
# 
_entry.id   1U53 
# 
_audit_conform.dict_name       mmcif_pdbx.dic 
_audit_conform.dict_version    5.398 
_audit_conform.dict_location   http://mmcif.pdb.org/dictionaries/ascii/mmcif_pdbx.dic 
# 
loop_
_database_2.database_id 
_database_2.database_code 
_database_2.pdbx_database_accession 
_database_2.pdbx_DOI 
PDB   1U53         pdb_00001u53 10.2210/pdb1u53/pdb 
RCSB  RCSB023255   ?            ?                   
WWPDB D_1000023255 ?            ?                   
# 
loop_
_pdbx_audit_revision_history.ordinal 
_pdbx_audit_revision_history.data_content_type 
_pdbx_audit_revision_history.major_revision 
_pdbx_audit_revision_history.minor_revision 
_pdbx_audit_revision_history.revision_date 
1 'Structure model' 1 0 2005-02-01 
2 'Structure model' 1 1 2008-04-30 
3 'Structure model' 1 2 2011-07-13 
4 'Structure model' 1 3 2017-10-11 
5 'Structure model' 1 4 2024-11-06 
# 
_pdbx_audit_revision_details.ordinal             1 
_pdbx_audit_revision_details.revision_ordinal    1 
_pdbx_audit_revision_details.data_content_type   'Structure model' 
_pdbx_audit_revision_details.provider            repository 
_pdbx_audit_revision_details.type                'Initial release' 
_pdbx_audit_revision_details.description         ? 
_pdbx_audit_revision_details.details             ? 
# 
loop_
_pdbx_audit_revision_group.ordinal 
_pdbx_audit_revision_group.revision_ordinal 
_pdbx_audit_revision_group.data_content_type 
_pdbx_audit_revision_group.group 
1 2 'Structure model' 'Version format compliance' 
2 3 'Structure model' 'Version format compliance' 
3 4 'Structure model' 'Refinement description'    
4 5 'Structure model' 'Data collection'           
5 5 'Structure model' 'Database references'       
6 5 'Structure model' 'Structure summary'         
# 
loop_
_pdbx_audit_revision_category.ordinal 
_pdbx_audit_revision_category.revision_ordinal 
_pdbx_audit_revision_category.data_content_type 
_pdbx_audit_revision_category.category 
1 4 'Structure model' software                  
2 5 'Structure model' chem_comp_atom            
3 5 'Structure model' chem_comp_bond            
4 5 'Structure model' database_2                
5 5 'Structure model' pdbx_entry_details        
6 5 'Structure model' pdbx_modification_feature 
7 5 'Structure model' struct_ref_seq_dif        
# 
loop_
_pdbx_audit_revision_item.ordinal 
_pdbx_audit_revision_item.revision_ordinal 
_pdbx_audit_revision_item.data_content_type 
_pdbx_audit_revision_item.item 
1 5 'Structure model' '_database_2.pdbx_DOI'                
2 5 'Structure model' '_database_2.pdbx_database_accession' 
3 5 'Structure model' '_struct_ref_seq_dif.details'         
# 
_pdbx_database_status.status_code                     REL 
_pdbx_database_status.entry_id                        1U53 
_pdbx_database_status.recvd_initial_deposition_date   2004-07-26 
_pdbx_database_status.deposit_site                    RCSB 
_pdbx_database_status.process_site                    RCSB 
_pdbx_database_status.status_code_sf                  REL 
_pdbx_database_status.status_code_mr                  ? 
_pdbx_database_status.SG_entry                        ? 
_pdbx_database_status.pdb_format_compatible           Y 
_pdbx_database_status.status_code_cs                  ? 
_pdbx_database_status.methods_development_category    ? 
_pdbx_database_status.status_code_nmr_data            ? 
# 
loop_
_pdbx_database_related.db_name 
_pdbx_database_related.db_id 
_pdbx_database_related.details 
_pdbx_database_related.content_type 
PDB 1QNX . unspecified 
PDB 1CFE . unspecified 
# 
loop_
_audit_author.name 
_audit_author.pdbx_ordinal 
'Asojo, O.A.'       1 
'Goud, G.'          2 
'Dhar, K.'          3 
'Loukas, A.'        4 
'Zhan, B.'          5 
'Deumic, V.'        6 
'Liu, S.'           7 
'Borgstahl, G.E.O.' 8 
'Hotez, P.J.'       9 
# 
_citation.id                        primary 
_citation.title                     
;X-ray structure of Na-ASP-2, a pathogenesis-related-1 protein from the nematode parasite, Necator americanus, and a vaccine antigen for human hookworm infection.
;
_citation.journal_abbrev            J.Mol.Biol. 
_citation.journal_volume            346 
_citation.page_first                801 
_citation.page_last                 814 
_citation.year                      2005 
_citation.journal_id_ASTM           JMOBAK 
_citation.country                   UK 
_citation.journal_id_ISSN           0022-2836 
_citation.journal_id_CSD            0070 
_citation.book_publisher            ? 
_citation.pdbx_database_id_PubMed   15713464 
_citation.pdbx_database_id_DOI      10.1016/j.jmb.2004.12.023 
# 
loop_
_citation_author.citation_id 
_citation_author.name 
_citation_author.ordinal 
_citation_author.identifier_ORCID 
primary 'Asojo, O.A.'     1 ? 
primary 'Goud, G.'        2 ? 
primary 'Dhar, K.'        3 ? 
primary 'Loukas, A.'      4 ? 
primary 'Zhan, B.'        5 ? 
primary 'Deumic, V.'      6 ? 
primary 'Liu, S.'         7 ? 
primary 'Borgstahl, G.E.' 8 ? 
primary 'Hotez, P.J.'     9 ? 
# 
loop_
_entity.id 
_entity.type 
_entity.src_method 
_entity.pdbx_description 
_entity.formula_weight 
_entity.pdbx_number_of_molecules 
_entity.pdbx_ec 
_entity.pdbx_mutation 
_entity.pdbx_fragment 
_entity.details 
1 polymer man 'secreted protein ASP-2' 21214.115 1   ? ? ? ? 
2 water   nat water                    18.015    201 ? ? ? ? 
# 
_entity_poly.entity_id                      1 
_entity_poly.type                           'polypeptide(L)' 
_entity_poly.nstd_linkage                   no 
_entity_poly.nstd_monomer                   no 
_entity_poly.pdbx_seq_one_letter_code       
;AEAEFGCPDNGMSEEARQKFLEMHNSLRSSVALGQAKDGAGGNAPKAAKMKTMAYDCEVEKTAMNNAKQCVFKHSQPNQR
KGLGENIFMSSDSGMDKAKAAEQASKAWFGELAEKGVGQNLKLTGGLFSRGVGHYTQMVWQETVKLGCYVEACSNMCYVV
CQYGPAGNMMGKDIYEKGEPCSKCENCDKEKGLCSA
;
_entity_poly.pdbx_seq_one_letter_code_can   
;AEAEFGCPDNGMSEEARQKFLEMHNSLRSSVALGQAKDGAGGNAPKAAKMKTMAYDCEVEKTAMNNAKQCVFKHSQPNQR
KGLGENIFMSSDSGMDKAKAAEQASKAWFGELAEKGVGQNLKLTGGLFSRGVGHYTQMVWQETVKLGCYVEACSNMCYVV
CQYGPAGNMMGKDIYEKGEPCSKCENCDKEKGLCSA
;
_entity_poly.pdbx_strand_id                 A 
_entity_poly.pdbx_target_identifier         ? 
# 
_pdbx_entity_nonpoly.entity_id   2 
_pdbx_entity_nonpoly.name        water 
_pdbx_entity_nonpoly.comp_id     HOH 
# 
loop_
_entity_poly_seq.entity_id 
_entity_poly_seq.num 
_entity_poly_seq.mon_id 
_entity_poly_seq.hetero 
1 1   ALA n 
1 2   GLU n 
1 3   ALA n 
1 4   GLU n 
1 5   PHE n 
1 6   GLY n 
1 7   CYS n 
1 8   PRO n 
1 9   ASP n 
1 10  ASN n 
1 11  GLY n 
1 12  MET n 
1 13  SER n 
1 14  GLU n 
1 15  GLU n 
1 16  ALA n 
1 17  ARG n 
1 18  GLN n 
1 19  LYS n 
1 20  PHE n 
1 21  LEU n 
1 22  GLU n 
1 23  MET n 
1 24  HIS n 
1 25  ASN n 
1 26  SER n 
1 27  LEU n 
1 28  ARG n 
1 29  SER n 
1 30  SER n 
1 31  VAL n 
1 32  ALA n 
1 33  LEU n 
1 34  GLY n 
1 35  GLN n 
1 36  ALA n 
1 37  LYS n 
1 38  ASP n 
1 39  GLY n 
1 40  ALA n 
1 41  GLY n 
1 42  GLY n 
1 43  ASN n 
1 44  ALA n 
1 45  PRO n 
1 46  LYS n 
1 47  ALA n 
1 48  ALA n 
1 49  LYS n 
1 50  MET n 
1 51  LYS n 
1 52  THR n 
1 53  MET n 
1 54  ALA n 
1 55  TYR n 
1 56  ASP n 
1 57  CYS n 
1 58  GLU n 
1 59  VAL n 
1 60  GLU n 
1 61  LYS n 
1 62  THR n 
1 63  ALA n 
1 64  MET n 
1 65  ASN n 
1 66  ASN n 
1 67  ALA n 
1 68  LYS n 
1 69  GLN n 
1 70  CYS n 
1 71  VAL n 
1 72  PHE n 
1 73  LYS n 
1 74  HIS n 
1 75  SER n 
1 76  GLN n 
1 77  PRO n 
1 78  ASN n 
1 79  GLN n 
1 80  ARG n 
1 81  LYS n 
1 82  GLY n 
1 83  LEU n 
1 84  GLY n 
1 85  GLU n 
1 86  ASN n 
1 87  ILE n 
1 88  PHE n 
1 89  MET n 
1 90  SER n 
1 91  SER n 
1 92  ASP n 
1 93  SER n 
1 94  GLY n 
1 95  MET n 
1 96  ASP n 
1 97  LYS n 
1 98  ALA n 
1 99  LYS n 
1 100 ALA n 
1 101 ALA n 
1 102 GLU n 
1 103 GLN n 
1 104 ALA n 
1 105 SER n 
1 106 LYS n 
1 107 ALA n 
1 108 TRP n 
1 109 PHE n 
1 110 GLY n 
1 111 GLU n 
1 112 LEU n 
1 113 ALA n 
1 114 GLU n 
1 115 LYS n 
1 116 GLY n 
1 117 VAL n 
1 118 GLY n 
1 119 GLN n 
1 120 ASN n 
1 121 LEU n 
1 122 LYS n 
1 123 LEU n 
1 124 THR n 
1 125 GLY n 
1 126 GLY n 
1 127 LEU n 
1 128 PHE n 
1 129 SER n 
1 130 ARG n 
1 131 GLY n 
1 132 VAL n 
1 133 GLY n 
1 134 HIS n 
1 135 TYR n 
1 136 THR n 
1 137 GLN n 
1 138 MET n 
1 139 VAL n 
1 140 TRP n 
1 141 GLN n 
1 142 GLU n 
1 143 THR n 
1 144 VAL n 
1 145 LYS n 
1 146 LEU n 
1 147 GLY n 
1 148 CYS n 
1 149 TYR n 
1 150 VAL n 
1 151 GLU n 
1 152 ALA n 
1 153 CYS n 
1 154 SER n 
1 155 ASN n 
1 156 MET n 
1 157 CYS n 
1 158 TYR n 
1 159 VAL n 
1 160 VAL n 
1 161 CYS n 
1 162 GLN n 
1 163 TYR n 
1 164 GLY n 
1 165 PRO n 
1 166 ALA n 
1 167 GLY n 
1 168 ASN n 
1 169 MET n 
1 170 MET n 
1 171 GLY n 
1 172 LYS n 
1 173 ASP n 
1 174 ILE n 
1 175 TYR n 
1 176 GLU n 
1 177 LYS n 
1 178 GLY n 
1 179 GLU n 
1 180 PRO n 
1 181 CYS n 
1 182 SER n 
1 183 LYS n 
1 184 CYS n 
1 185 GLU n 
1 186 ASN n 
1 187 CYS n 
1 188 ASP n 
1 189 LYS n 
1 190 GLU n 
1 191 LYS n 
1 192 GLY n 
1 193 LEU n 
1 194 CYS n 
1 195 SER n 
1 196 ALA n 
# 
_entity_src_gen.entity_id                          1 
_entity_src_gen.pdbx_src_id                        1 
_entity_src_gen.pdbx_alt_source_flag               sample 
_entity_src_gen.pdbx_seq_type                      ? 
_entity_src_gen.pdbx_beg_seq_num                   ? 
_entity_src_gen.pdbx_end_seq_num                   ? 
_entity_src_gen.gene_src_common_name               ? 
_entity_src_gen.gene_src_genus                     Necator 
_entity_src_gen.pdbx_gene_src_gene                 ? 
_entity_src_gen.gene_src_species                   ? 
_entity_src_gen.gene_src_strain                    ? 
_entity_src_gen.gene_src_tissue                    ? 
_entity_src_gen.gene_src_tissue_fraction           ? 
_entity_src_gen.gene_src_details                   ? 
_entity_src_gen.pdbx_gene_src_fragment             ? 
_entity_src_gen.pdbx_gene_src_scientific_name      'Necator americanus' 
_entity_src_gen.pdbx_gene_src_ncbi_taxonomy_id     51031 
_entity_src_gen.pdbx_gene_src_variant              ? 
_entity_src_gen.pdbx_gene_src_cell_line            ? 
_entity_src_gen.pdbx_gene_src_atcc                 ? 
_entity_src_gen.pdbx_gene_src_organ                ? 
_entity_src_gen.pdbx_gene_src_organelle            ? 
_entity_src_gen.pdbx_gene_src_cell                 ? 
_entity_src_gen.pdbx_gene_src_cellular_location    ? 
_entity_src_gen.host_org_common_name               ? 
_entity_src_gen.pdbx_host_org_scientific_name      'Pichia pastoris' 
_entity_src_gen.pdbx_host_org_ncbi_taxonomy_id     4922 
_entity_src_gen.host_org_genus                     Pichia 
_entity_src_gen.pdbx_host_org_gene                 ? 
_entity_src_gen.pdbx_host_org_organ                ? 
_entity_src_gen.host_org_species                   ? 
_entity_src_gen.pdbx_host_org_tissue               ? 
_entity_src_gen.pdbx_host_org_tissue_fraction      ? 
_entity_src_gen.pdbx_host_org_strain               ? 
_entity_src_gen.pdbx_host_org_variant              ? 
_entity_src_gen.pdbx_host_org_cell_line            ? 
_entity_src_gen.pdbx_host_org_atcc                 ? 
_entity_src_gen.pdbx_host_org_culture_collection   ? 
_entity_src_gen.pdbx_host_org_cell                 ? 
_entity_src_gen.pdbx_host_org_organelle            ? 
_entity_src_gen.pdbx_host_org_cellular_location    ? 
_entity_src_gen.pdbx_host_org_vector_type          ? 
_entity_src_gen.pdbx_host_org_vector               ? 
_entity_src_gen.host_org_details                   ? 
_entity_src_gen.expression_system_id               ? 
_entity_src_gen.plasmid_name                       ? 
_entity_src_gen.plasmid_details                    ? 
_entity_src_gen.pdbx_description                   ? 
# 
loop_
_chem_comp.id 
_chem_comp.type 
_chem_comp.mon_nstd_flag 
_chem_comp.name 
_chem_comp.pdbx_synonyms 
_chem_comp.formula 
_chem_comp.formula_weight 
ALA 'L-peptide linking' y ALANINE         ? 'C3 H7 N O2'     89.093  
ARG 'L-peptide linking' y ARGININE        ? 'C6 H15 N4 O2 1' 175.209 
ASN 'L-peptide linking' y ASPARAGINE      ? 'C4 H8 N2 O3'    132.118 
ASP 'L-peptide linking' y 'ASPARTIC ACID' ? 'C4 H7 N O4'     133.103 
CYS 'L-peptide linking' y CYSTEINE        ? 'C3 H7 N O2 S'   121.158 
GLN 'L-peptide linking' y GLUTAMINE       ? 'C5 H10 N2 O3'   146.144 
GLU 'L-peptide linking' y 'GLUTAMIC ACID' ? 'C5 H9 N O4'     147.129 
GLY 'peptide linking'   y GLYCINE         ? 'C2 H5 N O2'     75.067  
HIS 'L-peptide linking' y HISTIDINE       ? 'C6 H10 N3 O2 1' 156.162 
HOH non-polymer         . WATER           ? 'H2 O'           18.015  
ILE 'L-peptide linking' y ISOLEUCINE      ? 'C6 H13 N O2'    131.173 
LEU 'L-peptide linking' y LEUCINE         ? 'C6 H13 N O2'    131.173 
LYS 'L-peptide linking' y LYSINE          ? 'C6 H15 N2 O2 1' 147.195 
MET 'L-peptide linking' y METHIONINE      ? 'C5 H11 N O2 S'  149.211 
PHE 'L-peptide linking' y PHENYLALANINE   ? 'C9 H11 N O2'    165.189 
PRO 'L-peptide linking' y PROLINE         ? 'C5 H9 N O2'     115.130 
SER 'L-peptide linking' y SERINE          ? 'C3 H7 N O3'     105.093 
THR 'L-peptide linking' y THREONINE       ? 'C4 H9 N O3'     119.119 
TRP 'L-peptide linking' y TRYPTOPHAN      ? 'C11 H12 N2 O2'  204.225 
TYR 'L-peptide linking' y TYROSINE        ? 'C9 H11 N O3'    181.189 
VAL 'L-peptide linking' y VALINE          ? 'C5 H11 N O2'    117.146 
# 
loop_
_pdbx_poly_seq_scheme.asym_id 
_pdbx_poly_seq_scheme.entity_id 
_pdbx_poly_seq_scheme.seq_id 
_pdbx_poly_seq_scheme.mon_id 
_pdbx_poly_seq_scheme.ndb_seq_num 
_pdbx_poly_seq_scheme.pdb_seq_num 
_pdbx_poly_seq_scheme.auth_seq_num 
_pdbx_poly_seq_scheme.pdb_mon_id 
_pdbx_poly_seq_scheme.auth_mon_id 
_pdbx_poly_seq_scheme.pdb_strand_id 
_pdbx_poly_seq_scheme.pdb_ins_code 
_pdbx_poly_seq_scheme.hetero 
A 1 1   ALA 1   -4  ?   ?   ?   A . n 
A 1 2   GLU 2   -3  ?   ?   ?   A . n 
A 1 3   ALA 3   -2  ?   ?   ?   A . n 
A 1 4   GLU 4   -1  -1  GLU GLU A . n 
A 1 5   PHE 5   0   0   PHE PHE A . n 
A 1 6   GLY 6   1   1   GLY GLY A . n 
A 1 7   CYS 7   2   2   CYS CYS A . n 
A 1 8   PRO 8   3   3   PRO PRO A . n 
A 1 9   ASP 9   4   4   ASP ASP A . n 
A 1 10  ASN 10  5   5   ASN ASN A . n 
A 1 11  GLY 11  6   6   GLY GLY A . n 
A 1 12  MET 12  7   7   MET MET A . n 
A 1 13  SER 13  8   8   SER SER A . n 
A 1 14  GLU 14  9   9   GLU GLU A . n 
A 1 15  GLU 15  10  10  GLU GLU A . n 
A 1 16  ALA 16  11  11  ALA ALA A . n 
A 1 17  ARG 17  12  12  ARG ARG A . n 
A 1 18  GLN 18  13  13  GLN GLN A . n 
A 1 19  LYS 19  14  14  LYS LYS A . n 
A 1 20  PHE 20  15  15  PHE PHE A . n 
A 1 21  LEU 21  16  16  LEU LEU A . n 
A 1 22  GLU 22  17  17  GLU GLU A . n 
A 1 23  MET 23  18  18  MET MET A . n 
A 1 24  HIS 24  19  19  HIS HIS A . n 
A 1 25  ASN 25  20  20  ASN ASN A . n 
A 1 26  SER 26  21  21  SER SER A . n 
A 1 27  LEU 27  22  22  LEU LEU A . n 
A 1 28  ARG 28  23  23  ARG ARG A . n 
A 1 29  SER 29  24  24  SER SER A . n 
A 1 30  SER 30  25  25  SER SER A . n 
A 1 31  VAL 31  26  26  VAL VAL A . n 
A 1 32  ALA 32  27  27  ALA ALA A . n 
A 1 33  LEU 33  28  28  LEU LEU A . n 
A 1 34  GLY 34  29  29  GLY GLY A . n 
A 1 35  GLN 35  30  30  GLN GLN A . n 
A 1 36  ALA 36  31  31  ALA ALA A . n 
A 1 37  LYS 37  32  32  LYS LYS A . n 
A 1 38  ASP 38  33  33  ASP ASP A . n 
A 1 39  GLY 39  34  34  GLY GLY A . n 
A 1 40  ALA 40  35  35  ALA ALA A . n 
A 1 41  GLY 41  36  36  GLY GLY A . n 
A 1 42  GLY 42  37  37  GLY GLY A . n 
A 1 43  ASN 43  38  38  ASN ASN A . n 
A 1 44  ALA 44  39  39  ALA ALA A . n 
A 1 45  PRO 45  40  40  PRO PRO A . n 
A 1 46  LYS 46  41  41  LYS LYS A . n 
A 1 47  ALA 47  42  42  ALA ALA A . n 
A 1 48  ALA 48  43  43  ALA ALA A . n 
A 1 49  LYS 49  44  44  LYS LYS A . n 
A 1 50  MET 50  45  45  MET MET A . n 
A 1 51  LYS 51  46  46  LYS LYS A . n 
A 1 52  THR 52  47  47  THR THR A . n 
A 1 53  MET 53  48  48  MET MET A . n 
A 1 54  ALA 54  49  49  ALA ALA A . n 
A 1 55  TYR 55  50  50  TYR TYR A . n 
A 1 56  ASP 56  51  51  ASP ASP A . n 
A 1 57  CYS 57  52  52  CYS CYS A . n 
A 1 58  GLU 58  53  53  GLU GLU A . n 
A 1 59  VAL 59  54  54  VAL VAL A . n 
A 1 60  GLU 60  55  55  GLU GLU A . n 
A 1 61  LYS 61  56  56  LYS LYS A . n 
A 1 62  THR 62  57  57  THR THR A . n 
A 1 63  ALA 63  58  58  ALA ALA A . n 
A 1 64  MET 64  59  59  MET MET A . n 
A 1 65  ASN 65  60  60  ASN ASN A . n 
A 1 66  ASN 66  61  61  ASN ASN A . n 
A 1 67  ALA 67  62  62  ALA ALA A . n 
A 1 68  LYS 68  63  63  LYS LYS A . n 
A 1 69  GLN 69  64  64  GLN GLN A . n 
A 1 70  CYS 70  65  65  CYS CYS A . n 
A 1 71  VAL 71  66  66  VAL VAL A . n 
A 1 72  PHE 72  67  67  PHE PHE A . n 
A 1 73  LYS 73  68  68  LYS LYS A . n 
A 1 74  HIS 74  69  69  HIS HIS A . n 
A 1 75  SER 75  70  70  SER SER A . n 
A 1 76  GLN 76  71  71  GLN GLN A . n 
A 1 77  PRO 77  72  72  PRO PRO A . n 
A 1 78  ASN 78  73  73  ASN ASN A . n 
A 1 79  GLN 79  74  74  GLN GLN A . n 
A 1 80  ARG 80  75  75  ARG ARG A . n 
A 1 81  LYS 81  76  76  LYS LYS A . n 
A 1 82  GLY 82  77  77  GLY GLY A . n 
A 1 83  LEU 83  78  78  LEU LEU A . n 
A 1 84  GLY 84  79  79  GLY GLY A . n 
A 1 85  GLU 85  80  80  GLU GLU A . n 
A 1 86  ASN 86  81  81  ASN ASN A . n 
A 1 87  ILE 87  82  82  ILE ILE A . n 
A 1 88  PHE 88  83  83  PHE PHE A . n 
A 1 89  MET 89  84  84  MET MET A . n 
A 1 90  SER 90  85  85  SER SER A . n 
A 1 91  SER 91  86  86  SER SER A . n 
A 1 92  ASP 92  87  87  ASP ASP A . n 
A 1 93  SER 93  88  88  SER SER A . n 
A 1 94  GLY 94  89  89  GLY GLY A . n 
A 1 95  MET 95  90  90  MET MET A . n 
A 1 96  ASP 96  91  91  ASP ASP A . n 
A 1 97  LYS 97  92  92  LYS LYS A . n 
A 1 98  ALA 98  93  93  ALA ALA A . n 
A 1 99  LYS 99  94  94  LYS LYS A . n 
A 1 100 ALA 100 95  95  ALA ALA A . n 
A 1 101 ALA 101 96  96  ALA ALA A . n 
A 1 102 GLU 102 97  97  GLU GLU A . n 
A 1 103 GLN 103 98  98  GLN GLN A . n 
A 1 104 ALA 104 99  99  ALA ALA A . n 
A 1 105 SER 105 100 100 SER SER A . n 
A 1 106 LYS 106 101 101 LYS LYS A . n 
A 1 107 ALA 107 102 102 ALA ALA A . n 
A 1 108 TRP 108 103 103 TRP TRP A . n 
A 1 109 PHE 109 104 104 PHE PHE A . n 
A 1 110 GLY 110 105 105 GLY GLY A . n 
A 1 111 GLU 111 106 106 GLU GLU A . n 
A 1 112 LEU 112 107 107 LEU LEU A . n 
A 1 113 ALA 113 108 108 ALA ALA A . n 
A 1 114 GLU 114 109 109 GLU GLU A . n 
A 1 115 LYS 115 110 110 LYS LYS A . n 
A 1 116 GLY 116 111 111 GLY GLY A . n 
A 1 117 VAL 117 112 112 VAL VAL A . n 
A 1 118 GLY 118 113 113 GLY GLY A . n 
A 1 119 GLN 119 114 114 GLN GLN A . n 
A 1 120 ASN 120 115 115 ASN ASN A . n 
A 1 121 LEU 121 116 116 LEU LEU A . n 
A 1 122 LYS 122 117 117 LYS LYS A . n 
A 1 123 LEU 123 118 118 LEU LEU A . n 
A 1 124 THR 124 119 119 THR THR A . n 
A 1 125 GLY 125 120 120 GLY GLY A . n 
A 1 126 GLY 126 121 121 GLY GLY A . n 
A 1 127 LEU 127 122 122 LEU LEU A . n 
A 1 128 PHE 128 123 123 PHE PHE A . n 
A 1 129 SER 129 124 124 SER SER A . n 
A 1 130 ARG 130 125 125 ARG ARG A . n 
A 1 131 GLY 131 126 126 GLY GLY A . n 
A 1 132 VAL 132 127 127 VAL VAL A . n 
A 1 133 GLY 133 128 128 GLY GLY A . n 
A 1 134 HIS 134 129 129 HIS HIS A . n 
A 1 135 TYR 135 130 130 TYR TYR A . n 
A 1 136 THR 136 131 131 THR THR A . n 
A 1 137 GLN 137 132 132 GLN GLN A . n 
A 1 138 MET 138 133 133 MET MET A . n 
A 1 139 VAL 139 134 134 VAL VAL A . n 
A 1 140 TRP 140 135 135 TRP TRP A . n 
A 1 141 GLN 141 136 136 GLN GLN A . n 
A 1 142 GLU 142 137 137 GLU GLU A . n 
A 1 143 THR 143 138 138 THR THR A . n 
A 1 144 VAL 144 139 139 VAL VAL A . n 
A 1 145 LYS 145 140 140 LYS LYS A . n 
A 1 146 LEU 146 141 141 LEU LEU A . n 
A 1 147 GLY 147 142 142 GLY GLY A . n 
A 1 148 CYS 148 143 143 CYS CYS A . n 
A 1 149 TYR 149 144 144 TYR TYR A . n 
A 1 150 VAL 150 145 145 VAL VAL A . n 
A 1 151 GLU 151 146 146 GLU GLU A . n 
A 1 152 ALA 152 147 147 ALA ALA A . n 
A 1 153 CYS 153 148 148 CYS CYS A . n 
A 1 154 SER 154 149 149 SER SER A . n 
A 1 155 ASN 155 150 150 ASN ASN A . n 
A 1 156 MET 156 151 151 MET MET A . n 
A 1 157 CYS 157 152 152 CYS CYS A . n 
A 1 158 TYR 158 153 153 TYR TYR A . n 
A 1 159 VAL 159 154 154 VAL VAL A . n 
A 1 160 VAL 160 155 155 VAL VAL A . n 
A 1 161 CYS 161 156 156 CYS CYS A . n 
A 1 162 GLN 162 157 157 GLN GLN A . n 
A 1 163 TYR 163 158 158 TYR TYR A . n 
A 1 164 GLY 164 159 159 GLY GLY A . n 
A 1 165 PRO 165 160 160 PRO PRO A . n 
A 1 166 ALA 166 161 161 ALA ALA A . n 
A 1 167 GLY 167 162 162 GLY GLY A . n 
A 1 168 ASN 168 163 163 ASN ASN A . n 
A 1 169 MET 169 164 164 MET MET A . n 
A 1 170 MET 170 165 165 MET MET A . n 
A 1 171 GLY 171 166 166 GLY GLY A . n 
A 1 172 LYS 172 167 167 LYS LYS A . n 
A 1 173 ASP 173 168 168 ASP ASP A . n 
A 1 174 ILE 174 169 169 ILE ILE A . n 
A 1 175 TYR 175 170 170 TYR TYR A . n 
A 1 176 GLU 176 171 171 GLU GLU A . n 
A 1 177 LYS 177 172 172 LYS LYS A . n 
A 1 178 GLY 178 173 173 GLY GLY A . n 
A 1 179 GLU 179 174 174 GLU GLU A . n 
A 1 180 PRO 180 175 175 PRO PRO A . n 
A 1 181 CYS 181 176 176 CYS CYS A . n 
A 1 182 SER 182 177 177 SER SER A . n 
A 1 183 LYS 183 178 178 LYS LYS A . n 
A 1 184 CYS 184 179 179 CYS CYS A . n 
A 1 185 GLU 185 180 180 GLU GLU A . n 
A 1 186 ASN 186 181 181 ASN ASN A . n 
A 1 187 CYS 187 182 182 CYS CYS A . n 
A 1 188 ASP 188 183 183 ASP ASP A . n 
A 1 189 LYS 189 184 184 LYS LYS A . n 
A 1 190 GLU 190 185 185 GLU GLU A . n 
A 1 191 LYS 191 186 186 LYS LYS A . n 
A 1 192 GLY 192 187 187 GLY GLY A . n 
A 1 193 LEU 193 188 188 LEU LEU A . n 
A 1 194 CYS 194 189 189 CYS CYS A . n 
A 1 195 SER 195 190 190 SER SER A . n 
A 1 196 ALA 196 191 191 ALA ALA A . n 
# 
loop_
_pdbx_nonpoly_scheme.asym_id 
_pdbx_nonpoly_scheme.entity_id 
_pdbx_nonpoly_scheme.mon_id 
_pdbx_nonpoly_scheme.ndb_seq_num 
_pdbx_nonpoly_scheme.pdb_seq_num 
_pdbx_nonpoly_scheme.auth_seq_num 
_pdbx_nonpoly_scheme.pdb_mon_id 
_pdbx_nonpoly_scheme.auth_mon_id 
_pdbx_nonpoly_scheme.pdb_strand_id 
_pdbx_nonpoly_scheme.pdb_ins_code 
B 2 HOH 1   192 133 HOH HOH A . 
B 2 HOH 2   193 134 HOH HOH A . 
B 2 HOH 3   194 135 HOH HOH A . 
B 2 HOH 4   195 136 HOH HOH A . 
B 2 HOH 5   196 137 HOH HOH A . 
B 2 HOH 6   197 138 HOH HOH A . 
B 2 HOH 7   198 139 HOH HOH A . 
B 2 HOH 8   199 140 HOH HOH A . 
B 2 HOH 9   200 141 HOH HOH A . 
B 2 HOH 10  201 142 HOH HOH A . 
B 2 HOH 11  202 143 HOH HOH A . 
B 2 HOH 12  203 144 HOH HOH A . 
B 2 HOH 13  204 145 HOH HOH A . 
B 2 HOH 14  205 146 HOH HOH A . 
B 2 HOH 15  206 147 HOH HOH A . 
B 2 HOH 16  207 148 HOH HOH A . 
B 2 HOH 17  208 149 HOH HOH A . 
B 2 HOH 18  209 150 HOH HOH A . 
B 2 HOH 19  210 151 HOH HOH A . 
B 2 HOH 20  211 152 HOH HOH A . 
B 2 HOH 21  212 153 HOH HOH A . 
B 2 HOH 22  213 154 HOH HOH A . 
B 2 HOH 23  214 155 HOH HOH A . 
B 2 HOH 24  215 156 HOH HOH A . 
B 2 HOH 25  216 157 HOH HOH A . 
B 2 HOH 26  217 158 HOH HOH A . 
B 2 HOH 27  218 159 HOH HOH A . 
B 2 HOH 28  219 160 HOH HOH A . 
B 2 HOH 29  220 161 HOH HOH A . 
B 2 HOH 30  221 162 HOH HOH A . 
B 2 HOH 31  222 163 HOH HOH A . 
B 2 HOH 32  223 164 HOH HOH A . 
B 2 HOH 33  224 165 HOH HOH A . 
B 2 HOH 34  225 166 HOH HOH A . 
B 2 HOH 35  226 167 HOH HOH A . 
B 2 HOH 36  227 168 HOH HOH A . 
B 2 HOH 37  228 169 HOH HOH A . 
B 2 HOH 38  229 170 HOH HOH A . 
B 2 HOH 39  230 171 HOH HOH A . 
B 2 HOH 40  231 172 HOH HOH A . 
B 2 HOH 41  232 173 HOH HOH A . 
B 2 HOH 42  233 174 HOH HOH A . 
B 2 HOH 43  234 175 HOH HOH A . 
B 2 HOH 44  235 176 HOH HOH A . 
B 2 HOH 45  236 177 HOH HOH A . 
B 2 HOH 46  237 178 HOH HOH A . 
B 2 HOH 47  238 179 HOH HOH A . 
B 2 HOH 48  239 180 HOH HOH A . 
B 2 HOH 49  240 181 HOH HOH A . 
B 2 HOH 50  241 182 HOH HOH A . 
B 2 HOH 51  242 183 HOH HOH A . 
B 2 HOH 52  243 184 HOH HOH A . 
B 2 HOH 53  244 185 HOH HOH A . 
B 2 HOH 54  245 186 HOH HOH A . 
B 2 HOH 55  246 187 HOH HOH A . 
B 2 HOH 56  247 188 HOH HOH A . 
B 2 HOH 57  248 189 HOH HOH A . 
B 2 HOH 58  249 190 HOH HOH A . 
B 2 HOH 59  250 191 HOH HOH A . 
B 2 HOH 60  251 192 HOH HOH A . 
B 2 HOH 61  252 193 HOH HOH A . 
B 2 HOH 62  253 194 HOH HOH A . 
B 2 HOH 63  254 195 HOH HOH A . 
B 2 HOH 64  255 196 HOH HOH A . 
B 2 HOH 65  256 197 HOH HOH A . 
B 2 HOH 66  257 198 HOH HOH A . 
B 2 HOH 67  258 199 HOH HOH A . 
B 2 HOH 68  259 200 HOH HOH A . 
B 2 HOH 69  260 201 HOH HOH A . 
B 2 HOH 70  261 202 HOH HOH A . 
B 2 HOH 71  262 203 HOH HOH A . 
B 2 HOH 72  263 204 HOH HOH A . 
B 2 HOH 73  264 205 HOH HOH A . 
B 2 HOH 74  265 206 HOH HOH A . 
B 2 HOH 75  266 207 HOH HOH A . 
B 2 HOH 76  267 208 HOH HOH A . 
B 2 HOH 77  268 209 HOH HOH A . 
B 2 HOH 78  269 210 HOH HOH A . 
B 2 HOH 79  270 211 HOH HOH A . 
B 2 HOH 80  271 212 HOH HOH A . 
B 2 HOH 81  272 213 HOH HOH A . 
B 2 HOH 82  273 214 HOH HOH A . 
B 2 HOH 83  274 216 HOH HOH A . 
B 2 HOH 84  275 217 HOH HOH A . 
B 2 HOH 85  276 218 HOH HOH A . 
B 2 HOH 86  277 219 HOH HOH A . 
B 2 HOH 87  278 220 HOH HOH A . 
B 2 HOH 88  279 221 HOH HOH A . 
B 2 HOH 89  280 222 HOH HOH A . 
B 2 HOH 90  281 223 HOH HOH A . 
B 2 HOH 91  282 224 HOH HOH A . 
B 2 HOH 92  283 225 HOH HOH A . 
B 2 HOH 93  284 226 HOH HOH A . 
B 2 HOH 94  285 227 HOH HOH A . 
B 2 HOH 95  286 228 HOH HOH A . 
B 2 HOH 96  287 229 HOH HOH A . 
B 2 HOH 97  288 230 HOH HOH A . 
B 2 HOH 98  289 231 HOH HOH A . 
B 2 HOH 99  290 233 HOH HOH A . 
B 2 HOH 100 291 234 HOH HOH A . 
B 2 HOH 101 292 235 HOH HOH A . 
B 2 HOH 102 293 236 HOH HOH A . 
B 2 HOH 103 294 237 HOH HOH A . 
B 2 HOH 104 295 238 HOH HOH A . 
B 2 HOH 105 296 239 HOH HOH A . 
B 2 HOH 106 297 240 HOH HOH A . 
B 2 HOH 107 298 241 HOH HOH A . 
B 2 HOH 108 299 242 HOH HOH A . 
B 2 HOH 109 300 243 HOH HOH A . 
B 2 HOH 110 301 244 HOH HOH A . 
B 2 HOH 111 302 245 HOH HOH A . 
B 2 HOH 112 303 246 HOH HOH A . 
B 2 HOH 113 304 247 HOH HOH A . 
B 2 HOH 114 305 248 HOH HOH A . 
B 2 HOH 115 306 249 HOH HOH A . 
B 2 HOH 116 307 250 HOH HOH A . 
B 2 HOH 117 308 251 HOH HOH A . 
B 2 HOH 118 309 254 HOH HOH A . 
B 2 HOH 119 310 256 HOH HOH A . 
B 2 HOH 120 311 258 HOH HOH A . 
B 2 HOH 121 312 260 HOH HOH A . 
B 2 HOH 122 313 262 HOH HOH A . 
B 2 HOH 123 314 263 HOH HOH A . 
B 2 HOH 124 315 264 HOH HOH A . 
B 2 HOH 125 316 267 HOH HOH A . 
B 2 HOH 126 317 268 HOH HOH A . 
B 2 HOH 127 318 270 HOH HOH A . 
B 2 HOH 128 319 271 HOH HOH A . 
B 2 HOH 129 320 272 HOH HOH A . 
B 2 HOH 130 321 273 HOH HOH A . 
B 2 HOH 131 322 274 HOH HOH A . 
B 2 HOH 132 323 275 HOH HOH A . 
B 2 HOH 133 324 276 HOH HOH A . 
B 2 HOH 134 325 277 HOH HOH A . 
B 2 HOH 135 326 278 HOH HOH A . 
B 2 HOH 136 327 279 HOH HOH A . 
B 2 HOH 137 328 280 HOH HOH A . 
B 2 HOH 138 329 281 HOH HOH A . 
B 2 HOH 139 330 282 HOH HOH A . 
B 2 HOH 140 331 283 HOH HOH A . 
B 2 HOH 141 332 284 HOH HOH A . 
B 2 HOH 142 333 285 HOH HOH A . 
B 2 HOH 143 334 287 HOH HOH A . 
B 2 HOH 144 335 290 HOH HOH A . 
B 2 HOH 145 336 291 HOH HOH A . 
B 2 HOH 146 337 292 HOH HOH A . 
B 2 HOH 147 338 293 HOH HOH A . 
B 2 HOH 148 339 294 HOH HOH A . 
B 2 HOH 149 340 295 HOH HOH A . 
B 2 HOH 150 341 297 HOH HOH A . 
B 2 HOH 151 342 298 HOH HOH A . 
B 2 HOH 152 343 299 HOH HOH A . 
B 2 HOH 153 344 301 HOH HOH A . 
B 2 HOH 154 345 302 HOH HOH A . 
B 2 HOH 155 346 304 HOH HOH A . 
B 2 HOH 156 347 305 HOH HOH A . 
B 2 HOH 157 348 306 HOH HOH A . 
B 2 HOH 158 349 307 HOH HOH A . 
B 2 HOH 159 350 308 HOH HOH A . 
B 2 HOH 160 351 309 HOH HOH A . 
B 2 HOH 161 352 310 HOH HOH A . 
B 2 HOH 162 353 313 HOH HOH A . 
B 2 HOH 163 354 314 HOH HOH A . 
B 2 HOH 164 355 315 HOH HOH A . 
B 2 HOH 165 356 316 HOH HOH A . 
B 2 HOH 166 357 317 HOH HOH A . 
B 2 HOH 167 358 318 HOH HOH A . 
B 2 HOH 168 359 321 HOH HOH A . 
B 2 HOH 169 360 322 HOH HOH A . 
B 2 HOH 170 361 324 HOH HOH A . 
B 2 HOH 171 362 325 HOH HOH A . 
B 2 HOH 172 363 326 HOH HOH A . 
B 2 HOH 173 364 327 HOH HOH A . 
B 2 HOH 174 365 330 HOH HOH A . 
B 2 HOH 175 366 333 HOH HOH A . 
B 2 HOH 176 367 334 HOH HOH A . 
B 2 HOH 177 368 335 HOH HOH A . 
B 2 HOH 178 369 336 HOH HOH A . 
B 2 HOH 179 370 337 HOH HOH A . 
B 2 HOH 180 371 339 HOH HOH A . 
B 2 HOH 181 372 341 HOH HOH A . 
B 2 HOH 182 373 342 HOH HOH A . 
B 2 HOH 183 374 344 HOH HOH A . 
B 2 HOH 184 375 349 HOH HOH A . 
B 2 HOH 185 376 360 HOH HOH A . 
B 2 HOH 186 377 362 HOH HOH A . 
B 2 HOH 187 378 363 HOH HOH A . 
B 2 HOH 188 379 364 HOH HOH A . 
B 2 HOH 189 380 365 HOH HOH A . 
B 2 HOH 190 381 368 HOH HOH A . 
B 2 HOH 191 382 369 HOH HOH A . 
B 2 HOH 192 383 372 HOH HOH A . 
B 2 HOH 193 384 398 HOH HOH A . 
B 2 HOH 194 385 395 HOH HOH A . 
B 2 HOH 195 386 400 HOH HOH A . 
B 2 HOH 196 387 401 HOH HOH A . 
B 2 HOH 197 388 402 HOH HOH A . 
B 2 HOH 198 389 404 HOH HOH A . 
B 2 HOH 199 390 405 HOH HOH A . 
B 2 HOH 200 391 406 HOH HOH A . 
B 2 HOH 201 392 408 HOH HOH A . 
# 
loop_
_pdbx_unobs_or_zero_occ_atoms.id 
_pdbx_unobs_or_zero_occ_atoms.PDB_model_num 
_pdbx_unobs_or_zero_occ_atoms.polymer_flag 
_pdbx_unobs_or_zero_occ_atoms.occupancy_flag 
_pdbx_unobs_or_zero_occ_atoms.auth_asym_id 
_pdbx_unobs_or_zero_occ_atoms.auth_comp_id 
_pdbx_unobs_or_zero_occ_atoms.auth_seq_id 
_pdbx_unobs_or_zero_occ_atoms.PDB_ins_code 
_pdbx_unobs_or_zero_occ_atoms.auth_atom_id 
_pdbx_unobs_or_zero_occ_atoms.label_alt_id 
_pdbx_unobs_or_zero_occ_atoms.label_asym_id 
_pdbx_unobs_or_zero_occ_atoms.label_comp_id 
_pdbx_unobs_or_zero_occ_atoms.label_seq_id 
_pdbx_unobs_or_zero_occ_atoms.label_atom_id 
1 1 Y 1 A GLU -1 ? CG  ? A GLU 4 CG  
2 1 Y 1 A GLU -1 ? CD  ? A GLU 4 CD  
3 1 Y 1 A GLU -1 ? OE1 ? A GLU 4 OE1 
4 1 Y 1 A GLU -1 ? OE2 ? A GLU 4 OE2 
# 
loop_
_software.name 
_software.classification 
_software.version 
_software.citation_id 
_software.pdbx_ordinal 
REFMAC refinement 5.1.24 ? 1 
AMoRE  phasing    .      ? 2 
# 
_cell.entry_id           1U53 
_cell.length_a           37.890 
_cell.length_b           51.540 
_cell.length_c           43.630 
_cell.angle_alpha        90.00 
_cell.angle_beta         114.06 
_cell.angle_gamma        90.00 
_cell.Z_PDB              2 
_cell.pdbx_unique_axis   ? 
# 
_symmetry.entry_id                         1U53 
_symmetry.space_group_name_H-M             'P 1 21 1' 
_symmetry.pdbx_full_space_group_name_H-M   ? 
_symmetry.cell_setting                     ? 
_symmetry.Int_Tables_number                4 
_symmetry.space_group_name_Hall            ? 
# 
_exptl.entry_id          1U53 
_exptl.method            'X-RAY DIFFRACTION' 
_exptl.crystals_number   ? 
# 
_exptl_crystal.id                    1 
_exptl_crystal.density_meas          ? 
_exptl_crystal.density_Matthews      1.92 
_exptl_crystal.density_percent_sol   35.49 
_exptl_crystal.description           ? 
_exptl_crystal.F_000                 ? 
_exptl_crystal.preparation           ? 
# 
_exptl_crystal_grow.crystal_id      1 
_exptl_crystal_grow.method          'VAPOR DIFFUSION, SITTING DROP' 
_exptl_crystal_grow.temp            298 
_exptl_crystal_grow.temp_details    ? 
_exptl_crystal_grow.pH              8.5 
_exptl_crystal_grow.pdbx_details    '100mM Imidazole, 40% PEG 400, pH 8.5, VAPOR DIFFUSION, SITTING DROP, temperature 298K' 
_exptl_crystal_grow.pdbx_pH_range   . 
# 
_diffrn.id                     1 
_diffrn.ambient_temp           ? 
_diffrn.ambient_temp_details   ? 
_diffrn.crystal_id             1 
# 
_diffrn_detector.diffrn_id              1 
_diffrn_detector.detector               'IMAGE PLATE' 
_diffrn_detector.type                   'RIGAKU RAXIS IV' 
_diffrn_detector.pdbx_collection_date   2003-12-16 
_diffrn_detector.details                mirrors 
# 
_diffrn_radiation.diffrn_id                        1 
_diffrn_radiation.wavelength_id                    1 
_diffrn_radiation.pdbx_monochromatic_or_laue_m_l   M 
_diffrn_radiation.monochromator                    ? 
_diffrn_radiation.pdbx_diffrn_protocol             'SINGLE WAVELENGTH' 
_diffrn_radiation.pdbx_scattering_type             x-ray 
# 
_diffrn_radiation_wavelength.id           1 
_diffrn_radiation_wavelength.wavelength   1.5418 
_diffrn_radiation_wavelength.wt           1.0 
# 
_diffrn_source.diffrn_id                   1 
_diffrn_source.source                      'ROTATING ANODE' 
_diffrn_source.type                        'RIGAKU FR-E SUPERBRIGHT' 
_diffrn_source.pdbx_synchrotron_site       ? 
_diffrn_source.pdbx_synchrotron_beamline   ? 
_diffrn_source.pdbx_wavelength             1.5418 
_diffrn_source.pdbx_wavelength_list        ? 
# 
_reflns.entry_id                     1U53 
_reflns.observed_criterion_sigma_I   3 
_reflns.observed_criterion_sigma_F   3 
_reflns.d_resolution_low             40 
_reflns.d_resolution_high            1.56 
_reflns.number_obs                   17644 
_reflns.number_all                   ? 
_reflns.percent_possible_obs         80.9 
_reflns.pdbx_Rmerge_I_obs            ? 
_reflns.pdbx_Rsym_value              ? 
_reflns.pdbx_netI_over_sigmaI        27.6 
_reflns.B_iso_Wilson_estimate        ? 
_reflns.pdbx_redundancy              ? 
_reflns.R_free_details               ? 
_reflns.limit_h_max                  ? 
_reflns.limit_h_min                  ? 
_reflns.limit_k_max                  ? 
_reflns.limit_k_min                  ? 
_reflns.limit_l_max                  ? 
_reflns.limit_l_min                  ? 
_reflns.observed_criterion_F_max     ? 
_reflns.observed_criterion_F_min     ? 
_reflns.pdbx_chi_squared             ? 
_reflns.pdbx_scaling_rejects         ? 
_reflns.pdbx_diffrn_id               1 
_reflns.pdbx_ordinal                 1 
# 
_reflns_shell.d_res_high             1.56 
_reflns_shell.d_res_low              1.62 
_reflns_shell.percent_possible_all   10.7 
_reflns_shell.Rmerge_I_obs           0.154 
_reflns_shell.pdbx_Rsym_value        ? 
_reflns_shell.meanI_over_sigI_obs    3.5 
_reflns_shell.pdbx_redundancy        1.74 
_reflns_shell.percent_possible_obs   ? 
_reflns_shell.number_unique_all      ? 
_reflns_shell.number_measured_all    ? 
_reflns_shell.number_measured_obs    ? 
_reflns_shell.number_unique_obs      ? 
_reflns_shell.pdbx_chi_squared       ? 
_reflns_shell.pdbx_diffrn_id         ? 
_reflns_shell.pdbx_ordinal           1 
# 
_refine.entry_id                                 1U53 
_refine.ls_number_reflns_obs                     16702 
_refine.ls_number_reflns_all                     17643 
_refine.pdbx_ls_sigma_I                          ? 
_refine.pdbx_ls_sigma_F                          ? 
_refine.pdbx_data_cutoff_high_absF               ? 
_refine.pdbx_data_cutoff_low_absF                ? 
_refine.pdbx_data_cutoff_high_rms_absF           ? 
_refine.ls_d_res_low                             25.00 
_refine.ls_d_res_high                            1.56 
_refine.ls_percent_reflns_obs                    80.99 
_refine.ls_R_factor_obs                          0.17777 
_refine.ls_R_factor_all                          ? 
_refine.ls_R_factor_R_work                       0.17511 
_refine.ls_R_factor_R_free                       0.22355 
_refine.ls_R_factor_R_free_error                 ? 
_refine.ls_R_factor_R_free_error_details         ? 
_refine.ls_percent_reflns_R_free                 5.3 
_refine.ls_number_reflns_R_free                  938 
_refine.ls_number_parameters                     ? 
_refine.ls_number_restraints                     ? 
_refine.occupancy_min                            ? 
_refine.occupancy_max                            ? 
_refine.correlation_coeff_Fo_to_Fc               0.951 
_refine.correlation_coeff_Fo_to_Fc_free          0.936 
_refine.B_iso_mean                               18.570 
_refine.aniso_B[1][1]                            0.50 
_refine.aniso_B[2][2]                            -0.36 
_refine.aniso_B[3][3]                            -0.39 
_refine.aniso_B[1][2]                            0.00 
_refine.aniso_B[1][3]                            -0.32 
_refine.aniso_B[2][3]                            0.00 
_refine.solvent_model_details                    'BABINET MODEL PARAMETERS FOR MASK CACLULATION' 
_refine.solvent_model_param_ksol                 ? 
_refine.solvent_model_param_bsol                 ? 
_refine.pdbx_solvent_vdw_probe_radii             ? 
_refine.pdbx_solvent_ion_probe_radii             ? 
_refine.pdbx_solvent_shrinkage_radii             ? 
_refine.pdbx_ls_cross_valid_method               THROUGHOUT 
_refine.details                                  ? 
_refine.pdbx_starting_model                      ? 
_refine.pdbx_method_to_determine_struct          'MOLECULAR REPLACEMENT' 
_refine.pdbx_isotropic_thermal_model             ? 
_refine.pdbx_stereochemistry_target_values       'MAXIMUM LIKELIHOOD' 
_refine.pdbx_stereochem_target_val_spec_case     ? 
_refine.pdbx_R_Free_selection_details            RANDOM 
_refine.pdbx_overall_ESU_R                       0.121 
_refine.pdbx_overall_ESU_R_Free                  0.120 
_refine.overall_SU_ML                            0.058 
_refine.overall_SU_B                             1.550 
_refine.ls_redundancy_reflns_obs                 ? 
_refine.B_iso_min                                ? 
_refine.B_iso_max                                ? 
_refine.overall_SU_R_Cruickshank_DPI             ? 
_refine.overall_SU_R_free                        ? 
_refine.ls_wR_factor_R_free                      ? 
_refine.ls_wR_factor_R_work                      ? 
_refine.overall_FOM_free_R_set                   ? 
_refine.overall_FOM_work_R_set                   ? 
_refine.pdbx_refine_id                           'X-RAY DIFFRACTION' 
_refine.pdbx_diffrn_id                           1 
_refine.pdbx_TLS_residual_ADP_flag               ? 
_refine.pdbx_overall_phase_error                 ? 
_refine.pdbx_overall_SU_R_free_Cruickshank_DPI   ? 
_refine.pdbx_overall_SU_R_Blow_DPI               ? 
_refine.pdbx_overall_SU_R_free_Blow_DPI          ? 
# 
_refine_hist.pdbx_refine_id                   'X-RAY DIFFRACTION' 
_refine_hist.cycle_id                         LAST 
_refine_hist.pdbx_number_atoms_protein        1446 
_refine_hist.pdbx_number_atoms_nucleic_acid   0 
_refine_hist.pdbx_number_atoms_ligand         0 
_refine_hist.number_atoms_solvent             201 
_refine_hist.number_atoms_total               1647 
_refine_hist.d_res_high                       1.56 
_refine_hist.d_res_low                        25.00 
# 
loop_
_refine_ls_restr.type 
_refine_ls_restr.dev_ideal 
_refine_ls_restr.dev_ideal_target 
_refine_ls_restr.weight 
_refine_ls_restr.number 
_refine_ls_restr.pdbx_refine_id 
_refine_ls_restr.pdbx_restraint_function 
r_bond_refined_d         0.016  0.022  ? 1475 'X-RAY DIFFRACTION' ? 
r_bond_other_d           ?      ?      ? ?    'X-RAY DIFFRACTION' ? 
r_angle_refined_deg      1.678  1.954  ? 1972 'X-RAY DIFFRACTION' ? 
r_angle_other_deg        ?      ?      ? ?    'X-RAY DIFFRACTION' ? 
r_dihedral_angle_1_deg   11.196 5.000  ? 192  'X-RAY DIFFRACTION' ? 
r_dihedral_angle_2_deg   35.664 26.094 ? 64   'X-RAY DIFFRACTION' ? 
r_dihedral_angle_3_deg   12.973 15.000 ? 273  'X-RAY DIFFRACTION' ? 
r_dihedral_angle_4_deg   23.884 15.000 ? 4    'X-RAY DIFFRACTION' ? 
r_chiral_restr           0.120  0.200  ? 198  'X-RAY DIFFRACTION' ? 
r_gen_planes_refined     0.009  0.020  ? 1112 'X-RAY DIFFRACTION' ? 
r_gen_planes_other       ?      ?      ? ?    'X-RAY DIFFRACTION' ? 
r_nbd_refined            0.261  0.300  ? 717  'X-RAY DIFFRACTION' ? 
r_nbd_other              ?      ?      ? ?    'X-RAY DIFFRACTION' ? 
r_nbtor_refined          0.311  0.500  ? 1022 'X-RAY DIFFRACTION' ? 
r_nbtor_other            ?      ?      ? ?    'X-RAY DIFFRACTION' ? 
r_xyhbond_nbd_refined    0.231  0.500  ? 306  'X-RAY DIFFRACTION' ? 
r_xyhbond_nbd_other      ?      ?      ? ?    'X-RAY DIFFRACTION' ? 
r_metal_ion_refined      ?      ?      ? ?    'X-RAY DIFFRACTION' ? 
r_metal_ion_other        ?      ?      ? ?    'X-RAY DIFFRACTION' ? 
r_symmetry_vdw_refined   0.309  0.300  ? 53   'X-RAY DIFFRACTION' ? 
r_symmetry_vdw_other     ?      ?      ? ?    'X-RAY DIFFRACTION' ? 
r_symmetry_hbond_refined 0.228  0.500  ? 44   'X-RAY DIFFRACTION' ? 
r_symmetry_hbond_other   ?      ?      ? ?    'X-RAY DIFFRACTION' ? 
r_mcbond_it              1.721  2.000  ? 979  'X-RAY DIFFRACTION' ? 
r_mcbond_other           ?      ?      ? ?    'X-RAY DIFFRACTION' ? 
r_mcangle_it             2.332  3.000  ? 1489 'X-RAY DIFFRACTION' ? 
r_scbond_it              2.216  2.000  ? 573  'X-RAY DIFFRACTION' ? 
r_scangle_it             3.225  3.000  ? 483  'X-RAY DIFFRACTION' ? 
r_rigid_bond_restr       ?      ?      ? ?    'X-RAY DIFFRACTION' ? 
r_sphericity_free        ?      ?      ? ?    'X-RAY DIFFRACTION' ? 
r_sphericity_bonded      ?      ?      ? ?    'X-RAY DIFFRACTION' ? 
# 
_refine_ls_shell.pdbx_total_number_of_bins_used   20 
_refine_ls_shell.d_res_high                       1.563 
_refine_ls_shell.d_res_low                        1.604 
_refine_ls_shell.number_reflns_R_work             133 
_refine_ls_shell.R_factor_R_work                  0.279 
_refine_ls_shell.percent_reflns_obs               9.15 
_refine_ls_shell.R_factor_R_free                  0.349 
_refine_ls_shell.R_factor_R_free_error            ? 
_refine_ls_shell.percent_reflns_R_free            ? 
_refine_ls_shell.number_reflns_R_free             11 
_refine_ls_shell.redundancy_reflns_obs            ? 
_refine_ls_shell.number_reflns_all                ? 
_refine_ls_shell.number_reflns_obs                ? 
_refine_ls_shell.pdbx_refine_id                   'X-RAY DIFFRACTION' 
_refine_ls_shell.R_factor_all                     ? 
# 
_struct.entry_id                  1U53 
_struct.title                     
;Novel X-Ray Structure of Na-ASP-2, a PR-1 protein from the nematode parasite Necator americanus and a vaccine antigen for human hookworm infection
;
_struct.pdbx_model_details        ? 
_struct.pdbx_CASP_flag            ? 
_struct.pdbx_model_type_details   ? 
# 
_struct_keywords.entry_id        1U53 
_struct_keywords.pdbx_keywords   ANTIBIOTIC 
_struct_keywords.text            ANTIBIOTIC 
# 
loop_
_struct_asym.id 
_struct_asym.pdbx_blank_PDB_chainid_flag 
_struct_asym.pdbx_modified 
_struct_asym.entity_id 
_struct_asym.details 
A N N 1 ? 
B N N 2 ? 
# 
_struct_ref.id                         1 
_struct_ref.db_name                    UNP 
_struct_ref.db_code                    Q7Z1H1_NECAM 
_struct_ref.pdbx_db_accession          Q7Z1H1 
_struct_ref.entity_id                  1 
_struct_ref.pdbx_seq_one_letter_code   
;AYSKAGCPDNGMSEEARQKFLELHNSLRSSVALGQAKDGAGGNAPKAAKMKTMAYDCEVEKTAMNNAKQCVFKHSQPNQR
KGLGENIFMSSDSGMDKAKAAEQASKAWFGELAEKGVGQNLKLTGGLFSRGVGHYTQMVWQETVKLGCYVEACSNMCYVV
CQYGPAGNMMGKDIYEKGEPCSKCENCDKEKGLCSA
;
_struct_ref.pdbx_align_begin           15 
_struct_ref.pdbx_db_isoform            ? 
# 
_struct_ref_seq.align_id                      1 
_struct_ref_seq.ref_id                        1 
_struct_ref_seq.pdbx_PDB_id_code              1U53 
_struct_ref_seq.pdbx_strand_id                A 
_struct_ref_seq.seq_align_beg                 1 
_struct_ref_seq.pdbx_seq_align_beg_ins_code   ? 
_struct_ref_seq.seq_align_end                 196 
_struct_ref_seq.pdbx_seq_align_end_ins_code   ? 
_struct_ref_seq.pdbx_db_accession             Q7Z1H1 
_struct_ref_seq.db_align_beg                  15 
_struct_ref_seq.pdbx_db_align_beg_ins_code    ? 
_struct_ref_seq.db_align_end                  210 
_struct_ref_seq.pdbx_db_align_end_ins_code    ? 
_struct_ref_seq.pdbx_auth_seq_align_beg       -4 
_struct_ref_seq.pdbx_auth_seq_align_end       191 
# 
loop_
_struct_ref_seq_dif.align_id 
_struct_ref_seq_dif.pdbx_pdb_id_code 
_struct_ref_seq_dif.mon_id 
_struct_ref_seq_dif.pdbx_pdb_strand_id 
_struct_ref_seq_dif.seq_num 
_struct_ref_seq_dif.pdbx_pdb_ins_code 
_struct_ref_seq_dif.pdbx_seq_db_name 
_struct_ref_seq_dif.pdbx_seq_db_accession_code 
_struct_ref_seq_dif.db_mon_id 
_struct_ref_seq_dif.pdbx_seq_db_seq_num 
_struct_ref_seq_dif.details 
_struct_ref_seq_dif.pdbx_auth_seq_num 
_struct_ref_seq_dif.pdbx_ordinal 
1 1U53 GLU A 2  ? UNP Q7Z1H1 TYR 16 'cloning artifact' -3 1 
1 1U53 ALA A 3  ? UNP Q7Z1H1 SER 17 'cloning artifact' -2 2 
1 1U53 GLU A 4  ? UNP Q7Z1H1 LYS 18 'cloning artifact' -1 3 
1 1U53 PHE A 5  ? UNP Q7Z1H1 ALA 19 'cloning artifact' 0  4 
1 1U53 MET A 23 ? UNP Q7Z1H1 LEU 37 'see remark 999'   18 5 
# 
_pdbx_struct_assembly.id                   1 
_pdbx_struct_assembly.details              author_defined_assembly 
_pdbx_struct_assembly.method_details       ? 
_pdbx_struct_assembly.oligomeric_details   monomeric 
_pdbx_struct_assembly.oligomeric_count     1 
# 
_pdbx_struct_assembly_gen.assembly_id       1 
_pdbx_struct_assembly_gen.oper_expression   1 
_pdbx_struct_assembly_gen.asym_id_list      A,B 
# 
_pdbx_struct_oper_list.id                   1 
_pdbx_struct_oper_list.type                 'identity operation' 
_pdbx_struct_oper_list.name                 1_555 
_pdbx_struct_oper_list.symmetry_operation   x,y,z 
_pdbx_struct_oper_list.matrix[1][1]         1.0000000000 
_pdbx_struct_oper_list.matrix[1][2]         0.0000000000 
_pdbx_struct_oper_list.matrix[1][3]         0.0000000000 
_pdbx_struct_oper_list.vector[1]            0.0000000000 
_pdbx_struct_oper_list.matrix[2][1]         0.0000000000 
_pdbx_struct_oper_list.matrix[2][2]         1.0000000000 
_pdbx_struct_oper_list.matrix[2][3]         0.0000000000 
_pdbx_struct_oper_list.vector[2]            0.0000000000 
_pdbx_struct_oper_list.matrix[3][1]         0.0000000000 
_pdbx_struct_oper_list.matrix[3][2]         0.0000000000 
_pdbx_struct_oper_list.matrix[3][3]         1.0000000000 
_pdbx_struct_oper_list.vector[3]            0.0000000000 
# 
_struct_biol.id                    1 
_struct_biol.pdbx_parent_biol_id   ? 
_struct_biol.details               ? 
# 
loop_
_struct_conf.conf_type_id 
_struct_conf.id 
_struct_conf.pdbx_PDB_helix_id 
_struct_conf.beg_label_comp_id 
_struct_conf.beg_label_asym_id 
_struct_conf.beg_label_seq_id 
_struct_conf.pdbx_beg_PDB_ins_code 
_struct_conf.end_label_comp_id 
_struct_conf.end_label_asym_id 
_struct_conf.end_label_seq_id 
_struct_conf.pdbx_end_PDB_ins_code 
_struct_conf.beg_auth_comp_id 
_struct_conf.beg_auth_asym_id 
_struct_conf.beg_auth_seq_id 
_struct_conf.end_auth_comp_id 
_struct_conf.end_auth_asym_id 
_struct_conf.end_auth_seq_id 
_struct_conf.pdbx_PDB_helix_class 
_struct_conf.details 
_struct_conf.pdbx_PDB_helix_length 
HELX_P HELX_P1 1 SER A 13  ? LEU A 33  ? SER A 8   LEU A 28  1 ? 21 
HELX_P HELX_P2 2 ASP A 56  ? LYS A 68  ? ASP A 51  LYS A 63  1 ? 13 
HELX_P HELX_P3 3 GLN A 76  ? ARG A 80  ? GLN A 71  ARG A 75  5 ? 5  
HELX_P HELX_P4 4 ASP A 96  ? GLY A 110 ? ASP A 91  GLY A 105 1 ? 15 
HELX_P HELX_P5 5 GLY A 110 ? GLY A 116 ? GLY A 105 GLY A 111 1 ? 7  
HELX_P HELX_P6 6 THR A 124 ? SER A 129 ? THR A 119 SER A 124 1 ? 6  
HELX_P HELX_P7 7 VAL A 132 ? VAL A 139 ? VAL A 127 VAL A 134 1 ? 8  
# 
_struct_conf_type.id          HELX_P 
_struct_conf_type.criteria    ? 
_struct_conf_type.reference   ? 
# 
loop_
_struct_conn.id 
_struct_conn.conn_type_id 
_struct_conn.pdbx_leaving_atom_flag 
_struct_conn.pdbx_PDB_id 
_struct_conn.ptnr1_label_asym_id 
_struct_conn.ptnr1_label_comp_id 
_struct_conn.ptnr1_label_seq_id 
_struct_conn.ptnr1_label_atom_id 
_struct_conn.pdbx_ptnr1_label_alt_id 
_struct_conn.pdbx_ptnr1_PDB_ins_code 
_struct_conn.pdbx_ptnr1_standard_comp_id 
_struct_conn.ptnr1_symmetry 
_struct_conn.ptnr2_label_asym_id 
_struct_conn.ptnr2_label_comp_id 
_struct_conn.ptnr2_label_seq_id 
_struct_conn.ptnr2_label_atom_id 
_struct_conn.pdbx_ptnr2_label_alt_id 
_struct_conn.pdbx_ptnr2_PDB_ins_code 
_struct_conn.ptnr1_auth_asym_id 
_struct_conn.ptnr1_auth_comp_id 
_struct_conn.ptnr1_auth_seq_id 
_struct_conn.ptnr2_auth_asym_id 
_struct_conn.ptnr2_auth_comp_id 
_struct_conn.ptnr2_auth_seq_id 
_struct_conn.ptnr2_symmetry 
_struct_conn.pdbx_ptnr3_label_atom_id 
_struct_conn.pdbx_ptnr3_label_seq_id 
_struct_conn.pdbx_ptnr3_label_comp_id 
_struct_conn.pdbx_ptnr3_label_asym_id 
_struct_conn.pdbx_ptnr3_label_alt_id 
_struct_conn.pdbx_ptnr3_PDB_ins_code 
_struct_conn.details 
_struct_conn.pdbx_dist_value 
_struct_conn.pdbx_value_order 
_struct_conn.pdbx_role 
disulf1 disulf ? ? A CYS 7   SG ? ? ? 1_555 A CYS 57  SG ? ? A CYS 2   A CYS 52  1_555 ? ? ? ? ? ? ? 2.012 ? ? 
disulf2 disulf ? ? A CYS 70  SG ? ? ? 1_555 A CYS 153 SG ? ? A CYS 65  A CYS 148 1_555 ? ? ? ? ? ? ? 2.069 ? ? 
disulf3 disulf ? ? A CYS 148 SG ? ? ? 1_555 A CYS 161 SG ? ? A CYS 143 A CYS 156 1_555 ? ? ? ? ? ? ? 2.089 ? ? 
disulf4 disulf ? ? A CYS 181 SG ? ? ? 1_555 A CYS 187 SG ? ? A CYS 176 A CYS 182 1_555 ? ? ? ? ? ? ? 2.030 ? ? 
disulf5 disulf ? ? A CYS 184 SG ? ? ? 1_555 A CYS 194 SG ? ? A CYS 179 A CYS 189 1_555 ? ? ? ? ? ? ? 2.050 ? ? 
# 
_struct_conn_type.id          disulf 
_struct_conn_type.criteria    ? 
_struct_conn_type.reference   ? 
# 
loop_
_pdbx_modification_feature.ordinal 
_pdbx_modification_feature.label_comp_id 
_pdbx_modification_feature.label_asym_id 
_pdbx_modification_feature.label_seq_id 
_pdbx_modification_feature.label_alt_id 
_pdbx_modification_feature.modified_residue_label_comp_id 
_pdbx_modification_feature.modified_residue_label_asym_id 
_pdbx_modification_feature.modified_residue_label_seq_id 
_pdbx_modification_feature.modified_residue_label_alt_id 
_pdbx_modification_feature.auth_comp_id 
_pdbx_modification_feature.auth_asym_id 
_pdbx_modification_feature.auth_seq_id 
_pdbx_modification_feature.PDB_ins_code 
_pdbx_modification_feature.symmetry 
_pdbx_modification_feature.modified_residue_auth_comp_id 
_pdbx_modification_feature.modified_residue_auth_asym_id 
_pdbx_modification_feature.modified_residue_auth_seq_id 
_pdbx_modification_feature.modified_residue_PDB_ins_code 
_pdbx_modification_feature.modified_residue_symmetry 
_pdbx_modification_feature.comp_id_linking_atom 
_pdbx_modification_feature.modified_residue_id_linking_atom 
_pdbx_modification_feature.modified_residue_id 
_pdbx_modification_feature.ref_pcm_id 
_pdbx_modification_feature.ref_comp_id 
_pdbx_modification_feature.type 
_pdbx_modification_feature.category 
1 CYS A 7   ? CYS A 57  ? CYS A 2   ? 1_555 CYS A 52  ? 1_555 SG SG . . . None 'Disulfide bridge' 
2 CYS A 70  ? CYS A 153 ? CYS A 65  ? 1_555 CYS A 148 ? 1_555 SG SG . . . None 'Disulfide bridge' 
3 CYS A 148 ? CYS A 161 ? CYS A 143 ? 1_555 CYS A 156 ? 1_555 SG SG . . . None 'Disulfide bridge' 
4 CYS A 181 ? CYS A 187 ? CYS A 176 ? 1_555 CYS A 182 ? 1_555 SG SG . . . None 'Disulfide bridge' 
5 CYS A 184 ? CYS A 194 ? CYS A 179 ? 1_555 CYS A 189 ? 1_555 SG SG . . . None 'Disulfide bridge' 
# 
loop_
_struct_sheet.id 
_struct_sheet.type 
_struct_sheet.number_strands 
_struct_sheet.details 
A ? 4 ? 
B ? 2 ? 
# 
loop_
_struct_sheet_order.sheet_id 
_struct_sheet_order.range_id_1 
_struct_sheet_order.range_id_2 
_struct_sheet_order.offset 
_struct_sheet_order.sense 
A 1 2 ? parallel      
A 2 3 ? anti-parallel 
A 3 4 ? anti-parallel 
B 1 2 ? anti-parallel 
# 
loop_
_struct_sheet_range.sheet_id 
_struct_sheet_range.id 
_struct_sheet_range.beg_label_comp_id 
_struct_sheet_range.beg_label_asym_id 
_struct_sheet_range.beg_label_seq_id 
_struct_sheet_range.pdbx_beg_PDB_ins_code 
_struct_sheet_range.end_label_comp_id 
_struct_sheet_range.end_label_asym_id 
_struct_sheet_range.end_label_seq_id 
_struct_sheet_range.pdbx_end_PDB_ins_code 
_struct_sheet_range.beg_auth_comp_id 
_struct_sheet_range.beg_auth_asym_id 
_struct_sheet_range.beg_auth_seq_id 
_struct_sheet_range.end_auth_comp_id 
_struct_sheet_range.end_auth_asym_id 
_struct_sheet_range.end_auth_seq_id 
A 1 ALA A 54  ? TYR A 55  ? ALA A 49  TYR A 50  
A 2 LYS A 145 ? ALA A 152 ? LYS A 140 ALA A 147 
A 3 CYS A 157 ? GLY A 164 ? CYS A 152 GLY A 159 
A 4 GLY A 84  ? SER A 90  ? GLY A 79  SER A 85  
B 1 ASN A 186 ? ASP A 188 ? ASN A 181 ASP A 183 
B 2 LEU A 193 ? ALA A 196 ? LEU A 188 ALA A 191 
# 
loop_
_pdbx_struct_sheet_hbond.sheet_id 
_pdbx_struct_sheet_hbond.range_id_1 
_pdbx_struct_sheet_hbond.range_id_2 
_pdbx_struct_sheet_hbond.range_1_label_atom_id 
_pdbx_struct_sheet_hbond.range_1_label_comp_id 
_pdbx_struct_sheet_hbond.range_1_label_asym_id 
_pdbx_struct_sheet_hbond.range_1_label_seq_id 
_pdbx_struct_sheet_hbond.range_1_PDB_ins_code 
_pdbx_struct_sheet_hbond.range_1_auth_atom_id 
_pdbx_struct_sheet_hbond.range_1_auth_comp_id 
_pdbx_struct_sheet_hbond.range_1_auth_asym_id 
_pdbx_struct_sheet_hbond.range_1_auth_seq_id 
_pdbx_struct_sheet_hbond.range_2_label_atom_id 
_pdbx_struct_sheet_hbond.range_2_label_comp_id 
_pdbx_struct_sheet_hbond.range_2_label_asym_id 
_pdbx_struct_sheet_hbond.range_2_label_seq_id 
_pdbx_struct_sheet_hbond.range_2_PDB_ins_code 
_pdbx_struct_sheet_hbond.range_2_auth_atom_id 
_pdbx_struct_sheet_hbond.range_2_auth_comp_id 
_pdbx_struct_sheet_hbond.range_2_auth_asym_id 
_pdbx_struct_sheet_hbond.range_2_auth_seq_id 
A 1 2 N ALA A 54  ? N ALA A 49  O LEU A 146 ? O LEU A 141 
A 2 3 N GLY A 147 ? N GLY A 142 O GLN A 162 ? O GLN A 157 
A 3 4 O TYR A 163 ? O TYR A 158 N GLY A 84  ? N GLY A 79  
B 1 2 N ASP A 188 ? N ASP A 183 O LEU A 193 ? O LEU A 188 
# 
_pdbx_entry_details.entry_id                   1U53 
_pdbx_entry_details.compound_details           ? 
_pdbx_entry_details.source_details             ? 
_pdbx_entry_details.nonpolymer_details         ? 
_pdbx_entry_details.sequence_details           ? 
_pdbx_entry_details.has_ligand_of_interest     ? 
_pdbx_entry_details.has_protein_modification   Y 
# 
_pdbx_validate_close_contact.id               1 
_pdbx_validate_close_contact.PDB_model_num    1 
_pdbx_validate_close_contact.auth_atom_id_1   SG 
_pdbx_validate_close_contact.auth_asym_id_1   A 
_pdbx_validate_close_contact.auth_comp_id_1   CYS 
_pdbx_validate_close_contact.auth_seq_id_1    189 
_pdbx_validate_close_contact.PDB_ins_code_1   ? 
_pdbx_validate_close_contact.label_alt_id_1   ? 
_pdbx_validate_close_contact.auth_atom_id_2   O 
_pdbx_validate_close_contact.auth_asym_id_2   A 
_pdbx_validate_close_contact.auth_comp_id_2   ALA 
_pdbx_validate_close_contact.auth_seq_id_2    191 
_pdbx_validate_close_contact.PDB_ins_code_2   ? 
_pdbx_validate_close_contact.label_alt_id_2   ? 
_pdbx_validate_close_contact.dist             1.59 
# 
_pdbx_validate_symm_contact.id                1 
_pdbx_validate_symm_contact.PDB_model_num     1 
_pdbx_validate_symm_contact.auth_atom_id_1    O 
_pdbx_validate_symm_contact.auth_asym_id_1    A 
_pdbx_validate_symm_contact.auth_comp_id_1    HOH 
_pdbx_validate_symm_contact.auth_seq_id_1     368 
_pdbx_validate_symm_contact.PDB_ins_code_1    ? 
_pdbx_validate_symm_contact.label_alt_id_1    ? 
_pdbx_validate_symm_contact.site_symmetry_1   1_555 
_pdbx_validate_symm_contact.auth_atom_id_2    O 
_pdbx_validate_symm_contact.auth_asym_id_2    A 
_pdbx_validate_symm_contact.auth_comp_id_2    HOH 
_pdbx_validate_symm_contact.auth_seq_id_2     369 
_pdbx_validate_symm_contact.PDB_ins_code_2    ? 
_pdbx_validate_symm_contact.label_alt_id_2    ? 
_pdbx_validate_symm_contact.site_symmetry_2   1_655 
_pdbx_validate_symm_contact.dist              2.11 
# 
_pdbx_validate_rmsd_angle.id                         1 
_pdbx_validate_rmsd_angle.PDB_model_num              1 
_pdbx_validate_rmsd_angle.auth_atom_id_1             CG 
_pdbx_validate_rmsd_angle.auth_asym_id_1             A 
_pdbx_validate_rmsd_angle.auth_comp_id_1             MET 
_pdbx_validate_rmsd_angle.auth_seq_id_1              18 
_pdbx_validate_rmsd_angle.PDB_ins_code_1             ? 
_pdbx_validate_rmsd_angle.label_alt_id_1             ? 
_pdbx_validate_rmsd_angle.auth_atom_id_2             SD 
_pdbx_validate_rmsd_angle.auth_asym_id_2             A 
_pdbx_validate_rmsd_angle.auth_comp_id_2             MET 
_pdbx_validate_rmsd_angle.auth_seq_id_2              18 
_pdbx_validate_rmsd_angle.PDB_ins_code_2             ? 
_pdbx_validate_rmsd_angle.label_alt_id_2             ? 
_pdbx_validate_rmsd_angle.auth_atom_id_3             CE 
_pdbx_validate_rmsd_angle.auth_asym_id_3             A 
_pdbx_validate_rmsd_angle.auth_comp_id_3             MET 
_pdbx_validate_rmsd_angle.auth_seq_id_3              18 
_pdbx_validate_rmsd_angle.PDB_ins_code_3             ? 
_pdbx_validate_rmsd_angle.label_alt_id_3             ? 
_pdbx_validate_rmsd_angle.angle_value                115.94 
_pdbx_validate_rmsd_angle.angle_target_value         100.20 
_pdbx_validate_rmsd_angle.angle_deviation            15.74 
_pdbx_validate_rmsd_angle.angle_standard_deviation   1.60 
_pdbx_validate_rmsd_angle.linker_flag                N 
# 
loop_
_pdbx_validate_torsion.id 
_pdbx_validate_torsion.PDB_model_num 
_pdbx_validate_torsion.auth_comp_id 
_pdbx_validate_torsion.auth_asym_id 
_pdbx_validate_torsion.auth_seq_id 
_pdbx_validate_torsion.PDB_ins_code 
_pdbx_validate_torsion.label_alt_id 
_pdbx_validate_torsion.phi 
_pdbx_validate_torsion.psi 
1 1 LYS A 44  ? ? -158.10 52.51  
2 1 ARG A 75  ? ? -154.42 59.08  
3 1 PRO A 160 ? ? -40.03  155.93 
# 
_pdbx_validate_peptide_omega.id               1 
_pdbx_validate_peptide_omega.PDB_model_num    1 
_pdbx_validate_peptide_omega.auth_comp_id_1   GLY 
_pdbx_validate_peptide_omega.auth_asym_id_1   A 
_pdbx_validate_peptide_omega.auth_seq_id_1    159 
_pdbx_validate_peptide_omega.PDB_ins_code_1   ? 
_pdbx_validate_peptide_omega.label_alt_id_1   ? 
_pdbx_validate_peptide_omega.auth_comp_id_2   PRO 
_pdbx_validate_peptide_omega.auth_asym_id_2   A 
_pdbx_validate_peptide_omega.auth_seq_id_2    160 
_pdbx_validate_peptide_omega.PDB_ins_code_2   ? 
_pdbx_validate_peptide_omega.label_alt_id_2   ? 
_pdbx_validate_peptide_omega.omega            -47.15 
# 
_pdbx_validate_main_chain_plane.id                       1 
_pdbx_validate_main_chain_plane.PDB_model_num            1 
_pdbx_validate_main_chain_plane.auth_comp_id             GLY 
_pdbx_validate_main_chain_plane.auth_asym_id             A 
_pdbx_validate_main_chain_plane.auth_seq_id              159 
_pdbx_validate_main_chain_plane.PDB_ins_code             ? 
_pdbx_validate_main_chain_plane.label_alt_id             ? 
_pdbx_validate_main_chain_plane.improper_torsion_angle   -12.63 
# 
_pdbx_database_remark.id     999 
_pdbx_database_remark.text   
;SEQUENCE
Author states that this is a polymorph, of all the Na-ASPs cloned and
sequenced approxiamtely 50% have a Leu in that site while the others have a
Met.
;
# 
loop_
_pdbx_unobs_or_zero_occ_residues.id 
_pdbx_unobs_or_zero_occ_residues.PDB_model_num 
_pdbx_unobs_or_zero_occ_residues.polymer_flag 
_pdbx_unobs_or_zero_occ_residues.occupancy_flag 
_pdbx_unobs_or_zero_occ_residues.auth_asym_id 
_pdbx_unobs_or_zero_occ_residues.auth_comp_id 
_pdbx_unobs_or_zero_occ_residues.auth_seq_id 
_pdbx_unobs_or_zero_occ_residues.PDB_ins_code 
_pdbx_unobs_or_zero_occ_residues.label_asym_id 
_pdbx_unobs_or_zero_occ_residues.label_comp_id 
_pdbx_unobs_or_zero_occ_residues.label_seq_id 
1 1 Y 1 A ALA -4 ? A ALA 1 
2 1 Y 1 A GLU -3 ? A GLU 2 
3 1 Y 1 A ALA -2 ? A ALA 3 
# 
loop_
_chem_comp_atom.comp_id 
_chem_comp_atom.atom_id 
_chem_comp_atom.type_symbol 
_chem_comp_atom.pdbx_aromatic_flag 
_chem_comp_atom.pdbx_stereo_config 
_chem_comp_atom.pdbx_ordinal 
ALA N    N N N 1   
ALA CA   C N S 2   
ALA C    C N N 3   
ALA O    O N N 4   
ALA CB   C N N 5   
ALA OXT  O N N 6   
ALA H    H N N 7   
ALA H2   H N N 8   
ALA HA   H N N 9   
ALA HB1  H N N 10  
ALA HB2  H N N 11  
ALA HB3  H N N 12  
ALA HXT  H N N 13  
ARG N    N N N 14  
ARG CA   C N S 15  
ARG C    C N N 16  
ARG O    O N N 17  
ARG CB   C N N 18  
ARG CG   C N N 19  
ARG CD   C N N 20  
ARG NE   N N N 21  
ARG CZ   C N N 22  
ARG NH1  N N N 23  
ARG NH2  N N N 24  
ARG OXT  O N N 25  
ARG H    H N N 26  
ARG H2   H N N 27  
ARG HA   H N N 28  
ARG HB2  H N N 29  
ARG HB3  H N N 30  
ARG HG2  H N N 31  
ARG HG3  H N N 32  
ARG HD2  H N N 33  
ARG HD3  H N N 34  
ARG HE   H N N 35  
ARG HH11 H N N 36  
ARG HH12 H N N 37  
ARG HH21 H N N 38  
ARG HH22 H N N 39  
ARG HXT  H N N 40  
ASN N    N N N 41  
ASN CA   C N S 42  
ASN C    C N N 43  
ASN O    O N N 44  
ASN CB   C N N 45  
ASN CG   C N N 46  
ASN OD1  O N N 47  
ASN ND2  N N N 48  
ASN OXT  O N N 49  
ASN H    H N N 50  
ASN H2   H N N 51  
ASN HA   H N N 52  
ASN HB2  H N N 53  
ASN HB3  H N N 54  
ASN HD21 H N N 55  
ASN HD22 H N N 56  
ASN HXT  H N N 57  
ASP N    N N N 58  
ASP CA   C N S 59  
ASP C    C N N 60  
ASP O    O N N 61  
ASP CB   C N N 62  
ASP CG   C N N 63  
ASP OD1  O N N 64  
ASP OD2  O N N 65  
ASP OXT  O N N 66  
ASP H    H N N 67  
ASP H2   H N N 68  
ASP HA   H N N 69  
ASP HB2  H N N 70  
ASP HB3  H N N 71  
ASP HD2  H N N 72  
ASP HXT  H N N 73  
CYS N    N N N 74  
CYS CA   C N R 75  
CYS C    C N N 76  
CYS O    O N N 77  
CYS CB   C N N 78  
CYS SG   S N N 79  
CYS OXT  O N N 80  
CYS H    H N N 81  
CYS H2   H N N 82  
CYS HA   H N N 83  
CYS HB2  H N N 84  
CYS HB3  H N N 85  
CYS HG   H N N 86  
CYS HXT  H N N 87  
GLN N    N N N 88  
GLN CA   C N S 89  
GLN C    C N N 90  
GLN O    O N N 91  
GLN CB   C N N 92  
GLN CG   C N N 93  
GLN CD   C N N 94  
GLN OE1  O N N 95  
GLN NE2  N N N 96  
GLN OXT  O N N 97  
GLN H    H N N 98  
GLN H2   H N N 99  
GLN HA   H N N 100 
GLN HB2  H N N 101 
GLN HB3  H N N 102 
GLN HG2  H N N 103 
GLN HG3  H N N 104 
GLN HE21 H N N 105 
GLN HE22 H N N 106 
GLN HXT  H N N 107 
GLU N    N N N 108 
GLU CA   C N S 109 
GLU C    C N N 110 
GLU O    O N N 111 
GLU CB   C N N 112 
GLU CG   C N N 113 
GLU CD   C N N 114 
GLU OE1  O N N 115 
GLU OE2  O N N 116 
GLU OXT  O N N 117 
GLU H    H N N 118 
GLU H2   H N N 119 
GLU HA   H N N 120 
GLU HB2  H N N 121 
GLU HB3  H N N 122 
GLU HG2  H N N 123 
GLU HG3  H N N 124 
GLU HE2  H N N 125 
GLU HXT  H N N 126 
GLY N    N N N 127 
GLY CA   C N N 128 
GLY C    C N N 129 
GLY O    O N N 130 
GLY OXT  O N N 131 
GLY H    H N N 132 
GLY H2   H N N 133 
GLY HA2  H N N 134 
GLY HA3  H N N 135 
GLY HXT  H N N 136 
HIS N    N N N 137 
HIS CA   C N S 138 
HIS C    C N N 139 
HIS O    O N N 140 
HIS CB   C N N 141 
HIS CG   C Y N 142 
HIS ND1  N Y N 143 
HIS CD2  C Y N 144 
HIS CE1  C Y N 145 
HIS NE2  N Y N 146 
HIS OXT  O N N 147 
HIS H    H N N 148 
HIS H2   H N N 149 
HIS HA   H N N 150 
HIS HB2  H N N 151 
HIS HB3  H N N 152 
HIS HD1  H N N 153 
HIS HD2  H N N 154 
HIS HE1  H N N 155 
HIS HE2  H N N 156 
HIS HXT  H N N 157 
HOH O    O N N 158 
HOH H1   H N N 159 
HOH H2   H N N 160 
ILE N    N N N 161 
ILE CA   C N S 162 
ILE C    C N N 163 
ILE O    O N N 164 
ILE CB   C N S 165 
ILE CG1  C N N 166 
ILE CG2  C N N 167 
ILE CD1  C N N 168 
ILE OXT  O N N 169 
ILE H    H N N 170 
ILE H2   H N N 171 
ILE HA   H N N 172 
ILE HB   H N N 173 
ILE HG12 H N N 174 
ILE HG13 H N N 175 
ILE HG21 H N N 176 
ILE HG22 H N N 177 
ILE HG23 H N N 178 
ILE HD11 H N N 179 
ILE HD12 H N N 180 
ILE HD13 H N N 181 
ILE HXT  H N N 182 
LEU N    N N N 183 
LEU CA   C N S 184 
LEU C    C N N 185 
LEU O    O N N 186 
LEU CB   C N N 187 
LEU CG   C N N 188 
LEU CD1  C N N 189 
LEU CD2  C N N 190 
LEU OXT  O N N 191 
LEU H    H N N 192 
LEU H2   H N N 193 
LEU HA   H N N 194 
LEU HB2  H N N 195 
LEU HB3  H N N 196 
LEU HG   H N N 197 
LEU HD11 H N N 198 
LEU HD12 H N N 199 
LEU HD13 H N N 200 
LEU HD21 H N N 201 
LEU HD22 H N N 202 
LEU HD23 H N N 203 
LEU HXT  H N N 204 
LYS N    N N N 205 
LYS CA   C N S 206 
LYS C    C N N 207 
LYS O    O N N 208 
LYS CB   C N N 209 
LYS CG   C N N 210 
LYS CD   C N N 211 
LYS CE   C N N 212 
LYS NZ   N N N 213 
LYS OXT  O N N 214 
LYS H    H N N 215 
LYS H2   H N N 216 
LYS HA   H N N 217 
LYS HB2  H N N 218 
LYS HB3  H N N 219 
LYS HG2  H N N 220 
LYS HG3  H N N 221 
LYS HD2  H N N 222 
LYS HD3  H N N 223 
LYS HE2  H N N 224 
LYS HE3  H N N 225 
LYS HZ1  H N N 226 
LYS HZ2  H N N 227 
LYS HZ3  H N N 228 
LYS HXT  H N N 229 
MET N    N N N 230 
MET CA   C N S 231 
MET C    C N N 232 
MET O    O N N 233 
MET CB   C N N 234 
MET CG   C N N 235 
MET SD   S N N 236 
MET CE   C N N 237 
MET OXT  O N N 238 
MET H    H N N 239 
MET H2   H N N 240 
MET HA   H N N 241 
MET HB2  H N N 242 
MET HB3  H N N 243 
MET HG2  H N N 244 
MET HG3  H N N 245 
MET HE1  H N N 246 
MET HE2  H N N 247 
MET HE3  H N N 248 
MET HXT  H N N 249 
PHE N    N N N 250 
PHE CA   C N S 251 
PHE C    C N N 252 
PHE O    O N N 253 
PHE CB   C N N 254 
PHE CG   C Y N 255 
PHE CD1  C Y N 256 
PHE CD2  C Y N 257 
PHE CE1  C Y N 258 
PHE CE2  C Y N 259 
PHE CZ   C Y N 260 
PHE OXT  O N N 261 
PHE H    H N N 262 
PHE H2   H N N 263 
PHE HA   H N N 264 
PHE HB2  H N N 265 
PHE HB3  H N N 266 
PHE HD1  H N N 267 
PHE HD2  H N N 268 
PHE HE1  H N N 269 
PHE HE2  H N N 270 
PHE HZ   H N N 271 
PHE HXT  H N N 272 
PRO N    N N N 273 
PRO CA   C N S 274 
PRO C    C N N 275 
PRO O    O N N 276 
PRO CB   C N N 277 
PRO CG   C N N 278 
PRO CD   C N N 279 
PRO OXT  O N N 280 
PRO H    H N N 281 
PRO HA   H N N 282 
PRO HB2  H N N 283 
PRO HB3  H N N 284 
PRO HG2  H N N 285 
PRO HG3  H N N 286 
PRO HD2  H N N 287 
PRO HD3  H N N 288 
PRO HXT  H N N 289 
SER N    N N N 290 
SER CA   C N S 291 
SER C    C N N 292 
SER O    O N N 293 
SER CB   C N N 294 
SER OG   O N N 295 
SER OXT  O N N 296 
SER H    H N N 297 
SER H2   H N N 298 
SER HA   H N N 299 
SER HB2  H N N 300 
SER HB3  H N N 301 
SER HG   H N N 302 
SER HXT  H N N 303 
THR N    N N N 304 
THR CA   C N S 305 
THR C    C N N 306 
THR O    O N N 307 
THR CB   C N R 308 
THR OG1  O N N 309 
THR CG2  C N N 310 
THR OXT  O N N 311 
THR H    H N N 312 
THR H2   H N N 313 
THR HA   H N N 314 
THR HB   H N N 315 
THR HG1  H N N 316 
THR HG21 H N N 317 
THR HG22 H N N 318 
THR HG23 H N N 319 
THR HXT  H N N 320 
TRP N    N N N 321 
TRP CA   C N S 322 
TRP C    C N N 323 
TRP O    O N N 324 
TRP CB   C N N 325 
TRP CG   C Y N 326 
TRP CD1  C Y N 327 
TRP CD2  C Y N 328 
TRP NE1  N Y N 329 
TRP CE2  C Y N 330 
TRP CE3  C Y N 331 
TRP CZ2  C Y N 332 
TRP CZ3  C Y N 333 
TRP CH2  C Y N 334 
TRP OXT  O N N 335 
TRP H    H N N 336 
TRP H2   H N N 337 
TRP HA   H N N 338 
TRP HB2  H N N 339 
TRP HB3  H N N 340 
TRP HD1  H N N 341 
TRP HE1  H N N 342 
TRP HE3  H N N 343 
TRP HZ2  H N N 344 
TRP HZ3  H N N 345 
TRP HH2  H N N 346 
TRP HXT  H N N 347 
TYR N    N N N 348 
TYR CA   C N S 349 
TYR C    C N N 350 
TYR O    O N N 351 
TYR CB   C N N 352 
TYR CG   C Y N 353 
TYR CD1  C Y N 354 
TYR CD2  C Y N 355 
TYR CE1  C Y N 356 
TYR CE2  C Y N 357 
TYR CZ   C Y N 358 
TYR OH   O N N 359 
TYR OXT  O N N 360 
TYR H    H N N 361 
TYR H2   H N N 362 
TYR HA   H N N 363 
TYR HB2  H N N 364 
TYR HB3  H N N 365 
TYR HD1  H N N 366 
TYR HD2  H N N 367 
TYR HE1  H N N 368 
TYR HE2  H N N 369 
TYR HH   H N N 370 
TYR HXT  H N N 371 
VAL N    N N N 372 
VAL CA   C N S 373 
VAL C    C N N 374 
VAL O    O N N 375 
VAL CB   C N N 376 
VAL CG1  C N N 377 
VAL CG2  C N N 378 
VAL OXT  O N N 379 
VAL H    H N N 380 
VAL H2   H N N 381 
VAL HA   H N N 382 
VAL HB   H N N 383 
VAL HG11 H N N 384 
VAL HG12 H N N 385 
VAL HG13 H N N 386 
VAL HG21 H N N 387 
VAL HG22 H N N 388 
VAL HG23 H N N 389 
VAL HXT  H N N 390 
# 
loop_
_chem_comp_bond.comp_id 
_chem_comp_bond.atom_id_1 
_chem_comp_bond.atom_id_2 
_chem_comp_bond.value_order 
_chem_comp_bond.pdbx_aromatic_flag 
_chem_comp_bond.pdbx_stereo_config 
_chem_comp_bond.pdbx_ordinal 
ALA N   CA   sing N N 1   
ALA N   H    sing N N 2   
ALA N   H2   sing N N 3   
ALA CA  C    sing N N 4   
ALA CA  CB   sing N N 5   
ALA CA  HA   sing N N 6   
ALA C   O    doub N N 7   
ALA C   OXT  sing N N 8   
ALA CB  HB1  sing N N 9   
ALA CB  HB2  sing N N 10  
ALA CB  HB3  sing N N 11  
ALA OXT HXT  sing N N 12  
ARG N   CA   sing N N 13  
ARG N   H    sing N N 14  
ARG N   H2   sing N N 15  
ARG CA  C    sing N N 16  
ARG CA  CB   sing N N 17  
ARG CA  HA   sing N N 18  
ARG C   O    doub N N 19  
ARG C   OXT  sing N N 20  
ARG CB  CG   sing N N 21  
ARG CB  HB2  sing N N 22  
ARG CB  HB3  sing N N 23  
ARG CG  CD   sing N N 24  
ARG CG  HG2  sing N N 25  
ARG CG  HG3  sing N N 26  
ARG CD  NE   sing N N 27  
ARG CD  HD2  sing N N 28  
ARG CD  HD3  sing N N 29  
ARG NE  CZ   sing N N 30  
ARG NE  HE   sing N N 31  
ARG CZ  NH1  sing N N 32  
ARG CZ  NH2  doub N N 33  
ARG NH1 HH11 sing N N 34  
ARG NH1 HH12 sing N N 35  
ARG NH2 HH21 sing N N 36  
ARG NH2 HH22 sing N N 37  
ARG OXT HXT  sing N N 38  
ASN N   CA   sing N N 39  
ASN N   H    sing N N 40  
ASN N   H2   sing N N 41  
ASN CA  C    sing N N 42  
ASN CA  CB   sing N N 43  
ASN CA  HA   sing N N 44  
ASN C   O    doub N N 45  
ASN C   OXT  sing N N 46  
ASN CB  CG   sing N N 47  
ASN CB  HB2  sing N N 48  
ASN CB  HB3  sing N N 49  
ASN CG  OD1  doub N N 50  
ASN CG  ND2  sing N N 51  
ASN ND2 HD21 sing N N 52  
ASN ND2 HD22 sing N N 53  
ASN OXT HXT  sing N N 54  
ASP N   CA   sing N N 55  
ASP N   H    sing N N 56  
ASP N   H2   sing N N 57  
ASP CA  C    sing N N 58  
ASP CA  CB   sing N N 59  
ASP CA  HA   sing N N 60  
ASP C   O    doub N N 61  
ASP C   OXT  sing N N 62  
ASP CB  CG   sing N N 63  
ASP CB  HB2  sing N N 64  
ASP CB  HB3  sing N N 65  
ASP CG  OD1  doub N N 66  
ASP CG  OD2  sing N N 67  
ASP OD2 HD2  sing N N 68  
ASP OXT HXT  sing N N 69  
CYS N   CA   sing N N 70  
CYS N   H    sing N N 71  
CYS N   H2   sing N N 72  
CYS CA  C    sing N N 73  
CYS CA  CB   sing N N 74  
CYS CA  HA   sing N N 75  
CYS C   O    doub N N 76  
CYS C   OXT  sing N N 77  
CYS CB  SG   sing N N 78  
CYS CB  HB2  sing N N 79  
CYS CB  HB3  sing N N 80  
CYS SG  HG   sing N N 81  
CYS OXT HXT  sing N N 82  
GLN N   CA   sing N N 83  
GLN N   H    sing N N 84  
GLN N   H2   sing N N 85  
GLN CA  C    sing N N 86  
GLN CA  CB   sing N N 87  
GLN CA  HA   sing N N 88  
GLN C   O    doub N N 89  
GLN C   OXT  sing N N 90  
GLN CB  CG   sing N N 91  
GLN CB  HB2  sing N N 92  
GLN CB  HB3  sing N N 93  
GLN CG  CD   sing N N 94  
GLN CG  HG2  sing N N 95  
GLN CG  HG3  sing N N 96  
GLN CD  OE1  doub N N 97  
GLN CD  NE2  sing N N 98  
GLN NE2 HE21 sing N N 99  
GLN NE2 HE22 sing N N 100 
GLN OXT HXT  sing N N 101 
GLU N   CA   sing N N 102 
GLU N   H    sing N N 103 
GLU N   H2   sing N N 104 
GLU CA  C    sing N N 105 
GLU CA  CB   sing N N 106 
GLU CA  HA   sing N N 107 
GLU C   O    doub N N 108 
GLU C   OXT  sing N N 109 
GLU CB  CG   sing N N 110 
GLU CB  HB2  sing N N 111 
GLU CB  HB3  sing N N 112 
GLU CG  CD   sing N N 113 
GLU CG  HG2  sing N N 114 
GLU CG  HG3  sing N N 115 
GLU CD  OE1  doub N N 116 
GLU CD  OE2  sing N N 117 
GLU OE2 HE2  sing N N 118 
GLU OXT HXT  sing N N 119 
GLY N   CA   sing N N 120 
GLY N   H    sing N N 121 
GLY N   H2   sing N N 122 
GLY CA  C    sing N N 123 
GLY CA  HA2  sing N N 124 
GLY CA  HA3  sing N N 125 
GLY C   O    doub N N 126 
GLY C   OXT  sing N N 127 
GLY OXT HXT  sing N N 128 
HIS N   CA   sing N N 129 
HIS N   H    sing N N 130 
HIS N   H2   sing N N 131 
HIS CA  C    sing N N 132 
HIS CA  CB   sing N N 133 
HIS CA  HA   sing N N 134 
HIS C   O    doub N N 135 
HIS C   OXT  sing N N 136 
HIS CB  CG   sing N N 137 
HIS CB  HB2  sing N N 138 
HIS CB  HB3  sing N N 139 
HIS CG  ND1  sing Y N 140 
HIS CG  CD2  doub Y N 141 
HIS ND1 CE1  doub Y N 142 
HIS ND1 HD1  sing N N 143 
HIS CD2 NE2  sing Y N 144 
HIS CD2 HD2  sing N N 145 
HIS CE1 NE2  sing Y N 146 
HIS CE1 HE1  sing N N 147 
HIS NE2 HE2  sing N N 148 
HIS OXT HXT  sing N N 149 
HOH O   H1   sing N N 150 
HOH O   H2   sing N N 151 
ILE N   CA   sing N N 152 
ILE N   H    sing N N 153 
ILE N   H2   sing N N 154 
ILE CA  C    sing N N 155 
ILE CA  CB   sing N N 156 
ILE CA  HA   sing N N 157 
ILE C   O    doub N N 158 
ILE C   OXT  sing N N 159 
ILE CB  CG1  sing N N 160 
ILE CB  CG2  sing N N 161 
ILE CB  HB   sing N N 162 
ILE CG1 CD1  sing N N 163 
ILE CG1 HG12 sing N N 164 
ILE CG1 HG13 sing N N 165 
ILE CG2 HG21 sing N N 166 
ILE CG2 HG22 sing N N 167 
ILE CG2 HG23 sing N N 168 
ILE CD1 HD11 sing N N 169 
ILE CD1 HD12 sing N N 170 
ILE CD1 HD13 sing N N 171 
ILE OXT HXT  sing N N 172 
LEU N   CA   sing N N 173 
LEU N   H    sing N N 174 
LEU N   H2   sing N N 175 
LEU CA  C    sing N N 176 
LEU CA  CB   sing N N 177 
LEU CA  HA   sing N N 178 
LEU C   O    doub N N 179 
LEU C   OXT  sing N N 180 
LEU CB  CG   sing N N 181 
LEU CB  HB2  sing N N 182 
LEU CB  HB3  sing N N 183 
LEU CG  CD1  sing N N 184 
LEU CG  CD2  sing N N 185 
LEU CG  HG   sing N N 186 
LEU CD1 HD11 sing N N 187 
LEU CD1 HD12 sing N N 188 
LEU CD1 HD13 sing N N 189 
LEU CD2 HD21 sing N N 190 
LEU CD2 HD22 sing N N 191 
LEU CD2 HD23 sing N N 192 
LEU OXT HXT  sing N N 193 
LYS N   CA   sing N N 194 
LYS N   H    sing N N 195 
LYS N   H2   sing N N 196 
LYS CA  C    sing N N 197 
LYS CA  CB   sing N N 198 
LYS CA  HA   sing N N 199 
LYS C   O    doub N N 200 
LYS C   OXT  sing N N 201 
LYS CB  CG   sing N N 202 
LYS CB  HB2  sing N N 203 
LYS CB  HB3  sing N N 204 
LYS CG  CD   sing N N 205 
LYS CG  HG2  sing N N 206 
LYS CG  HG3  sing N N 207 
LYS CD  CE   sing N N 208 
LYS CD  HD2  sing N N 209 
LYS CD  HD3  sing N N 210 
LYS CE  NZ   sing N N 211 
LYS CE  HE2  sing N N 212 
LYS CE  HE3  sing N N 213 
LYS NZ  HZ1  sing N N 214 
LYS NZ  HZ2  sing N N 215 
LYS NZ  HZ3  sing N N 216 
LYS OXT HXT  sing N N 217 
MET N   CA   sing N N 218 
MET N   H    sing N N 219 
MET N   H2   sing N N 220 
MET CA  C    sing N N 221 
MET CA  CB   sing N N 222 
MET CA  HA   sing N N 223 
MET C   O    doub N N 224 
MET C   OXT  sing N N 225 
MET CB  CG   sing N N 226 
MET CB  HB2  sing N N 227 
MET CB  HB3  sing N N 228 
MET CG  SD   sing N N 229 
MET CG  HG2  sing N N 230 
MET CG  HG3  sing N N 231 
MET SD  CE   sing N N 232 
MET CE  HE1  sing N N 233 
MET CE  HE2  sing N N 234 
MET CE  HE3  sing N N 235 
MET OXT HXT  sing N N 236 
PHE N   CA   sing N N 237 
PHE N   H    sing N N 238 
PHE N   H2   sing N N 239 
PHE CA  C    sing N N 240 
PHE CA  CB   sing N N 241 
PHE CA  HA   sing N N 242 
PHE C   O    doub N N 243 
PHE C   OXT  sing N N 244 
PHE CB  CG   sing N N 245 
PHE CB  HB2  sing N N 246 
PHE CB  HB3  sing N N 247 
PHE CG  CD1  doub Y N 248 
PHE CG  CD2  sing Y N 249 
PHE CD1 CE1  sing Y N 250 
PHE CD1 HD1  sing N N 251 
PHE CD2 CE2  doub Y N 252 
PHE CD2 HD2  sing N N 253 
PHE CE1 CZ   doub Y N 254 
PHE CE1 HE1  sing N N 255 
PHE CE2 CZ   sing Y N 256 
PHE CE2 HE2  sing N N 257 
PHE CZ  HZ   sing N N 258 
PHE OXT HXT  sing N N 259 
PRO N   CA   sing N N 260 
PRO N   CD   sing N N 261 
PRO N   H    sing N N 262 
PRO CA  C    sing N N 263 
PRO CA  CB   sing N N 264 
PRO CA  HA   sing N N 265 
PRO C   O    doub N N 266 
PRO C   OXT  sing N N 267 
PRO CB  CG   sing N N 268 
PRO CB  HB2  sing N N 269 
PRO CB  HB3  sing N N 270 
PRO CG  CD   sing N N 271 
PRO CG  HG2  sing N N 272 
PRO CG  HG3  sing N N 273 
PRO CD  HD2  sing N N 274 
PRO CD  HD3  sing N N 275 
PRO OXT HXT  sing N N 276 
SER N   CA   sing N N 277 
SER N   H    sing N N 278 
SER N   H2   sing N N 279 
SER CA  C    sing N N 280 
SER CA  CB   sing N N 281 
SER CA  HA   sing N N 282 
SER C   O    doub N N 283 
SER C   OXT  sing N N 284 
SER CB  OG   sing N N 285 
SER CB  HB2  sing N N 286 
SER CB  HB3  sing N N 287 
SER OG  HG   sing N N 288 
SER OXT HXT  sing N N 289 
THR N   CA   sing N N 290 
THR N   H    sing N N 291 
THR N   H2   sing N N 292 
THR CA  C    sing N N 293 
THR CA  CB   sing N N 294 
THR CA  HA   sing N N 295 
THR C   O    doub N N 296 
THR C   OXT  sing N N 297 
THR CB  OG1  sing N N 298 
THR CB  CG2  sing N N 299 
THR CB  HB   sing N N 300 
THR OG1 HG1  sing N N 301 
THR CG2 HG21 sing N N 302 
THR CG2 HG22 sing N N 303 
THR CG2 HG23 sing N N 304 
THR OXT HXT  sing N N 305 
TRP N   CA   sing N N 306 
TRP N   H    sing N N 307 
TRP N   H2   sing N N 308 
TRP CA  C    sing N N 309 
TRP CA  CB   sing N N 310 
TRP CA  HA   sing N N 311 
TRP C   O    doub N N 312 
TRP C   OXT  sing N N 313 
TRP CB  CG   sing N N 314 
TRP CB  HB2  sing N N 315 
TRP CB  HB3  sing N N 316 
TRP CG  CD1  doub Y N 317 
TRP CG  CD2  sing Y N 318 
TRP CD1 NE1  sing Y N 319 
TRP CD1 HD1  sing N N 320 
TRP CD2 CE2  doub Y N 321 
TRP CD2 CE3  sing Y N 322 
TRP NE1 CE2  sing Y N 323 
TRP NE1 HE1  sing N N 324 
TRP CE2 CZ2  sing Y N 325 
TRP CE3 CZ3  doub Y N 326 
TRP CE3 HE3  sing N N 327 
TRP CZ2 CH2  doub Y N 328 
TRP CZ2 HZ2  sing N N 329 
TRP CZ3 CH2  sing Y N 330 
TRP CZ3 HZ3  sing N N 331 
TRP CH2 HH2  sing N N 332 
TRP OXT HXT  sing N N 333 
TYR N   CA   sing N N 334 
TYR N   H    sing N N 335 
TYR N   H2   sing N N 336 
TYR CA  C    sing N N 337 
TYR CA  CB   sing N N 338 
TYR CA  HA   sing N N 339 
TYR C   O    doub N N 340 
TYR C   OXT  sing N N 341 
TYR CB  CG   sing N N 342 
TYR CB  HB2  sing N N 343 
TYR CB  HB3  sing N N 344 
TYR CG  CD1  doub Y N 345 
TYR CG  CD2  sing Y N 346 
TYR CD1 CE1  sing Y N 347 
TYR CD1 HD1  sing N N 348 
TYR CD2 CE2  doub Y N 349 
TYR CD2 HD2  sing N N 350 
TYR CE1 CZ   doub Y N 351 
TYR CE1 HE1  sing N N 352 
TYR CE2 CZ   sing Y N 353 
TYR CE2 HE2  sing N N 354 
TYR CZ  OH   sing N N 355 
TYR OH  HH   sing N N 356 
TYR OXT HXT  sing N N 357 
VAL N   CA   sing N N 358 
VAL N   H    sing N N 359 
VAL N   H2   sing N N 360 
VAL CA  C    sing N N 361 
VAL CA  CB   sing N N 362 
VAL CA  HA   sing N N 363 
VAL C   O    doub N N 364 
VAL C   OXT  sing N N 365 
VAL CB  CG1  sing N N 366 
VAL CB  CG2  sing N N 367 
VAL CB  HB   sing N N 368 
VAL CG1 HG11 sing N N 369 
VAL CG1 HG12 sing N N 370 
VAL CG1 HG13 sing N N 371 
VAL CG2 HG21 sing N N 372 
VAL CG2 HG22 sing N N 373 
VAL CG2 HG23 sing N N 374 
VAL OXT HXT  sing N N 375 
# 
_atom_sites.entry_id                    1U53 
_atom_sites.fract_transf_matrix[1][1]   0.02732717 
_atom_sites.fract_transf_matrix[1][2]   0.00458127 
_atom_sites.fract_transf_matrix[1][3]   0.00822423 
_atom_sites.fract_transf_matrix[2][1]   -0.00607969 
_atom_sites.fract_transf_matrix[2][2]   0.01321275 
_atom_sites.fract_transf_matrix[2][3]   0.01284127 
_atom_sites.fract_transf_matrix[3][1]   0.00763888 
_atom_sites.fract_transf_matrix[3][2]   -0.01476403 
_atom_sites.fract_transf_matrix[3][3]   0.01880774 
_atom_sites.fract_transf_vector[1]      0.687938 
_atom_sites.fract_transf_vector[2]      0.002446 
_atom_sites.fract_transf_vector[3]      0.709224 
# 
loop_
_atom_type.symbol 
C 
N 
O 
S 
# 
loop_
_atom_site.group_PDB 
_atom_site.id 
_atom_site.type_symbol 
_atom_site.label_atom_id 
_atom_site.label_alt_id 
_atom_site.label_comp_id 
_atom_site.label_asym_id 
_atom_site.label_entity_id 
_atom_site.label_seq_id 
_atom_site.pdbx_PDB_ins_code 
_atom_site.Cartn_x 
_atom_site.Cartn_y 
_atom_site.Cartn_z 
_atom_site.occupancy 
_atom_site.B_iso_or_equiv 
_atom_site.pdbx_formal_charge 
_atom_site.auth_seq_id 
_atom_site.auth_comp_id 
_atom_site.auth_asym_id 
_atom_site.auth_atom_id 
_atom_site.pdbx_PDB_model_num 
ATOM   1    N N   . GLU A 1 4   ? -21.094 9.410   -5.394  1.00 34.88 ? -1  GLU A N   1 
ATOM   2    C CA  . GLU A 1 4   ? -19.855 9.435   -6.196  1.00 33.36 ? -1  GLU A CA  1 
ATOM   3    C C   . GLU A 1 4   ? -19.188 10.805  -6.141  1.00 31.08 ? -1  GLU A C   1 
ATOM   4    O O   . GLU A 1 4   ? -19.812 11.826  -6.453  1.00 30.59 ? -1  GLU A O   1 
ATOM   5    C CB  . GLU A 1 4   ? -20.143 9.075   -7.646  1.00 34.96 ? -1  GLU A CB  1 
ATOM   6    N N   . PHE A 1 5   ? -17.909 10.810  -5.771  1.00 27.56 ? 0   PHE A N   1 
ATOM   7    C CA  . PHE A 1 5   ? -17.219 12.047  -5.396  1.00 24.92 ? 0   PHE A CA  1 
ATOM   8    C C   . PHE A 1 5   ? -15.803 12.023  -5.964  1.00 23.97 ? 0   PHE A C   1 
ATOM   9    O O   . PHE A 1 5   ? -14.936 11.294  -5.476  1.00 25.92 ? 0   PHE A O   1 
ATOM   10   C CB  . PHE A 1 5   ? -17.156 12.142  -3.868  1.00 23.21 ? 0   PHE A CB  1 
ATOM   11   C CG  . PHE A 1 5   ? -16.701 13.496  -3.333  1.00 23.38 ? 0   PHE A CG  1 
ATOM   12   C CD1 . PHE A 1 5   ? -17.622 14.535  -3.129  1.00 24.94 ? 0   PHE A CD1 1 
ATOM   13   C CD2 . PHE A 1 5   ? -15.379 13.698  -2.984  1.00 24.36 ? 0   PHE A CD2 1 
ATOM   14   C CE1 . PHE A 1 5   ? -17.217 15.758  -2.642  1.00 25.37 ? 0   PHE A CE1 1 
ATOM   15   C CE2 . PHE A 1 5   ? -14.949 14.929  -2.471  1.00 23.94 ? 0   PHE A CE2 1 
ATOM   16   C CZ  . PHE A 1 5   ? -15.869 15.962  -2.304  1.00 23.02 ? 0   PHE A CZ  1 
ATOM   17   N N   . GLY A 1 6   ? -15.575 12.825  -6.994  1.00 21.43 ? 1   GLY A N   1 
ATOM   18   C CA  . GLY A 1 6   ? -14.291 12.827  -7.679  1.00 19.48 ? 1   GLY A CA  1 
ATOM   19   C C   . GLY A 1 6   ? -13.297 13.714  -6.923  1.00 18.64 ? 1   GLY A C   1 
ATOM   20   O O   . GLY A 1 6   ? -13.675 14.653  -6.207  1.00 17.85 ? 1   GLY A O   1 
ATOM   21   N N   . CYS A 1 7   ? -12.015 13.399  -7.060  1.00 17.56 ? 2   CYS A N   1 
ATOM   22   C CA  . CYS A 1 7   ? -10.977 14.234  -6.474  1.00 16.85 ? 2   CYS A CA  1 
ATOM   23   C C   . CYS A 1 7   ? -10.723 15.450  -7.398  1.00 15.89 ? 2   CYS A C   1 
ATOM   24   O O   . CYS A 1 7   ? -11.157 15.458  -8.576  1.00 17.10 ? 2   CYS A O   1 
ATOM   25   C CB  . CYS A 1 7   ? -9.695  13.388  -6.250  1.00 17.10 ? 2   CYS A CB  1 
ATOM   26   S SG  . CYS A 1 7   ? -9.967  11.908  -5.239  1.00 16.69 ? 2   CYS A SG  1 
ATOM   27   N N   . PRO A 1 8   ? -10.060 16.484  -6.883  1.00 15.79 ? 3   PRO A N   1 
ATOM   28   C CA  . PRO A 1 8   ? -9.803  17.735  -7.602  1.00 15.05 ? 3   PRO A CA  1 
ATOM   29   C C   . PRO A 1 8   ? -8.948  17.499  -8.830  1.00 16.27 ? 3   PRO A C   1 
ATOM   30   O O   . PRO A 1 8   ? -8.236  16.463  -8.950  1.00 15.60 ? 3   PRO A O   1 
ATOM   31   C CB  . PRO A 1 8   ? -8.985  18.576  -6.600  1.00 16.54 ? 3   PRO A CB  1 
ATOM   32   C CG  . PRO A 1 8   ? -9.144  17.914  -5.288  1.00 17.10 ? 3   PRO A CG  1 
ATOM   33   C CD  . PRO A 1 8   ? -9.487  16.500  -5.525  1.00 14.61 ? 3   PRO A CD  1 
ATOM   34   N N   . ASP A 1 9   ? -9.011  18.467  -9.739  1.00 15.40 ? 4   ASP A N   1 
ATOM   35   C CA  . ASP A 1 9   ? -8.235  18.495  -10.975 1.00 16.03 ? 4   ASP A CA  1 
ATOM   36   C C   . ASP A 1 9   ? -6.912  19.083  -10.559 1.00 15.69 ? 4   ASP A C   1 
ATOM   37   O O   . ASP A 1 9   ? -6.615  20.260  -10.796 1.00 16.31 ? 4   ASP A O   1 
ATOM   38   C CB  . ASP A 1 9   ? -8.983  19.383  -11.972 1.00 19.03 ? 4   ASP A CB  1 
ATOM   39   C CG  . ASP A 1 9   ? -8.387  19.378  -13.344 1.00 21.54 ? 4   ASP A CG  1 
ATOM   40   O OD1 . ASP A 1 9   ? -7.543  18.507  -13.658 1.00 22.15 ? 4   ASP A OD1 1 
ATOM   41   O OD2 . ASP A 1 9   ? -8.809  20.264  -14.121 1.00 24.34 ? 4   ASP A OD2 1 
ATOM   42   N N   . ASN A 1 10  ? -6.115  18.263  -9.873  1.00 15.48 ? 5   ASN A N   1 
ATOM   43   C CA  . ASN A 1 10  ? -4.921  18.751  -9.162  1.00 14.72 ? 5   ASN A CA  1 
ATOM   44   C C   . ASN A 1 10  ? -3.581  18.230  -9.710  1.00 15.16 ? 5   ASN A C   1 
ATOM   45   O O   . ASN A 1 10  ? -2.531  18.388  -9.039  1.00 14.54 ? 5   ASN A O   1 
ATOM   46   C CB  . ASN A 1 10  ? -5.035  18.392  -7.661  1.00 15.52 ? 5   ASN A CB  1 
ATOM   47   C CG  . ASN A 1 10  ? -5.032  16.883  -7.439  1.00 16.52 ? 5   ASN A CG  1 
ATOM   48   O OD1 . ASN A 1 10  ? -4.788  16.139  -8.385  1.00 15.64 ? 5   ASN A OD1 1 
ATOM   49   N ND2 . ASN A 1 10  ? -5.298  16.424  -6.186  1.00 16.10 ? 5   ASN A ND2 1 
ATOM   50   N N   . GLY A 1 11  ? -3.609  17.661  -10.914 1.00 14.21 ? 6   GLY A N   1 
ATOM   51   C CA  . GLY A 1 11  ? -2.379  17.140  -11.557 1.00 14.40 ? 6   GLY A CA  1 
ATOM   52   C C   . GLY A 1 11  ? -2.251  15.637  -11.473 1.00 17.23 ? 6   GLY A C   1 
ATOM   53   O O   . GLY A 1 11  ? -1.478  15.025  -12.194 1.00 18.64 ? 6   GLY A O   1 
ATOM   54   N N   . MET A 1 12  ? -3.010  15.032  -10.582 1.00 15.77 ? 7   MET A N   1 
ATOM   55   C CA  . MET A 1 12  ? -3.041  13.586  -10.495 1.00 15.63 ? 7   MET A CA  1 
ATOM   56   C C   . MET A 1 12  ? -4.072  13.081  -11.505 1.00 20.25 ? 7   MET A C   1 
ATOM   57   O O   . MET A 1 12  ? -5.144  13.660  -11.616 1.00 21.72 ? 7   MET A O   1 
ATOM   58   C CB  . MET A 1 12  ? -3.455  13.229  -9.065  1.00 16.77 ? 7   MET A CB  1 
ATOM   59   C CG  . MET A 1 12  ? -3.388  11.809  -8.775  1.00 19.18 ? 7   MET A CG  1 
ATOM   60   S SD  . MET A 1 12  ? -1.755  11.039  -9.079  1.00 14.41 ? 7   MET A SD  1 
ATOM   61   C CE  . MET A 1 12  ? -2.276  9.430   -8.492  1.00 18.39 ? 7   MET A CE  1 
ATOM   62   N N   . SER A 1 13  ? -3.775  12.029  -12.276 1.00 19.63 ? 8   SER A N   1 
ATOM   63   C CA  . SER A 1 13  ? -4.751  11.608  -13.260 1.00 21.16 ? 8   SER A CA  1 
ATOM   64   C C   . SER A 1 13  ? -5.676  10.530  -12.712 1.00 21.52 ? 8   SER A C   1 
ATOM   65   O O   . SER A 1 13  ? -5.262  9.737   -11.833 1.00 19.13 ? 8   SER A O   1 
ATOM   66   C CB  . SER A 1 13  ? -4.035  11.060  -14.512 1.00 22.19 ? 8   SER A CB  1 
ATOM   67   O OG  . SER A 1 13  ? -3.303  9.880   -14.173 1.00 21.17 ? 8   SER A OG  1 
ATOM   68   N N   . GLU A 1 14  ? -6.908  10.474  -13.224 1.00 21.41 ? 9   GLU A N   1 
ATOM   69   C CA  . GLU A 1 14  ? -7.833  9.436   -12.823 1.00 22.23 ? 9   GLU A CA  1 
ATOM   70   C C   . GLU A 1 14  ? -7.265  8.049   -13.131 1.00 18.68 ? 9   GLU A C   1 
ATOM   71   O O   . GLU A 1 14  ? -7.466  7.102   -12.366 1.00 19.16 ? 9   GLU A O   1 
ATOM   72   C CB  . GLU A 1 14  ? -9.212  9.613   -13.464 1.00 23.82 ? 9   GLU A CB  1 
ATOM   73   C CG  . GLU A 1 14  ? -10.331 8.905   -12.719 1.00 27.84 ? 9   GLU A CG  1 
ATOM   74   C CD  . GLU A 1 14  ? -10.540 9.371   -11.262 1.00 29.01 ? 9   GLU A CD  1 
ATOM   75   O OE1 . GLU A 1 14  ? -10.196 10.508  -10.897 1.00 26.05 ? 9   GLU A OE1 1 
ATOM   76   O OE2 . GLU A 1 14  ? -11.069 8.572   -10.461 1.00 31.77 ? 9   GLU A OE2 1 
ATOM   77   N N   . GLU A 1 15  ? -6.526  7.935   -14.235 1.00 18.09 ? 10  GLU A N   1 
ATOM   78   C CA  . GLU A 1 15  ? -5.895  6.646   -14.600 1.00 17.27 ? 10  GLU A CA  1 
ATOM   79   C C   . GLU A 1 15  ? -4.908  6.194   -13.526 1.00 15.25 ? 10  GLU A C   1 
ATOM   80   O O   . GLU A 1 15  ? -4.849  5.012   -13.157 1.00 13.27 ? 10  GLU A O   1 
ATOM   81   C CB  . GLU A 1 15  ? -5.167  6.783   -15.924 1.00 18.35 ? 10  GLU A CB  1 
ATOM   82   C CG  . GLU A 1 15  ? -6.070  7.028   -17.138 1.00 24.11 ? 10  GLU A CG  1 
ATOM   83   C CD  . GLU A 1 15  ? -6.608  8.483   -17.296 1.00 26.99 ? 10  GLU A CD  1 
ATOM   84   O OE1 . GLU A 1 15  ? -6.149  9.443   -16.631 1.00 26.01 ? 10  GLU A OE1 1 
ATOM   85   O OE2 . GLU A 1 15  ? -7.499  8.669   -18.164 1.00 29.77 ? 10  GLU A OE2 1 
ATOM   86   N N   . ALA A 1 16  ? -4.142  7.144   -12.995 1.00 14.03 ? 11  ALA A N   1 
ATOM   87   C CA  . ALA A 1 16  ? -3.154  6.789   -11.978 1.00 13.53 ? 11  ALA A CA  1 
ATOM   88   C C   . ALA A 1 16  ? -3.827  6.443   -10.672 1.00 12.14 ? 11  ALA A C   1 
ATOM   89   O O   . ALA A 1 16  ? -3.373  5.550   -9.907  1.00 13.81 ? 11  ALA A O   1 
ATOM   90   C CB  . ALA A 1 16  ? -2.142  7.965   -11.769 1.00 13.42 ? 11  ALA A CB  1 
ATOM   91   N N   . ARG A 1 17  ? -4.904  7.163   -10.351 1.00 12.62 ? 12  ARG A N   1 
ATOM   92   C CA  . ARG A 1 17  ? -5.620  6.875   -9.119  1.00 11.94 ? 12  ARG A CA  1 
ATOM   93   C C   . ARG A 1 17  ? -6.192  5.479   -9.237  1.00 12.91 ? 12  ARG A C   1 
ATOM   94   O O   . ARG A 1 17  ? -6.112  4.696   -8.288  1.00 11.98 ? 12  ARG A O   1 
ATOM   95   C CB  . ARG A 1 17  ? -6.778  7.851   -8.933  1.00 13.40 ? 12  ARG A CB  1 
ATOM   96   C CG  . ARG A 1 17  ? -6.362  9.279   -8.772  1.00 13.67 ? 12  ARG A CG  1 
ATOM   97   C CD  . ARG A 1 17  ? -7.613  10.157  -8.489  1.00 15.66 ? 12  ARG A CD  1 
ATOM   98   N NE  . ARG A 1 17  ? -7.177  11.505  -8.119  1.00 14.25 ? 12  ARG A NE  1 
ATOM   99   C CZ  . ARG A 1 17  ? -7.405  12.592  -8.835  1.00 14.75 ? 12  ARG A CZ  1 
ATOM   100  N NH1 . ARG A 1 17  ? -8.176  12.526  -9.916  1.00 15.75 ? 12  ARG A NH1 1 
ATOM   101  N NH2 . ARG A 1 17  ? -6.966  13.769  -8.430  1.00 12.84 ? 12  ARG A NH2 1 
ATOM   102  N N   . GLN A 1 18  ? -6.786  5.145   -10.386 1.00 11.99 ? 13  GLN A N   1 
ATOM   103  C CA  . GLN A 1 18  ? -7.347  3.816   -10.572 1.00 15.22 ? 13  GLN A CA  1 
ATOM   104  C C   . GLN A 1 18  ? -6.275  2.762   -10.484 1.00 13.40 ? 13  GLN A C   1 
ATOM   105  O O   . GLN A 1 18  ? -6.482  1.720   -9.874  1.00 12.21 ? 13  GLN A O   1 
ATOM   106  C CB  . GLN A 1 18  ? -8.069  3.729   -11.922 1.00 15.67 ? 13  GLN A CB  1 
ATOM   107  C CG  . GLN A 1 18  ? -9.342  4.582   -11.906 1.00 21.10 ? 13  GLN A CG  1 
ATOM   108  C CD  . GLN A 1 18  ? -10.132 4.520   -13.215 1.00 22.10 ? 13  GLN A CD  1 
ATOM   109  O OE1 . GLN A 1 18  ? -9.612  4.125   -14.261 1.00 27.74 ? 13  GLN A OE1 1 
ATOM   110  N NE2 . GLN A 1 18  ? -11.395 4.913   -13.152 1.00 26.04 ? 13  GLN A NE2 1 
ATOM   111  N N   . LYS A 1 19  ? -5.107  3.042   -11.062 1.00 13.05 ? 14  LYS A N   1 
ATOM   112  C CA  . LYS A 1 19  ? -4.034  2.044   -11.040 1.00 12.74 ? 14  LYS A CA  1 
ATOM   113  C C   . LYS A 1 19  ? -3.600  1.770   -9.621  1.00 12.57 ? 14  LYS A C   1 
ATOM   114  O O   . LYS A 1 19  ? -3.458  0.619   -9.205  1.00 13.22 ? 14  LYS A O   1 
ATOM   115  C CB  . LYS A 1 19  ? -2.862  2.506   -11.918 1.00 13.65 ? 14  LYS A CB  1 
ATOM   116  C CG  . LYS A 1 19  ? -1.734  1.500   -12.067 1.00 16.48 ? 14  LYS A CG  1 
ATOM   117  C CD  . LYS A 1 19  ? -2.248  0.254   -12.778 1.00 18.95 ? 14  LYS A CD  1 
ATOM   118  C CE  . LYS A 1 19  ? -1.169  -0.725  -13.085 1.00 22.12 ? 14  LYS A CE  1 
ATOM   119  N NZ  . LYS A 1 19  ? -1.819  -1.989  -13.593 1.00 21.07 ? 14  LYS A NZ  1 
ATOM   120  N N   . PHE A 1 20  ? -3.433  2.833   -8.845  1.00 10.47 ? 15  PHE A N   1 
ATOM   121  C CA  . PHE A 1 20  ? -3.010  2.637   -7.444  1.00 9.98  ? 15  PHE A CA  1 
ATOM   122  C C   . PHE A 1 20  ? -4.021  1.799   -6.673  1.00 10.68 ? 15  PHE A C   1 
ATOM   123  O O   . PHE A 1 20  ? -3.668  0.836   -6.025  1.00 10.72 ? 15  PHE A O   1 
ATOM   124  C CB  . PHE A 1 20  ? -2.854  3.987   -6.715  1.00 9.80  ? 15  PHE A CB  1 
ATOM   125  C CG  . PHE A 1 20  ? -1.498  4.607   -6.870  1.00 11.38 ? 15  PHE A CG  1 
ATOM   126  C CD1 . PHE A 1 20  ? -0.344  3.932   -6.452  1.00 11.27 ? 15  PHE A CD1 1 
ATOM   127  C CD2 . PHE A 1 20  ? -1.358  5.853   -7.450  1.00 12.78 ? 15  PHE A CD2 1 
ATOM   128  C CE1 . PHE A 1 20  ? 0.959   4.546   -6.612  1.00 14.60 ? 15  PHE A CE1 1 
ATOM   129  C CE2 . PHE A 1 20  ? -0.073  6.462   -7.584  1.00 15.90 ? 15  PHE A CE2 1 
ATOM   130  C CZ  . PHE A 1 20  ? 1.058   5.790   -7.171  1.00 14.60 ? 15  PHE A CZ  1 
ATOM   131  N N   . LEU A 1 21  ? -5.309  2.158   -6.765  1.00 10.34 ? 16  LEU A N   1 
ATOM   132  C CA  . LEU A 1 21  ? -6.302  1.443   -5.991  1.00 10.92 ? 16  LEU A CA  1 
ATOM   133  C C   . LEU A 1 21  ? -6.449  -0.021  -6.481  1.00 11.10 ? 16  LEU A C   1 
ATOM   134  O O   . LEU A 1 21  ? -6.460  -0.969  -5.675  1.00 12.67 ? 16  LEU A O   1 
ATOM   135  C CB  . LEU A 1 21  ? -7.665  2.155   -6.094  1.00 13.43 ? 16  LEU A CB  1 
ATOM   136  C CG  . LEU A 1 21  ? -8.713  1.517   -5.193  1.00 14.36 ? 16  LEU A CG  1 
ATOM   137  C CD1 . LEU A 1 21  ? -8.391  1.675   -3.665  1.00 15.21 ? 16  LEU A CD1 1 
ATOM   138  C CD2 . LEU A 1 21  ? -10.081 2.060   -5.513  1.00 16.52 ? 16  LEU A CD2 1 
ATOM   139  N N   . GLU A 1 22  ? -6.537  -0.219  -7.795  1.00 12.52 ? 17  GLU A N   1 
ATOM   140  C CA  . GLU A 1 22  ? -6.700  -1.610  -8.297  1.00 13.60 ? 17  GLU A CA  1 
ATOM   141  C C   . GLU A 1 22  ? -5.517  -2.512  -7.963  1.00 12.57 ? 17  GLU A C   1 
ATOM   142  O O   . GLU A 1 22  ? -5.725  -3.670  -7.545  1.00 12.98 ? 17  GLU A O   1 
ATOM   143  C CB  . GLU A 1 22  ? -6.919  -1.569  -9.808  1.00 16.39 ? 17  GLU A CB  1 
ATOM   144  C CG  . GLU A 1 22  ? -8.268  -0.925  -10.072 1.00 20.96 ? 17  GLU A CG  1 
ATOM   145  C CD  . GLU A 1 22  ? -8.533  -0.689  -11.515 1.00 27.35 ? 17  GLU A CD  1 
ATOM   146  O OE1 . GLU A 1 22  ? -7.736  -1.190  -12.339 1.00 29.36 ? 17  GLU A OE1 1 
ATOM   147  O OE2 . GLU A 1 22  ? -9.540  0.017   -11.804 1.00 30.43 ? 17  GLU A OE2 1 
ATOM   148  N N   . MET A 1 23  ? -4.301  -1.989  -8.134  1.00 11.81 ? 18  MET A N   1 
ATOM   149  C CA  . MET A 1 23  ? -3.076  -2.717  -7.795  1.00 13.33 ? 18  MET A CA  1 
ATOM   150  C C   . MET A 1 23  ? -3.057  -3.031  -6.321  1.00 13.52 ? 18  MET A C   1 
ATOM   151  O O   . MET A 1 23  ? -2.719  -4.127  -5.908  1.00 11.70 ? 18  MET A O   1 
ATOM   152  C CB  . MET A 1 23  ? -1.823  -1.892  -8.069  1.00 16.17 ? 18  MET A CB  1 
ATOM   153  C CG  . MET A 1 23  ? -1.591  -1.583  -9.438  1.00 21.79 ? 18  MET A CG  1 
ATOM   154  S SD  . MET A 1 23  ? -0.190  -2.423  -10.186 1.00 25.42 ? 18  MET A SD  1 
ATOM   155  C CE  . MET A 1 23  ? 0.921   -3.153  -9.093  1.00 20.11 ? 18  MET A CE  1 
ATOM   156  N N   . HIS A 1 24  ? -3.408  -2.052  -5.481  1.00 11.17 ? 19  HIS A N   1 
ATOM   157  C CA  . HIS A 1 24  ? -3.417  -2.397  -4.046  1.00 10.19 ? 19  HIS A CA  1 
ATOM   158  C C   . HIS A 1 24  ? -4.406  -3.488  -3.702  1.00 10.70 ? 19  HIS A C   1 
ATOM   159  O O   . HIS A 1 24  ? -4.085  -4.439  -2.958  1.00 11.51 ? 19  HIS A O   1 
ATOM   160  C CB  . HIS A 1 24  ? -3.669  -1.169  -3.169  1.00 9.92  ? 19  HIS A CB  1 
ATOM   161  C CG  . HIS A 1 24  ? -2.427  -0.360  -2.897  1.00 9.05  ? 19  HIS A CG  1 
ATOM   162  N ND1 . HIS A 1 24  ? -1.818  0.450   -3.835  1.00 10.32 ? 19  HIS A ND1 1 
ATOM   163  C CD2 . HIS A 1 24  ? -1.706  -0.225  -1.756  1.00 8.92  ? 19  HIS A CD2 1 
ATOM   164  C CE1 . HIS A 1 24  ? -0.752  1.024   -3.292  1.00 10.12 ? 19  HIS A CE1 1 
ATOM   165  N NE2 . HIS A 1 24  ? -0.668  0.626   -2.026  1.00 8.65  ? 19  HIS A NE2 1 
ATOM   166  N N   . ASN A 1 25  ? -5.635  -3.376  -4.224  1.00 10.68 ? 20  ASN A N   1 
ATOM   167  C CA  . ASN A 1 25  ? -6.634  -4.410  -3.884  1.00 10.95 ? 20  ASN A CA  1 
ATOM   168  C C   . ASN A 1 25  ? -6.326  -5.757  -4.510  1.00 11.45 ? 20  ASN A C   1 
ATOM   169  O O   . ASN A 1 25  ? -6.531  -6.803  -3.878  1.00 11.49 ? 20  ASN A O   1 
ATOM   170  C CB  . ASN A 1 25  ? -8.030  -3.961  -4.226  1.00 12.94 ? 20  ASN A CB  1 
ATOM   171  C CG  . ASN A 1 25  ? -8.564  -3.016  -3.196  1.00 13.89 ? 20  ASN A CG  1 
ATOM   172  O OD1 . ASN A 1 25  ? -8.280  -3.179  -2.021  1.00 13.41 ? 20  ASN A OD1 1 
ATOM   173  N ND2 . ASN A 1 25  ? -9.305  -1.994  -3.634  1.00 14.61 ? 20  ASN A ND2 1 
ATOM   174  N N   . SER A 1 26  ? -5.777  -5.726  -5.716  1.00 11.99 ? 21  SER A N   1 
ATOM   175  C CA  . SER A 1 26  ? -5.348  -6.957  -6.384  1.00 11.71 ? 21  SER A CA  1 
ATOM   176  C C   . SER A 1 26  ? -4.299  -7.712  -5.551  1.00 11.88 ? 21  SER A C   1 
ATOM   177  O O   . SER A 1 26  ? -4.372  -8.907  -5.380  1.00 13.69 ? 21  SER A O   1 
ATOM   178  C CB  . SER A 1 26  ? -4.690  -6.587  -7.713  1.00 14.89 ? 21  SER A CB  1 
ATOM   179  O OG  . SER A 1 26  ? -4.155  -7.730  -8.379  1.00 21.13 ? 21  SER A OG  1 
ATOM   180  N N   . LEU A 1 27  ? -3.286  -6.998  -5.106  1.00 10.77 ? 22  LEU A N   1 
ATOM   181  C CA  . LEU A 1 27  ? -2.183  -7.613  -4.398  1.00 9.18  ? 22  LEU A CA  1 
ATOM   182  C C   . LEU A 1 27  ? -2.615  -8.012  -2.992  1.00 9.96  ? 22  LEU A C   1 
ATOM   183  O O   . LEU A 1 27  ? -2.213  -9.098  -2.514  1.00 11.77 ? 22  LEU A O   1 
ATOM   184  C CB  . LEU A 1 27  ? -1.002  -6.626  -4.380  1.00 11.01 ? 22  LEU A CB  1 
ATOM   185  C CG  . LEU A 1 27  ? -0.379  -6.397  -5.760  1.00 10.71 ? 22  LEU A CG  1 
ATOM   186  C CD1 . LEU A 1 27  ? 0.579   -5.206  -5.779  1.00 12.86 ? 22  LEU A CD1 1 
ATOM   187  C CD2 . LEU A 1 27  ? 0.374   -7.639  -6.205  1.00 10.86 ? 22  LEU A CD2 1 
ATOM   188  N N   . ARG A 1 28  ? -3.432  -7.175  -2.331  1.00 9.17  ? 23  ARG A N   1 
ATOM   189  C CA  . ARG A 1 28  ? -4.047  -7.651  -1.065  1.00 8.27  ? 23  ARG A CA  1 
ATOM   190  C C   . ARG A 1 28  ? -4.771  -8.961  -1.284  1.00 10.79 ? 23  ARG A C   1 
ATOM   191  O O   . ARG A 1 28  ? -4.724  -9.868  -0.433  1.00 11.29 ? 23  ARG A O   1 
ATOM   192  C CB  . ARG A 1 28  ? -4.992  -6.566  -0.512  1.00 10.52 ? 23  ARG A CB  1 
ATOM   193  C CG  . ARG A 1 28  ? -4.163  -5.427  0.004   1.00 10.50 ? 23  ARG A CG  1 
ATOM   194  C CD  . ARG A 1 28  ? -5.000  -4.157  0.283   1.00 11.34 ? 23  ARG A CD  1 
ATOM   195  N NE  . ARG A 1 28  ? -5.886  -4.281  1.464   1.00 10.48 ? 23  ARG A NE  1 
ATOM   196  C CZ  . ARG A 1 28  ? -5.524  -3.994  2.721   1.00 11.94 ? 23  ARG A CZ  1 
ATOM   197  N NH1 . ARG A 1 28  ? -4.278  -3.607  3.026   1.00 10.49 ? 23  ARG A NH1 1 
ATOM   198  N NH2 . ARG A 1 28  ? -6.418  -4.125  3.692   1.00 10.97 ? 23  ARG A NH2 1 
ATOM   199  N N   . SER A 1 29  ? -5.487  -9.050  -2.415  1.00 11.32 ? 24  SER A N   1 
ATOM   200  C CA  . SER A 1 29  ? -6.273  -10.257 -2.673  1.00 12.39 ? 24  SER A CA  1 
ATOM   201  C C   . SER A 1 29  ? -5.347  -11.446 -2.903  1.00 13.24 ? 24  SER A C   1 
ATOM   202  O O   . SER A 1 29  ? -5.547  -12.514 -2.325  1.00 12.98 ? 24  SER A O   1 
ATOM   203  C CB  . SER A 1 29  ? -7.233  -10.065 -3.885  1.00 13.23 ? 24  SER A CB  1 
ATOM   204  O OG  . SER A 1 29  ? -7.758  -11.322 -4.358  1.00 12.56 ? 24  SER A OG  1 
ATOM   205  N N   . SER A 1 30  ? -4.316  -11.260 -3.719  1.00 11.51 ? 25  SER A N   1 
ATOM   206  C CA  . SER A 1 30  ? -3.329  -12.353 -3.901  1.00 12.12 ? 25  SER A CA  1 
ATOM   207  C C   . SER A 1 30  ? -2.762  -12.863 -2.583  1.00 12.13 ? 25  SER A C   1 
ATOM   208  O O   . SER A 1 30  ? -2.655  -14.058 -2.376  1.00 12.84 ? 25  SER A O   1 
ATOM   209  C CB  . SER A 1 30  ? -2.184  -11.937 -4.821  1.00 14.73 ? 25  SER A CB  1 
ATOM   210  O OG  . SER A 1 30  ? -1.202  -11.109 -4.206  1.00 22.49 ? 25  SER A OG  1 
ATOM   211  N N   . VAL A 1 31  ? -2.372  -11.959 -1.690  1.00 10.94 ? 26  VAL A N   1 
ATOM   212  C CA  . VAL A 1 31  ? -1.848  -12.384 -0.400  1.00 12.30 ? 26  VAL A CA  1 
ATOM   213  C C   . VAL A 1 31  ? -2.943  -13.144 0.364   1.00 12.12 ? 26  VAL A C   1 
ATOM   214  O O   . VAL A 1 31  ? -2.702  -14.235 0.881   1.00 12.23 ? 26  VAL A O   1 
ATOM   215  C CB  . VAL A 1 31  ? -1.368  -11.156 0.422   1.00 12.99 ? 26  VAL A CB  1 
ATOM   216  C CG1 . VAL A 1 31  ? -1.125  -11.546 1.897   1.00 12.59 ? 26  VAL A CG1 1 
ATOM   217  C CG2 . VAL A 1 31  ? -0.169  -10.551 -0.262  1.00 11.81 ? 26  VAL A CG2 1 
ATOM   218  N N   . ALA A 1 32  ? -4.134  -12.568 0.460   1.00 11.79 ? 27  ALA A N   1 
ATOM   219  C CA  . ALA A 1 32  ? -5.220  -13.157 1.249   1.00 12.53 ? 27  ALA A CA  1 
ATOM   220  C C   . ALA A 1 32  ? -5.591  -14.563 0.780   1.00 11.95 ? 27  ALA A C   1 
ATOM   221  O O   . ALA A 1 32  ? -5.905  -15.449 1.601   1.00 14.90 ? 27  ALA A O   1 
ATOM   222  C CB  . ALA A 1 32  ? -6.440  -12.214 1.263   1.00 12.06 ? 27  ALA A CB  1 
ATOM   223  N N   . LEU A 1 33  ? -5.515  -14.819 -0.518  1.00 12.07 ? 28  LEU A N   1 
ATOM   224  C CA  . LEU A 1 33  ? -5.901  -16.115 -1.062  1.00 13.40 ? 28  LEU A CA  1 
ATOM   225  C C   . LEU A 1 33  ? -4.789  -17.150 -0.987  1.00 16.07 ? 28  LEU A C   1 
ATOM   226  O O   . LEU A 1 33  ? -4.956  -18.319 -1.432  1.00 16.03 ? 28  LEU A O   1 
ATOM   227  C CB  . LEU A 1 33  ? -6.261  -15.895 -2.542  1.00 13.32 ? 28  LEU A CB  1 
ATOM   228  C CG  . LEU A 1 33  ? -7.518  -15.075 -2.825  1.00 12.66 ? 28  LEU A CG  1 
ATOM   229  C CD1 . LEU A 1 33  ? -7.683  -14.796 -4.326  1.00 14.44 ? 28  LEU A CD1 1 
ATOM   230  C CD2 . LEU A 1 33  ? -8.748  -15.814 -2.319  1.00 14.23 ? 28  LEU A CD2 1 
ATOM   231  N N   . GLY A 1 34  ? -3.627  -16.736 -0.470  1.00 13.89 ? 29  GLY A N   1 
ATOM   232  C CA  . GLY A 1 34  ? -2.477  -17.625 -0.352  1.00 13.99 ? 29  GLY A CA  1 
ATOM   233  C C   . GLY A 1 34  ? -1.634  -17.789 -1.592  1.00 14.55 ? 29  GLY A C   1 
ATOM   234  O O   . GLY A 1 34  ? -0.927  -18.790 -1.725  1.00 14.63 ? 29  GLY A O   1 
ATOM   235  N N   . GLN A 1 35  ? -1.721  -16.809 -2.498  1.00 12.20 ? 30  GLN A N   1 
ATOM   236  C CA  . GLN A 1 35  ? -1.147  -16.949 -3.837  1.00 12.75 ? 30  GLN A CA  1 
ATOM   237  C C   . GLN A 1 35  ? 0.153   -16.160 -4.003  1.00 14.17 ? 30  GLN A C   1 
ATOM   238  O O   . GLN A 1 35  ? 0.750   -16.182 -5.068  1.00 14.43 ? 30  GLN A O   1 
ATOM   239  C CB  . GLN A 1 35  ? -2.131  -16.410 -4.871  1.00 16.39 ? 30  GLN A CB  1 
ATOM   240  C CG  . GLN A 1 35  ? -3.447  -17.171 -4.908  1.00 19.11 ? 30  GLN A CG  1 
ATOM   241  C CD  . GLN A 1 35  ? -4.348  -16.630 -5.984  1.00 20.52 ? 30  GLN A CD  1 
ATOM   242  O OE1 . GLN A 1 35  ? -4.084  -15.584 -6.528  1.00 23.12 ? 30  GLN A OE1 1 
ATOM   243  N NE2 . GLN A 1 35  ? -5.427  -17.314 -6.265  1.00 24.36 ? 30  GLN A NE2 1 
ATOM   244  N N   . ALA A 1 36  ? 0.606   -15.477 -2.948  1.00 13.80 ? 31  ALA A N   1 
ATOM   245  C CA  . ALA A 1 36  ? 1.800   -14.616 -3.059  1.00 12.54 ? 31  ALA A CA  1 
ATOM   246  C C   . ALA A 1 36  ? 3.075   -15.257 -2.577  1.00 14.17 ? 31  ALA A C   1 
ATOM   247  O O   . ALA A 1 36  ? 3.178   -15.603 -1.383  1.00 12.59 ? 31  ALA A O   1 
ATOM   248  C CB  . ALA A 1 36  ? 1.580   -13.277 -2.266  1.00 11.12 ? 31  ALA A CB  1 
ATOM   249  N N   . LYS A 1 37  ? 4.071   -15.391 -3.464  1.00 13.70 ? 32  LYS A N   1 
ATOM   250  C CA  . LYS A 1 37  ? 5.346   -16.002 -3.074  1.00 14.73 ? 32  LYS A CA  1 
ATOM   251  C C   . LYS A 1 37  ? 6.059   -15.190 -2.014  1.00 15.01 ? 32  LYS A C   1 
ATOM   252  O O   . LYS A 1 37  ? 6.127   -13.955 -2.095  1.00 14.66 ? 32  LYS A O   1 
ATOM   253  C CB  . LYS A 1 37  ? 6.251   -16.160 -4.304  1.00 19.08 ? 32  LYS A CB  1 
ATOM   254  C CG  . LYS A 1 37  ? 7.468   -17.029 -4.005  1.00 21.83 ? 32  LYS A CG  1 
ATOM   255  C CD  . LYS A 1 37  ? 7.009   -18.447 -3.618  1.00 25.17 ? 32  LYS A CD  1 
ATOM   256  C CE  . LYS A 1 37  ? 8.178   -19.402 -3.296  1.00 23.96 ? 32  LYS A CE  1 
ATOM   257  N NZ  . LYS A 1 37  ? 8.917   -19.104 -2.043  1.00 27.03 ? 32  LYS A NZ  1 
ATOM   258  N N   . ASP A 1 38  ? 6.620   -15.876 -1.011  1.00 13.94 ? 33  ASP A N   1 
ATOM   259  C CA  . ASP A 1 38  ? 7.334   -15.213 0.058   1.00 14.86 ? 33  ASP A CA  1 
ATOM   260  C C   . ASP A 1 38  ? 8.806   -15.653 -0.044  1.00 14.27 ? 33  ASP A C   1 
ATOM   261  O O   . ASP A 1 38  ? 9.090   -16.862 -0.187  1.00 14.88 ? 33  ASP A O   1 
ATOM   262  C CB  . ASP A 1 38  ? 6.700   -15.705 1.371   1.00 14.63 ? 33  ASP A CB  1 
ATOM   263  C CG  . ASP A 1 38  ? 7.242   -15.025 2.611   1.00 14.33 ? 33  ASP A CG  1 
ATOM   264  O OD1 . ASP A 1 38  ? 8.384   -14.536 2.600   1.00 14.63 ? 33  ASP A OD1 1 
ATOM   265  O OD2 . ASP A 1 38  ? 6.506   -15.018 3.621   1.00 14.26 ? 33  ASP A OD2 1 
ATOM   266  N N   . GLY A 1 39  ? 9.733   -14.689 -0.059  1.00 13.32 ? 34  GLY A N   1 
ATOM   267  C CA  . GLY A 1 39  ? 11.173  -15.027 -0.133  1.00 15.07 ? 34  GLY A CA  1 
ATOM   268  C C   . GLY A 1 39  ? 11.668  -15.839 1.051   1.00 15.75 ? 34  GLY A C   1 
ATOM   269  O O   . GLY A 1 39  ? 12.744  -16.462 0.941   1.00 19.05 ? 34  GLY A O   1 
ATOM   270  N N   . ALA A 1 40  ? 10.903  -15.858 2.157   1.00 15.34 ? 35  ALA A N   1 
ATOM   271  C CA  . ALA A 1 40  ? 11.248  -16.701 3.334   1.00 17.66 ? 35  ALA A CA  1 
ATOM   272  C C   . ALA A 1 40  ? 10.967  -18.171 3.076   1.00 16.89 ? 35  ALA A C   1 
ATOM   273  O O   . ALA A 1 40  ? 11.401  -19.035 3.877   1.00 19.34 ? 35  ALA A O   1 
ATOM   274  C CB  . ALA A 1 40  ? 10.499  -16.239 4.579   1.00 18.86 ? 35  ALA A CB  1 
ATOM   275  N N   . GLY A 1 41  ? 10.209  -18.461 2.016   1.00 15.65 ? 36  GLY A N   1 
ATOM   276  C CA  . GLY A 1 41  ? 9.790   -19.828 1.686   1.00 17.68 ? 36  GLY A CA  1 
ATOM   277  C C   . GLY A 1 41  ? 8.285   -19.976 1.557   1.00 16.80 ? 36  GLY A C   1 
ATOM   278  O O   . GLY A 1 41  ? 7.515   -19.334 2.294   1.00 18.07 ? 36  GLY A O   1 
ATOM   279  N N   . GLY A 1 42  ? 7.845   -20.829 0.645   1.00 15.70 ? 37  GLY A N   1 
ATOM   280  C CA  . GLY A 1 42  ? 6.407   -20.979 0.451   1.00 17.00 ? 37  GLY A CA  1 
ATOM   281  C C   . GLY A 1 42  ? 5.769   -19.658 0.061   1.00 16.03 ? 37  GLY A C   1 
ATOM   282  O O   . GLY A 1 42  ? 6.442   -18.760 -0.518  1.00 16.65 ? 37  GLY A O   1 
ATOM   283  N N   . ASN A 1 43  ? 4.474   -19.571 0.337   1.00 14.39 ? 38  ASN A N   1 
ATOM   284  C CA  . ASN A 1 43  ? 3.745   -18.342 0.092   1.00 14.48 ? 38  ASN A CA  1 
ATOM   285  C C   . ASN A 1 43  ? 3.400   -17.616 1.380   1.00 14.07 ? 38  ASN A C   1 
ATOM   286  O O   . ASN A 1 43  ? 3.403   -18.205 2.473   1.00 15.48 ? 38  ASN A O   1 
ATOM   287  C CB  . ASN A 1 43  ? 2.445   -18.678 -0.661  1.00 15.94 ? 38  ASN A CB  1 
ATOM   288  C CG  . ASN A 1 43  ? 2.698   -19.110 -2.101  1.00 16.74 ? 38  ASN A CG  1 
ATOM   289  O OD1 . ASN A 1 43  ? 3.850   -19.183 -2.547  1.00 18.47 ? 38  ASN A OD1 1 
ATOM   290  N ND2 . ASN A 1 43  ? 1.611   -19.443 -2.832  1.00 16.63 ? 38  ASN A ND2 1 
ATOM   291  N N   . ALA A 1 44  ? 3.008   -16.356 1.272   1.00 12.73 ? 39  ALA A N   1 
ATOM   292  C CA  . ALA A 1 44  ? 2.469   -15.675 2.465   1.00 11.81 ? 39  ALA A CA  1 
ATOM   293  C C   . ALA A 1 44  ? 1.215   -16.413 2.962   1.00 13.84 ? 39  ALA A C   1 
ATOM   294  O O   . ALA A 1 44  ? 0.474   -17.034 2.179   1.00 12.03 ? 39  ALA A O   1 
ATOM   295  C CB  . ALA A 1 44  ? 2.170   -14.196 2.128   1.00 12.47 ? 39  ALA A CB  1 
ATOM   296  N N   . PRO A 1 45  ? 0.991   -16.409 4.280   1.00 13.23 ? 40  PRO A N   1 
ATOM   297  C CA  . PRO A 1 45  ? -0.232  -17.088 4.727   1.00 13.04 ? 40  PRO A CA  1 
ATOM   298  C C   . PRO A 1 45  ? -1.539  -16.466 4.286   1.00 12.99 ? 40  PRO A C   1 
ATOM   299  O O   . PRO A 1 45  ? -1.621  -15.253 4.129   1.00 13.57 ? 40  PRO A O   1 
ATOM   300  C CB  . PRO A 1 45  ? -0.173  -17.001 6.263   1.00 14.61 ? 40  PRO A CB  1 
ATOM   301  C CG  . PRO A 1 45  ? 0.933   -16.090 6.593   1.00 15.64 ? 40  PRO A CG  1 
ATOM   302  C CD  . PRO A 1 45  ? 1.821   -15.911 5.388   1.00 12.82 ? 40  PRO A CD  1 
ATOM   303  N N   . LYS A 1 46  ? -2.577  -17.298 4.210   1.00 13.82 ? 41  LYS A N   1 
ATOM   304  C CA  . LYS A 1 46  ? -3.911  -16.788 3.877   1.00 14.15 ? 41  LYS A CA  1 
ATOM   305  C C   . LYS A 1 46  ? -4.402  -15.890 4.990   1.00 13.63 ? 41  LYS A C   1 
ATOM   306  O O   . LYS A 1 46  ? -4.050  -16.078 6.171   1.00 13.61 ? 41  LYS A O   1 
ATOM   307  C CB  . LYS A 1 46  ? -4.922  -17.920 3.645   1.00 13.13 ? 41  LYS A CB  1 
ATOM   308  C CG  . LYS A 1 46  ? -4.517  -18.797 2.455   1.00 14.57 ? 41  LYS A CG  1 
ATOM   309  C CD  . LYS A 1 46  ? -5.436  -20.037 2.321   1.00 17.27 ? 41  LYS A CD  1 
ATOM   310  C CE  . LYS A 1 46  ? -4.984  -20.873 1.107   1.00 20.51 ? 41  LYS A CE  1 
ATOM   311  N NZ  . LYS A 1 46  ? -5.832  -22.077 0.924   1.00 25.76 ? 41  LYS A NZ  1 
ATOM   312  N N   . ALA A 1 47  ? -5.237  -14.930 4.601   1.00 11.41 ? 42  ALA A N   1 
ATOM   313  C CA  . ALA A 1 47  ? -5.703  -13.876 5.506   1.00 11.67 ? 42  ALA A CA  1 
ATOM   314  C C   . ALA A 1 47  ? -7.178  -14.114 5.724   1.00 13.21 ? 42  ALA A C   1 
ATOM   315  O O   . ALA A 1 47  ? -7.925  -14.252 4.731   1.00 12.47 ? 42  ALA A O   1 
ATOM   316  C CB  . ALA A 1 47  ? -5.487  -12.500 4.885   1.00 13.71 ? 42  ALA A CB  1 
ATOM   317  N N   . ALA A 1 48  ? -7.610  -14.053 6.986   1.00 13.42 ? 43  ALA A N   1 
ATOM   318  C CA  . ALA A 1 48  ? -9.005  -14.385 7.336   1.00 14.51 ? 43  ALA A CA  1 
ATOM   319  C C   . ALA A 1 48  ? -9.988  -13.245 7.077   1.00 16.27 ? 43  ALA A C   1 
ATOM   320  O O   . ALA A 1 48  ? -11.204 -13.479 6.992   1.00 14.93 ? 43  ALA A O   1 
ATOM   321  C CB  . ALA A 1 48  ? -9.092  -14.771 8.824   1.00 16.02 ? 43  ALA A CB  1 
ATOM   322  N N   . LYS A 1 49  ? -9.481  -12.012 7.015   1.00 14.62 ? 44  LYS A N   1 
ATOM   323  C CA  . LYS A 1 49  ? -10.351 -10.825 6.901   1.00 16.79 ? 44  LYS A CA  1 
ATOM   324  C C   . LYS A 1 49  ? -9.591  -9.634  6.320   1.00 14.25 ? 44  LYS A C   1 
ATOM   325  O O   . LYS A 1 49  ? -9.542  -8.518  6.913   1.00 15.82 ? 44  LYS A O   1 
ATOM   326  C CB  . LYS A 1 49  ? -11.006 -10.462 8.239   1.00 17.45 ? 44  LYS A CB  1 
ATOM   327  C CG  . LYS A 1 49  ? -10.061 -10.184 9.398   1.00 21.31 ? 44  LYS A CG  1 
ATOM   328  C CD  . LYS A 1 49  ? -10.879 -9.896  10.704  1.00 21.78 ? 44  LYS A CD  1 
ATOM   329  C CE  . LYS A 1 49  ? -11.713 -8.626  10.561  1.00 25.26 ? 44  LYS A CE  1 
ATOM   330  N NZ  . LYS A 1 49  ? -12.431 -8.303  11.899  1.00 26.52 ? 44  LYS A NZ  1 
ATOM   331  N N   . MET A 1 50  ? -8.951  -9.866  5.171   1.00 12.17 ? 45  MET A N   1 
ATOM   332  C CA  . MET A 1 50  ? -8.233  -8.766  4.524   1.00 12.51 ? 45  MET A CA  1 
ATOM   333  C C   . MET A 1 50  ? -9.245  -7.778  3.929   1.00 12.85 ? 45  MET A C   1 
ATOM   334  O O   . MET A 1 50  ? -10.092 -8.150  3.089   1.00 14.56 ? 45  MET A O   1 
ATOM   335  C CB  . MET A 1 50  ? -7.351  -9.363  3.420   1.00 12.98 ? 45  MET A CB  1 
ATOM   336  C CG  . MET A 1 50  ? -6.555  -8.345  2.647   1.00 14.25 ? 45  MET A CG  1 
ATOM   337  S SD  . MET A 1 50  ? -5.221  -7.581  3.600   1.00 12.62 ? 45  MET A SD  1 
ATOM   338  C CE  . MET A 1 50  ? -4.009  -8.905  3.685   1.00 13.35 ? 45  MET A CE  1 
ATOM   339  N N   . LYS A 1 51  ? -9.147  -6.512  4.333   1.00 14.11 ? 46  LYS A N   1 
ATOM   340  C CA  . LYS A 1 51  ? -10.181 -5.562  3.952   1.00 14.65 ? 46  LYS A CA  1 
ATOM   341  C C   . LYS A 1 51  ? -9.870  -4.927  2.590   1.00 13.79 ? 46  LYS A C   1 
ATOM   342  O O   . LYS A 1 51  ? -8.698  -4.691  2.246   1.00 13.10 ? 46  LYS A O   1 
ATOM   343  C CB  . LYS A 1 51  ? -10.356 -4.503  5.056   1.00 17.77 ? 46  LYS A CB  1 
ATOM   344  C CG  . LYS A 1 51  ? -10.611 -5.146  6.443   1.00 20.13 ? 46  LYS A CG  1 
ATOM   345  C CD  . LYS A 1 51  ? -11.170 -4.105  7.439   1.00 19.55 ? 46  LYS A CD  1 
ATOM   346  C CE  . LYS A 1 51  ? -11.719 -4.799  8.735   1.00 21.69 ? 46  LYS A CE  1 
ATOM   347  N NZ  . LYS A 1 51  ? -12.020 -3.731  9.734   1.00 24.01 ? 46  LYS A NZ  1 
ATOM   348  N N   . THR A 1 52  ? -10.941 -4.679  1.844   1.00 12.72 ? 47  THR A N   1 
ATOM   349  C CA  . THR A 1 52  ? -10.846 -3.879  0.607   1.00 13.15 ? 47  THR A CA  1 
ATOM   350  C C   . THR A 1 52  ? -10.519 -2.418  0.937   1.00 13.38 ? 47  THR A C   1 
ATOM   351  O O   . THR A 1 52  ? -11.134 -1.814  1.856   1.00 15.75 ? 47  THR A O   1 
ATOM   352  C CB  . THR A 1 52  ? -12.205 -3.938  -0.137  1.00 13.83 ? 47  THR A CB  1 
ATOM   353  O OG1 . THR A 1 52  ? -12.537 -5.297  -0.423  1.00 15.82 ? 47  THR A OG1 1 
ATOM   354  C CG2 . THR A 1 52  ? -12.100 -3.256  -1.471  1.00 16.54 ? 47  THR A CG2 1 
ATOM   355  N N   . MET A 1 53  ? -9.600  -1.833  0.163   1.00 12.96 ? 48  MET A N   1 
ATOM   356  C CA  . MET A 1 53  ? -9.323  -0.408  0.239   1.00 11.97 ? 48  MET A CA  1 
ATOM   357  C C   . MET A 1 53  ? -10.242 0.413   -0.681  1.00 12.97 ? 48  MET A C   1 
ATOM   358  O O   . MET A 1 53  ? -10.736 -0.063  -1.718  1.00 12.22 ? 48  MET A O   1 
ATOM   359  C CB  . MET A 1 53  ? -7.874  -0.074  -0.147  1.00 12.16 ? 48  MET A CB  1 
ATOM   360  C CG  . MET A 1 53  ? -6.843  -0.541  0.848   1.00 14.30 ? 48  MET A CG  1 
ATOM   361  S SD  . MET A 1 53  ? -5.202  -0.271  0.169   1.00 14.53 ? 48  MET A SD  1 
ATOM   362  C CE  . MET A 1 53  ? -4.214  -0.335  1.656   1.00 15.16 ? 48  MET A CE  1 
ATOM   363  N N   . ALA A 1 54  ? -10.501 1.653   -0.245  1.00 13.48 ? 49  ALA A N   1 
ATOM   364  C CA  . ALA A 1 54  ? -11.212 2.641   -1.051  1.00 13.98 ? 49  ALA A CA  1 
ATOM   365  C C   . ALA A 1 54  ? -10.280 3.825   -1.245  1.00 11.03 ? 49  ALA A C   1 
ATOM   366  O O   . ALA A 1 54  ? -9.475  4.125   -0.368  1.00 12.59 ? 49  ALA A O   1 
ATOM   367  C CB  . ALA A 1 54  ? -12.467 3.152   -0.331  1.00 14.45 ? 49  ALA A CB  1 
ATOM   368  N N   . TYR A 1 55  ? -10.450 4.530   -2.347  1.00 12.28 ? 50  TYR A N   1 
ATOM   369  C CA  . TYR A 1 55  ? -9.648  5.727   -2.626  1.00 12.47 ? 50  TYR A CA  1 
ATOM   370  C C   . TYR A 1 55  ? -10.200 6.888   -1.825  1.00 13.64 ? 50  TYR A C   1 
ATOM   371  O O   . TYR A 1 55  ? -11.428 6.996   -1.612  1.00 13.93 ? 50  TYR A O   1 
ATOM   372  C CB  . TYR A 1 55  ? -9.624  6.073   -4.128  1.00 11.08 ? 50  TYR A CB  1 
ATOM   373  C CG  . TYR A 1 55  ? -8.380  6.880   -4.477  1.00 11.91 ? 50  TYR A CG  1 
ATOM   374  C CD1 . TYR A 1 55  ? -7.138  6.243   -4.661  1.00 12.04 ? 50  TYR A CD1 1 
ATOM   375  C CD2 . TYR A 1 55  ? -8.416  8.279   -4.531  1.00 11.17 ? 50  TYR A CD2 1 
ATOM   376  C CE1 . TYR A 1 55  ? -5.965  7.002   -4.935  1.00 10.76 ? 50  TYR A CE1 1 
ATOM   377  C CE2 . TYR A 1 55  ? -7.256  9.039   -4.806  1.00 11.50 ? 50  TYR A CE2 1 
ATOM   378  C CZ  . TYR A 1 55  ? -6.043  8.399   -4.988  1.00 11.55 ? 50  TYR A CZ  1 
ATOM   379  O OH  . TYR A 1 55  ? -4.898  9.134   -5.219  1.00 11.52 ? 50  TYR A OH  1 
ATOM   380  N N   . ASP A 1 56  ? -9.316  7.735   -1.312  1.00 11.09 ? 51  ASP A N   1 
ATOM   381  C CA  . ASP A 1 56  ? -9.809  8.830   -0.417  1.00 11.82 ? 51  ASP A CA  1 
ATOM   382  C C   . ASP A 1 56  ? -9.099  10.114  -0.843  1.00 13.15 ? 51  ASP A C   1 
ATOM   383  O O   . ASP A 1 56  ? -7.856  10.207  -0.751  1.00 14.12 ? 51  ASP A O   1 
ATOM   384  C CB  . ASP A 1 56  ? -9.447  8.476   1.025   1.00 13.93 ? 51  ASP A CB  1 
ATOM   385  C CG  . ASP A 1 56  ? -9.864  9.533   2.025   1.00 16.20 ? 51  ASP A CG  1 
ATOM   386  O OD1 . ASP A 1 56  ? -9.790  10.724  1.722   1.00 17.10 ? 51  ASP A OD1 1 
ATOM   387  O OD2 . ASP A 1 56  ? -10.275 9.179   3.149   1.00 17.43 ? 51  ASP A OD2 1 
ATOM   388  N N   . CYS A 1 57  ? -9.854  11.112  -1.324  1.00 13.69 ? 52  CYS A N   1 
ATOM   389  C CA  . CYS A 1 57  ? -9.224  12.300  -1.910  1.00 14.78 ? 52  CYS A CA  1 
ATOM   390  C C   . CYS A 1 57  ? -8.493  13.143  -0.867  1.00 13.98 ? 52  CYS A C   1 
ATOM   391  O O   . CYS A 1 57  ? -7.578  13.904  -1.214  1.00 15.24 ? 52  CYS A O   1 
ATOM   392  C CB  . CYS A 1 57  ? -10.289 13.209  -2.563  1.00 15.42 ? 52  CYS A CB  1 
ATOM   393  S SG  . CYS A 1 57  ? -11.279 12.413  -3.800  1.00 17.62 ? 52  CYS A SG  1 
ATOM   394  N N   . GLU A 1 58  ? -8.953  13.067  0.394   1.00 13.58 ? 53  GLU A N   1 
ATOM   395  C CA  . GLU A 1 58  ? -8.256  13.770  1.476   1.00 14.27 ? 53  GLU A CA  1 
ATOM   396  C C   . GLU A 1 58  ? -6.884  13.203  1.806   1.00 15.31 ? 53  GLU A C   1 
ATOM   397  O O   . GLU A 1 58  ? -5.931  13.931  2.102   1.00 16.42 ? 53  GLU A O   1 
ATOM   398  C CB  . GLU A 1 58  ? -9.139  13.895  2.737   1.00 17.11 ? 53  GLU A CB  1 
ATOM   399  C CG  . GLU A 1 58  ? -10.316 14.844  2.509   1.00 19.80 ? 53  GLU A CG  1 
ATOM   400  C CD  . GLU A 1 58  ? -9.822  16.251  2.238   1.00 20.44 ? 53  GLU A CD  1 
ATOM   401  O OE1 . GLU A 1 58  ? -9.938  16.729  1.080   1.00 21.82 ? 53  GLU A OE1 1 
ATOM   402  O OE2 . GLU A 1 58  ? -9.236  16.820  3.184   1.00 20.14 ? 53  GLU A OE2 1 
ATOM   403  N N   . VAL A 1 59  ? -6.784  11.892  1.740   1.00 12.20 ? 54  VAL A N   1 
ATOM   404  C CA  . VAL A 1 59  ? -5.503  11.193  1.897   1.00 12.57 ? 54  VAL A CA  1 
ATOM   405  C C   . VAL A 1 59  ? -4.617  11.536  0.717   1.00 12.11 ? 54  VAL A C   1 
ATOM   406  O O   . VAL A 1 59  ? -3.414  11.771  0.883   1.00 12.62 ? 54  VAL A O   1 
ATOM   407  C CB  . VAL A 1 59  ? -5.736  9.703   2.001   1.00 12.66 ? 54  VAL A CB  1 
ATOM   408  C CG1 . VAL A 1 59  ? -4.380  8.973   2.156   1.00 13.92 ? 54  VAL A CG1 1 
ATOM   409  C CG2 . VAL A 1 59  ? -6.602  9.431   3.289   1.00 12.96 ? 54  VAL A CG2 1 
ATOM   410  N N   . GLU A 1 60  ? -5.186  11.588  -0.491  1.00 12.54 ? 55  GLU A N   1 
ATOM   411  C CA  . GLU A 1 60  ? -4.382  12.067  -1.659  1.00 10.88 ? 55  GLU A CA  1 
ATOM   412  C C   . GLU A 1 60  ? -3.800  13.477  -1.437  1.00 13.11 ? 55  GLU A C   1 
ATOM   413  O O   . GLU A 1 60  ? -2.659  13.774  -1.806  1.00 13.95 ? 55  GLU A O   1 
ATOM   414  C CB  . GLU A 1 60  ? -5.241  12.086  -2.934  1.00 10.61 ? 55  GLU A CB  1 
ATOM   415  C CG  . GLU A 1 60  ? -4.533  12.691  -4.120  1.00 12.71 ? 55  GLU A CG  1 
ATOM   416  C CD  . GLU A 1 60  ? -5.399  12.612  -5.356  1.00 13.26 ? 55  GLU A CD  1 
ATOM   417  O OE1 . GLU A 1 60  ? -5.862  13.689  -5.774  1.00 16.52 ? 55  GLU A OE1 1 
ATOM   418  O OE2 . GLU A 1 60  ? -5.618  11.486  -5.877  1.00 12.69 ? 55  GLU A OE2 1 
ATOM   419  N N   . LYS A 1 61  ? -4.600  14.328  -0.769  1.00 13.40 ? 56  LYS A N   1 
ATOM   420  C CA  . LYS A 1 61  ? -4.193  15.715  -0.537  1.00 14.04 ? 56  LYS A CA  1 
ATOM   421  C C   . LYS A 1 61  ? -2.970  15.750  0.310   1.00 11.34 ? 56  LYS A C   1 
ATOM   422  O O   . LYS A 1 61  ? -2.027  16.448  -0.008  1.00 14.89 ? 56  LYS A O   1 
ATOM   423  C CB  . LYS A 1 61  ? -5.290  16.446  0.225   1.00 17.40 ? 56  LYS A CB  1 
ATOM   424  C CG  . LYS A 1 61  ? -4.910  17.838  0.644   1.00 20.50 ? 56  LYS A CG  1 
ATOM   425  C CD  . LYS A 1 61  ? -5.979  18.403  1.563   1.00 25.84 ? 56  LYS A CD  1 
ATOM   426  C CE  . LYS A 1 61  ? -5.617  19.818  2.015   1.00 27.04 ? 56  LYS A CE  1 
ATOM   427  N NZ  . LYS A 1 61  ? -5.357  20.788  0.866   1.00 30.87 ? 56  LYS A NZ  1 
ATOM   428  N N   . THR A 1 62  ? -2.956  14.981  1.387   1.00 11.19 ? 57  THR A N   1 
ATOM   429  C CA  . THR A 1 62  ? -1.731  14.978  2.227   1.00 11.01 ? 57  THR A CA  1 
ATOM   430  C C   . THR A 1 62  ? -0.541  14.262  1.561   1.00 13.83 ? 57  THR A C   1 
ATOM   431  O O   . THR A 1 62  ? 0.600   14.662  1.718   1.00 14.35 ? 57  THR A O   1 
ATOM   432  C CB  . THR A 1 62  ? -2.004  14.446  3.665   1.00 13.54 ? 57  THR A CB  1 
ATOM   433  O OG1 . THR A 1 62  ? -2.843  13.290  3.644   1.00 12.54 ? 57  THR A OG1 1 
ATOM   434  C CG2 . THR A 1 62  ? -2.676  15.573  4.500   1.00 14.12 ? 57  THR A CG2 1 
ATOM   435  N N   . ALA A 1 63  ? -0.805  13.216  0.780   1.00 12.07 ? 58  ALA A N   1 
ATOM   436  C CA  . ALA A 1 63  ? 0.280   12.611  -0.005  1.00 11.59 ? 58  ALA A CA  1 
ATOM   437  C C   . ALA A 1 63  ? 0.879   13.625  -0.970  1.00 12.05 ? 58  ALA A C   1 
ATOM   438  O O   . ALA A 1 63  ? 2.125   13.750  -1.117  1.00 12.51 ? 58  ALA A O   1 
ATOM   439  C CB  . ALA A 1 63  ? -0.241  11.377  -0.757  1.00 12.32 ? 58  ALA A CB  1 
ATOM   440  N N   . MET A 1 64  ? 0.000   14.379  -1.630  1.00 10.78 ? 59  MET A N   1 
ATOM   441  C CA  . MET A 1 64  ? 0.383   15.511  -2.470  1.00 11.83 ? 59  MET A CA  1 
ATOM   442  C C   . MET A 1 64  ? 1.254   16.539  -1.771  1.00 13.02 ? 59  MET A C   1 
ATOM   443  O O   . MET A 1 64  ? 2.233   17.037  -2.351  1.00 13.84 ? 59  MET A O   1 
ATOM   444  C CB  . MET A 1 64  ? -0.882  16.205  -3.048  1.00 11.85 ? 59  MET A CB  1 
ATOM   445  C CG  . MET A 1 64  ? -0.531  17.344  -3.997  1.00 13.75 ? 59  MET A CG  1 
ATOM   446  S SD  . MET A 1 64  ? -2.082  18.088  -4.582  1.00 17.10 ? 59  MET A SD  1 
ATOM   447  C CE  . MET A 1 64  ? -2.681  18.873  -3.089  1.00 17.40 ? 59  MET A CE  1 
ATOM   448  N N   . ASN A 1 65  ? 0.885   16.907  -0.534  1.00 12.06 ? 60  ASN A N   1 
ATOM   449  C CA  . ASN A 1 65  ? 1.657   17.876  0.208   1.00 12.87 ? 60  ASN A CA  1 
ATOM   450  C C   . ASN A 1 65  ? 3.114   17.412  0.346   1.00 12.77 ? 60  ASN A C   1 
ATOM   451  O O   . ASN A 1 65  ? 4.012   18.232  0.374   1.00 14.18 ? 60  ASN A O   1 
ATOM   452  C CB  . ASN A 1 65  ? 1.060   18.086  1.601   1.00 14.32 ? 60  ASN A CB  1 
ATOM   453  C CG  . ASN A 1 65  ? -0.265  18.815  1.568   1.00 14.69 ? 60  ASN A CG  1 
ATOM   454  O OD1 . ASN A 1 65  ? -0.640  19.373  0.537   1.00 17.30 ? 60  ASN A OD1 1 
ATOM   455  N ND2 . ASN A 1 65  ? -1.015  18.768  2.676   1.00 14.48 ? 60  ASN A ND2 1 
ATOM   456  N N   . ASN A 1 66  ? 3.339   16.100  0.464   1.00 12.00 ? 61  ASN A N   1 
ATOM   457  C CA  . ASN A 1 66  ? 4.697   15.574  0.500   1.00 12.18 ? 61  ASN A CA  1 
ATOM   458  C C   . ASN A 1 66  ? 5.296   15.611  -0.888  1.00 13.07 ? 61  ASN A C   1 
ATOM   459  O O   . ASN A 1 66  ? 6.329   16.255  -1.126  1.00 12.46 ? 61  ASN A O   1 
ATOM   460  C CB  . ASN A 1 66  ? 4.669   14.120  1.038   1.00 12.01 ? 61  ASN A CB  1 
ATOM   461  C CG  . ASN A 1 66  ? 6.065   13.483  1.148   1.00 12.37 ? 61  ASN A CG  1 
ATOM   462  O OD1 . ASN A 1 66  ? 7.005   13.917  0.497   1.00 13.78 ? 61  ASN A OD1 1 
ATOM   463  N ND2 . ASN A 1 66  ? 6.189   12.430  1.979   1.00 12.99 ? 61  ASN A ND2 1 
ATOM   464  N N   . ALA A 1 67  ? 4.625   14.959  -1.823  1.00 12.26 ? 62  ALA A N   1 
ATOM   465  C CA  . ALA A 1 67  ? 5.176   14.890  -3.203  1.00 11.70 ? 62  ALA A CA  1 
ATOM   466  C C   . ALA A 1 67  ? 5.565   16.253  -3.746  1.00 13.62 ? 62  ALA A C   1 
ATOM   467  O O   . ALA A 1 67  ? 6.591   16.348  -4.355  1.00 11.84 ? 62  ALA A O   1 
ATOM   468  C CB  . ALA A 1 67  ? 4.204   14.201  -4.136  1.00 12.95 ? 62  ALA A CB  1 
ATOM   469  N N   . LYS A 1 68  ? 4.742   17.286  -3.556  1.00 12.63 ? 63  LYS A N   1 
ATOM   470  C CA  . LYS A 1 68  ? 5.013   18.572  -4.205  1.00 15.64 ? 63  LYS A CA  1 
ATOM   471  C C   . LYS A 1 68  ? 6.307   19.221  -3.732  1.00 15.55 ? 63  LYS A C   1 
ATOM   472  O O   . LYS A 1 68  ? 6.829   20.119  -4.403  1.00 16.33 ? 63  LYS A O   1 
ATOM   473  C CB  . LYS A 1 68  ? 3.863   19.550  -3.954  1.00 16.42 ? 63  LYS A CB  1 
ATOM   474  C CG  . LYS A 1 68  ? 2.618   19.189  -4.757  1.00 18.25 ? 63  LYS A CG  1 
ATOM   475  C CD  . LYS A 1 68  ? 2.857   19.546  -6.195  1.00 21.49 ? 63  LYS A CD  1 
ATOM   476  C CE  . LYS A 1 68  ? 1.580   19.641  -7.013  1.00 22.22 ? 63  LYS A CE  1 
ATOM   477  N NZ  . LYS A 1 68  ? 1.910   19.627  -8.471  1.00 22.98 ? 63  LYS A NZ  1 
ATOM   478  N N   . GLN A 1 69  ? 6.823   18.834  -2.560  1.00 15.01 ? 64  GLN A N   1 
ATOM   479  C CA  . GLN A 1 69  ? 8.093   19.424  -2.102  1.00 15.69 ? 64  GLN A CA  1 
ATOM   480  C C   . GLN A 1 69  ? 9.324   18.899  -2.843  1.00 16.24 ? 64  GLN A C   1 
ATOM   481  O O   . GLN A 1 69  ? 10.411  19.489  -2.759  1.00 15.40 ? 64  GLN A O   1 
ATOM   482  C CB  . GLN A 1 69  ? 8.289   19.175  -0.621  1.00 17.24 ? 64  GLN A CB  1 
ATOM   483  C CG  . GLN A 1 69  ? 7.179   19.681  0.260   1.00 19.39 ? 64  GLN A CG  1 
ATOM   484  C CD  . GLN A 1 69  ? 7.350   19.221  1.691   1.00 21.64 ? 64  GLN A CD  1 
ATOM   485  O OE1 . GLN A 1 69  ? 8.409   19.450  2.320   1.00 21.71 ? 64  GLN A OE1 1 
ATOM   486  N NE2 . GLN A 1 69  ? 6.322   18.584  2.232   1.00 20.56 ? 64  GLN A NE2 1 
ATOM   487  N N   . CYS A 1 70  ? 9.171   17.780  -3.562  1.00 14.11 ? 65  CYS A N   1 
ATOM   488  C CA  . CYS A 1 70  ? 10.211  17.247  -4.434  1.00 14.35 ? 65  CYS A CA  1 
ATOM   489  C C   . CYS A 1 70  ? 11.506  16.954  -3.663  1.00 14.19 ? 65  CYS A C   1 
ATOM   490  O O   . CYS A 1 70  ? 12.597  17.198  -4.146  1.00 17.21 ? 65  CYS A O   1 
ATOM   491  C CB  . CYS A 1 70  ? 10.461  18.200  -5.621  1.00 15.50 ? 65  CYS A CB  1 
ATOM   492  S SG  . CYS A 1 70  ? 9.129   18.051  -6.842  1.00 17.47 ? 65  CYS A SG  1 
ATOM   493  N N   . VAL A 1 71  ? 11.339  16.463  -2.437  1.00 14.93 ? 66  VAL A N   1 
ATOM   494  C CA  . VAL A 1 71  ? 12.422  15.929  -1.604  1.00 14.45 ? 66  VAL A CA  1 
ATOM   495  C C   . VAL A 1 71  ? 11.992  14.510  -1.260  1.00 15.14 ? 66  VAL A C   1 
ATOM   496  O O   . VAL A 1 71  ? 10.870  14.281  -0.773  1.00 14.88 ? 66  VAL A O   1 
ATOM   497  C CB  . VAL A 1 71  ? 12.599  16.709  -0.320  1.00 17.46 ? 66  VAL A CB  1 
ATOM   498  C CG1 . VAL A 1 71  ? 13.758  16.121  0.466   1.00 18.00 ? 66  VAL A CG1 1 
ATOM   499  C CG2 . VAL A 1 71  ? 12.897  18.207  -0.649  1.00 16.74 ? 66  VAL A CG2 1 
ATOM   500  N N   . PHE A 1 72  ? 12.858  13.557  -1.561  1.00 14.54 ? 67  PHE A N   1 
ATOM   501  C CA  . PHE A 1 72  ? 12.537  12.148  -1.262  1.00 15.12 ? 67  PHE A CA  1 
ATOM   502  C C   . PHE A 1 72  ? 12.669  11.924  0.243   1.00 15.20 ? 67  PHE A C   1 
ATOM   503  O O   . PHE A 1 72  ? 13.774  11.669  0.745   1.00 15.96 ? 67  PHE A O   1 
ATOM   504  C CB  . PHE A 1 72  ? 13.511  11.236  -2.015  1.00 14.42 ? 67  PHE A CB  1 
ATOM   505  C CG  . PHE A 1 72  ? 13.191  9.753   -1.900  1.00 15.89 ? 67  PHE A CG  1 
ATOM   506  C CD1 . PHE A 1 72  ? 12.116  9.195   -2.579  1.00 16.31 ? 67  PHE A CD1 1 
ATOM   507  C CD2 . PHE A 1 72  ? 13.957  8.921   -1.104  1.00 16.62 ? 67  PHE A CD2 1 
ATOM   508  C CE1 . PHE A 1 72  ? 11.846  7.837   -2.455  1.00 15.50 ? 67  PHE A CE1 1 
ATOM   509  C CE2 . PHE A 1 72  ? 13.692  7.543   -0.989  1.00 17.42 ? 67  PHE A CE2 1 
ATOM   510  C CZ  . PHE A 1 72  ? 12.622  7.010   -1.644  1.00 15.68 ? 67  PHE A CZ  1 
ATOM   511  N N   . LYS A 1 73  ? 11.555  12.032  0.973   1.00 14.54 ? 68  LYS A N   1 
ATOM   512  C CA  . LYS A 1 73  ? 11.621  11.929  2.426   1.00 16.09 ? 68  LYS A CA  1 
ATOM   513  C C   . LYS A 1 73  ? 10.237  11.645  2.970   1.00 14.04 ? 68  LYS A C   1 
ATOM   514  O O   . LYS A 1 73  ? 9.243   12.217  2.524   1.00 13.47 ? 68  LYS A O   1 
ATOM   515  C CB  . LYS A 1 73  ? 12.129  13.261  3.029   1.00 18.38 ? 68  LYS A CB  1 
ATOM   516  C CG  . LYS A 1 73  ? 12.564  13.118  4.500   1.00 21.16 ? 68  LYS A CG  1 
ATOM   517  C CD  . LYS A 1 73  ? 12.798  14.491  5.142   1.00 24.67 ? 68  LYS A CD  1 
ATOM   518  C CE  . LYS A 1 73  ? 13.242  14.327  6.605   1.00 28.52 ? 68  LYS A CE  1 
ATOM   519  N NZ  . LYS A 1 73  ? 14.296  13.278  6.751   1.00 29.07 ? 68  LYS A NZ  1 
ATOM   520  N N   . HIS A 1 74  ? 10.193  10.781  3.966   1.00 13.77 ? 69  HIS A N   1 
ATOM   521  C CA  . HIS A 1 74  ? 8.954   10.598  4.720   1.00 13.95 ? 69  HIS A CA  1 
ATOM   522  C C   . HIS A 1 74  ? 8.530   11.885  5.403   1.00 14.62 ? 69  HIS A C   1 
ATOM   523  O O   . HIS A 1 74  ? 9.366   12.655  5.907   1.00 15.12 ? 69  HIS A O   1 
ATOM   524  C CB  . HIS A 1 74  ? 9.110   9.462   5.739   1.00 17.83 ? 69  HIS A CB  1 
ATOM   525  C CG  . HIS A 1 74  ? 8.869   8.122   5.136   1.00 20.75 ? 69  HIS A CG  1 
ATOM   526  N ND1 . HIS A 1 74  ? 9.885   7.227   4.880   1.00 23.79 ? 69  HIS A ND1 1 
ATOM   527  C CD2 . HIS A 1 74  ? 7.734   7.554   4.663   1.00 20.74 ? 69  HIS A CD2 1 
ATOM   528  C CE1 . HIS A 1 74  ? 9.374   6.145   4.312   1.00 21.82 ? 69  HIS A CE1 1 
ATOM   529  N NE2 . HIS A 1 74  ? 8.069   6.315   4.189   1.00 23.75 ? 69  HIS A NE2 1 
ATOM   530  N N   . SER A 1 75  ? 7.218   12.081  5.457   1.00 13.12 ? 70  SER A N   1 
ATOM   531  C CA  . SER A 1 75  ? 6.631   13.215  6.153   1.00 11.98 ? 70  SER A CA  1 
ATOM   532  C C   . SER A 1 75  ? 6.535   12.949  7.641   1.00 13.92 ? 70  SER A C   1 
ATOM   533  O O   . SER A 1 75  ? 6.470   11.804  8.123   1.00 13.80 ? 70  SER A O   1 
ATOM   534  C CB  . SER A 1 75  ? 5.211   13.525  5.594   1.00 12.97 ? 70  SER A CB  1 
ATOM   535  O OG  . SER A 1 75  ? 4.378   12.362  5.663   1.00 14.56 ? 70  SER A OG  1 
ATOM   536  N N   . GLN A 1 76  ? 6.523   14.046  8.379   1.00 12.31 ? 71  GLN A N   1 
ATOM   537  C CA  . GLN A 1 76  ? 6.359   13.927  9.798   1.00 15.68 ? 71  GLN A CA  1 
ATOM   538  C C   . GLN A 1 76  ? 4.894   13.628  10.102  1.00 17.71 ? 71  GLN A C   1 
ATOM   539  O O   . GLN A 1 76  ? 4.012   14.014  9.346   1.00 16.12 ? 71  GLN A O   1 
ATOM   540  C CB  . GLN A 1 76  ? 6.774   15.259  10.410  1.00 16.24 ? 71  GLN A CB  1 
ATOM   541  C CG  . GLN A 1 76  ? 8.278   15.444  10.415  1.00 16.27 ? 71  GLN A CG  1 
ATOM   542  C CD  . GLN A 1 76  ? 8.884   14.791  11.650  1.00 17.62 ? 71  GLN A CD  1 
ATOM   543  O OE1 . GLN A 1 76  ? 9.552   13.771  11.559  1.00 22.11 ? 71  GLN A OE1 1 
ATOM   544  N NE2 . GLN A 1 76  ? 8.630   15.383  12.822  1.00 20.76 ? 71  GLN A NE2 1 
ATOM   545  N N   . PRO A 1 77  ? 4.616   12.901  11.198  1.00 18.99 ? 72  PRO A N   1 
ATOM   546  C CA  . PRO A 1 77  ? 3.253   12.486  11.494  1.00 18.96 ? 72  PRO A CA  1 
ATOM   547  C C   . PRO A 1 77  ? 2.178   13.587  11.511  1.00 19.49 ? 72  PRO A C   1 
ATOM   548  O O   . PRO A 1 77  ? 1.066   13.314  11.077  1.00 20.00 ? 72  PRO A O   1 
ATOM   549  C CB  . PRO A 1 77  ? 3.393   11.802  12.865  1.00 21.82 ? 72  PRO A CB  1 
ATOM   550  C CG  . PRO A 1 77  ? 4.763   11.173  12.761  1.00 22.03 ? 72  PRO A CG  1 
ATOM   551  C CD  . PRO A 1 77  ? 5.579   12.310  12.148  1.00 22.80 ? 72  PRO A CD  1 
ATOM   552  N N   . ASN A 1 78  ? 2.480   14.781  12.027  1.00 19.90 ? 73  ASN A N   1 
ATOM   553  C CA  . ASN A 1 78  ? 1.525   15.867  12.050  1.00 20.05 ? 73  ASN A CA  1 
ATOM   554  C C   . ASN A 1 78  ? 1.219   16.403  10.645  1.00 18.96 ? 73  ASN A C   1 
ATOM   555  O O   . ASN A 1 78  ? 0.259   17.148  10.472  1.00 18.87 ? 73  ASN A O   1 
ATOM   556  C CB  . ASN A 1 78  ? 1.988   16.988  12.989  1.00 23.47 ? 73  ASN A CB  1 
ATOM   557  C CG  . ASN A 1 78  ? 0.885   17.929  13.360  1.00 25.68 ? 73  ASN A CG  1 
ATOM   558  O OD1 . ASN A 1 78  ? 1.022   19.160  13.227  1.00 28.80 ? 73  ASN A OD1 1 
ATOM   559  N ND2 . ASN A 1 78  ? -0.242  17.379  13.802  1.00 24.74 ? 73  ASN A ND2 1 
ATOM   560  N N   . GLN A 1 79  ? 1.975   15.959  9.637   1.00 16.59 ? 74  GLN A N   1 
ATOM   561  C CA  . GLN A 1 79  ? 1.684   16.354  8.240   1.00 13.91 ? 74  GLN A CA  1 
ATOM   562  C C   . GLN A 1 79  ? 0.875   15.272  7.506   1.00 13.92 ? 74  GLN A C   1 
ATOM   563  O O   . GLN A 1 79  ? 0.555   15.401  6.311   1.00 14.00 ? 74  GLN A O   1 
ATOM   564  C CB  . GLN A 1 79  ? 2.973   16.713  7.503   1.00 14.42 ? 74  GLN A CB  1 
ATOM   565  C CG  . GLN A 1 79  ? 3.475   18.060  7.926   1.00 19.10 ? 74  GLN A CG  1 
ATOM   566  C CD  . GLN A 1 79  ? 4.914   18.251  7.597   1.00 20.93 ? 74  GLN A CD  1 
ATOM   567  O OE1 . GLN A 1 79  ? 5.262   18.683  6.492   1.00 23.86 ? 74  GLN A OE1 1 
ATOM   568  N NE2 . GLN A 1 79  ? 5.780   18.012  8.581   1.00 20.27 ? 74  GLN A NE2 1 
ATOM   569  N N   . ARG A 1 80  ? 0.554   14.211  8.249   1.00 13.87 ? 75  ARG A N   1 
ATOM   570  C CA  . ARG A 1 80  ? -0.298  13.153  7.739   1.00 13.32 ? 75  ARG A CA  1 
ATOM   571  C C   . ARG A 1 80  ? -0.972  12.481  8.910   1.00 13.42 ? 75  ARG A C   1 
ATOM   572  O O   . ARG A 1 80  ? -0.816  11.271  9.165   1.00 14.47 ? 75  ARG A O   1 
ATOM   573  C CB  . ARG A 1 80  ? 0.563   12.156  6.974   1.00 13.29 ? 75  ARG A CB  1 
ATOM   574  C CG  . ARG A 1 80  ? 1.786   11.697  7.746   1.00 13.49 ? 75  ARG A CG  1 
ATOM   575  C CD  . ARG A 1 80  ? 2.347   10.422  7.123   1.00 13.74 ? 75  ARG A CD  1 
ATOM   576  N NE  . ARG A 1 80  ? 3.767   10.216  7.388   1.00 14.99 ? 75  ARG A NE  1 
ATOM   577  C CZ  . ARG A 1 80  ? 4.310   9.094   7.839   1.00 17.07 ? 75  ARG A CZ  1 
ATOM   578  N NH1 . ARG A 1 80  ? 3.539   8.038   8.126   1.00 15.79 ? 75  ARG A NH1 1 
ATOM   579  N NH2 . ARG A 1 80  ? 5.638   9.019   8.012   1.00 18.38 ? 75  ARG A NH2 1 
ATOM   580  N N   . LYS A 1 81  ? -1.724  13.270  9.679   1.00 14.49 ? 76  LYS A N   1 
ATOM   581  C CA  . LYS A 1 81  ? -2.250  12.740  10.921  1.00 15.11 ? 76  LYS A CA  1 
ATOM   582  C C   . LYS A 1 81  ? -3.051  11.474  10.735  1.00 15.09 ? 76  LYS A C   1 
ATOM   583  O O   . LYS A 1 81  ? -3.989  11.424  9.953   1.00 16.25 ? 76  LYS A O   1 
ATOM   584  C CB  . LYS A 1 81  ? -3.115  13.783  11.622  1.00 18.83 ? 76  LYS A CB  1 
ATOM   585  C CG  . LYS A 1 81  ? -2.291  14.930  12.133  1.00 22.86 ? 76  LYS A CG  1 
ATOM   586  C CD  . LYS A 1 81  ? -3.148  16.005  12.737  1.00 27.15 ? 76  LYS A CD  1 
ATOM   587  C CE  . LYS A 1 81  ? -3.316  17.159  11.748  1.00 30.37 ? 76  LYS A CE  1 
ATOM   588  N NZ  . LYS A 1 81  ? -4.377  16.949  10.723  1.00 30.30 ? 76  LYS A NZ  1 
ATOM   589  N N   . GLY A 1 82  ? -2.679  10.470  11.494  1.00 16.62 ? 77  GLY A N   1 
ATOM   590  C CA  . GLY A 1 82  ? -3.427  9.226   11.506  1.00 16.73 ? 77  GLY A CA  1 
ATOM   591  C C   . GLY A 1 82  ? -3.142  8.342   10.296  1.00 17.40 ? 77  GLY A C   1 
ATOM   592  O O   . GLY A 1 82  ? -3.889  7.367   10.068  1.00 18.76 ? 77  GLY A O   1 
ATOM   593  N N   . LEU A 1 83  ? -2.105  8.679   9.531   1.00 14.89 ? 78  LEU A N   1 
ATOM   594  C CA  . LEU A 1 83  ? -1.845  7.967   8.247   1.00 12.26 ? 78  LEU A CA  1 
ATOM   595  C C   . LEU A 1 83  ? -0.475  7.343   8.143   1.00 12.45 ? 78  LEU A C   1 
ATOM   596  O O   . LEU A 1 83  ? 0.508   7.885   8.679   1.00 12.87 ? 78  LEU A O   1 
ATOM   597  C CB  . LEU A 1 83  ? -1.980  8.925   7.067   1.00 13.04 ? 78  LEU A CB  1 
ATOM   598  C CG  . LEU A 1 83  ? -3.347  9.569   6.976   1.00 12.03 ? 78  LEU A CG  1 
ATOM   599  C CD1 . LEU A 1 83  ? -3.290  10.666  5.896   1.00 13.84 ? 78  LEU A CD1 1 
ATOM   600  C CD2 . LEU A 1 83  ? -4.431  8.542   6.647   1.00 13.84 ? 78  LEU A CD2 1 
ATOM   601  N N   . GLY A 1 84  ? -0.385  6.215   7.405   1.00 11.43 ? 79  GLY A N   1 
ATOM   602  C CA  . GLY A 1 84  ? 0.912   5.605   7.079   1.00 11.85 ? 79  GLY A CA  1 
ATOM   603  C C   . GLY A 1 84  ? 1.366   6.162   5.729   1.00 11.18 ? 79  GLY A C   1 
ATOM   604  O O   . GLY A 1 84  ? 0.660   6.974   5.091   1.00 10.49 ? 79  GLY A O   1 
ATOM   605  N N   . GLU A 1 85  ? 2.550   5.742   5.280   1.00 9.96  ? 80  GLU A N   1 
ATOM   606  C CA  . GLU A 1 85  ? 3.084   6.363   4.076   1.00 9.52  ? 80  GLU A CA  1 
ATOM   607  C C   . GLU A 1 85  ? 4.144   5.466   3.431   1.00 10.51 ? 80  GLU A C   1 
ATOM   608  O O   . GLU A 1 85  ? 5.036   4.912   4.145   1.00 10.75 ? 80  GLU A O   1 
ATOM   609  C CB  . GLU A 1 85  ? 3.752   7.676   4.441   1.00 10.67 ? 80  GLU A CB  1 
ATOM   610  C CG  . GLU A 1 85  ? 4.324   8.470   3.211   1.00 9.38  ? 80  GLU A CG  1 
ATOM   611  C CD  . GLU A 1 85  ? 4.923   9.775   3.701   1.00 11.83 ? 80  GLU A CD  1 
ATOM   612  O OE1 . GLU A 1 85  ? 6.009   9.728   4.342   1.00 12.65 ? 80  GLU A OE1 1 
ATOM   613  O OE2 . GLU A 1 85  ? 4.257   10.829  3.548   1.00 12.69 ? 80  GLU A OE2 1 
ATOM   614  N N   . ASN A 1 86  ? 4.068   5.340   2.099   1.00 9.79  ? 81  ASN A N   1 
ATOM   615  C CA  . ASN A 1 86  ? 5.134   4.668   1.305   1.00 9.72  ? 81  ASN A CA  1 
ATOM   616  C C   . ASN A 1 86  ? 5.614   5.664   0.287   1.00 9.35  ? 81  ASN A C   1 
ATOM   617  O O   . ASN A 1 86  ? 4.820   6.393   -0.293  1.00 9.90  ? 81  ASN A O   1 
ATOM   618  C CB  . ASN A 1 86  ? 4.562   3.494   0.520   1.00 10.44 ? 81  ASN A CB  1 
ATOM   619  C CG  . ASN A 1 86  ? 4.428   2.241   1.368   1.00 11.34 ? 81  ASN A CG  1 
ATOM   620  O OD1 . ASN A 1 86  ? 5.188   2.092   2.341   1.00 14.10 ? 81  ASN A OD1 1 
ATOM   621  N ND2 . ASN A 1 86  ? 3.571   1.297   0.957   1.00 10.86 ? 81  ASN A ND2 1 
ATOM   622  N N   . ILE A 1 87  ? 6.935   5.717   0.069   1.00 9.79  ? 82  ILE A N   1 
ATOM   623  C CA  . ILE A 1 87  ? 7.436   6.665   -0.939  1.00 10.32 ? 82  ILE A CA  1 
ATOM   624  C C   . ILE A 1 87  ? 8.285   5.924   -1.987  1.00 10.30 ? 82  ILE A C   1 
ATOM   625  O O   . ILE A 1 87  ? 8.807   4.818   -1.722  1.00 10.27 ? 82  ILE A O   1 
ATOM   626  C CB  . ILE A 1 87  ? 8.260   7.820   -0.308  1.00 11.66 ? 82  ILE A CB  1 
ATOM   627  C CG1 . ILE A 1 87  ? 9.507   7.286   0.396   1.00 13.17 ? 82  ILE A CG1 1 
ATOM   628  C CG2 . ILE A 1 87  ? 7.361   8.657   0.606   1.00 12.08 ? 82  ILE A CG2 1 
ATOM   629  C CD1 . ILE A 1 87  ? 10.381  8.426   0.991   1.00 12.57 ? 82  ILE A CD1 1 
ATOM   630  N N   . PHE A 1 88  ? 8.363   6.480   -3.202  1.00 9.36  ? 83  PHE A N   1 
ATOM   631  C CA  . PHE A 1 88  ? 9.092   5.814   -4.301  1.00 11.08 ? 83  PHE A CA  1 
ATOM   632  C C   . PHE A 1 88  ? 9.606   6.884   -5.228  1.00 11.80 ? 83  PHE A C   1 
ATOM   633  O O   . PHE A 1 88  ? 8.970   7.936   -5.385  1.00 11.38 ? 83  PHE A O   1 
ATOM   634  C CB  . PHE A 1 88  ? 8.153   4.874   -5.090  1.00 11.76 ? 83  PHE A CB  1 
ATOM   635  C CG  . PHE A 1 88  ? 8.712   4.364   -6.415  1.00 12.63 ? 83  PHE A CG  1 
ATOM   636  C CD1 . PHE A 1 88  ? 9.504   3.237   -6.468  1.00 12.73 ? 83  PHE A CD1 1 
ATOM   637  C CD2 . PHE A 1 88  ? 8.403   5.024   -7.601  1.00 13.20 ? 83  PHE A CD2 1 
ATOM   638  C CE1 . PHE A 1 88  ? 10.004  2.755   -7.726  1.00 15.35 ? 83  PHE A CE1 1 
ATOM   639  C CE2 . PHE A 1 88  ? 8.917   4.580   -8.856  1.00 15.03 ? 83  PHE A CE2 1 
ATOM   640  C CZ  . PHE A 1 88  ? 9.722   3.428   -8.887  1.00 14.49 ? 83  PHE A CZ  1 
ATOM   641  N N   . MET A 1 89  ? 10.750  6.639   -5.853  1.00 12.06 ? 84  MET A N   1 
ATOM   642  C CA  . MET A 1 89  ? 11.167  7.596   -6.890  1.00 12.37 ? 84  MET A CA  1 
ATOM   643  C C   . MET A 1 89  ? 11.819  6.854   -8.044  1.00 13.15 ? 84  MET A C   1 
ATOM   644  O O   . MET A 1 89  ? 12.424  5.782   -7.871  1.00 13.69 ? 84  MET A O   1 
ATOM   645  C CB  . MET A 1 89  ? 12.135  8.642   -6.353  1.00 13.10 ? 84  MET A CB  1 
ATOM   646  C CG  . MET A 1 89  ? 13.434  8.035   -5.813  1.00 16.23 ? 84  MET A CG  1 
ATOM   647  S SD  . MET A 1 89  ? 14.559  9.334   -5.298  1.00 21.24 ? 84  MET A SD  1 
ATOM   648  C CE  . MET A 1 89  ? 15.218  9.795   -6.859  1.00 18.49 ? 84  MET A CE  1 
ATOM   649  N N   . SER A 1 90  ? 11.711  7.486   -9.219  1.00 13.08 ? 85  SER A N   1 
ATOM   650  C CA  . SER A 1 90  ? 12.410  7.048   -10.412 1.00 14.07 ? 85  SER A CA  1 
ATOM   651  C C   . SER A 1 90  ? 13.151  8.237   -11.004 1.00 13.95 ? 85  SER A C   1 
ATOM   652  O O   . SER A 1 90  ? 12.703  9.352   -10.908 1.00 13.91 ? 85  SER A O   1 
ATOM   653  C CB  . SER A 1 90  ? 11.366  6.613   -11.448 1.00 15.68 ? 85  SER A CB  1 
ATOM   654  O OG  . SER A 1 90  ? 11.946  6.451   -12.724 1.00 16.61 ? 85  SER A OG  1 
ATOM   655  N N   . SER A 1 91  ? 14.278  7.998   -11.675 1.00 14.77 ? 86  SER A N   1 
ATOM   656  C CA  . SER A 1 91  ? 14.978  9.091   -12.323 1.00 15.00 ? 86  SER A CA  1 
ATOM   657  C C   . SER A 1 91  ? 14.308  9.545   -13.628 1.00 14.52 ? 86  SER A C   1 
ATOM   658  O O   . SER A 1 91  ? 14.717  10.571  -14.173 1.00 15.84 ? 86  SER A O   1 
ATOM   659  C CB  . SER A 1 91  ? 16.415  8.646   -12.688 1.00 17.54 ? 86  SER A CB  1 
ATOM   660  O OG  . SER A 1 91  ? 16.301  7.667   -13.725 1.00 22.52 ? 86  SER A OG  1 
ATOM   661  N N   . ASP A 1 92  ? 13.309  8.803   -14.120 1.00 14.97 ? 87  ASP A N   1 
ATOM   662  C CA  . ASP A 1 92  ? 12.540  9.214   -15.315 1.00 14.50 ? 87  ASP A CA  1 
ATOM   663  C C   . ASP A 1 92  ? 11.459  10.209  -14.899 1.00 14.22 ? 87  ASP A C   1 
ATOM   664  O O   . ASP A 1 92  ? 10.306  9.823   -14.684 1.00 11.98 ? 87  ASP A O   1 
ATOM   665  C CB  . ASP A 1 92  ? 11.912  7.953   -15.939 1.00 16.68 ? 87  ASP A CB  1 
ATOM   666  C CG  . ASP A 1 92  ? 11.278  8.184   -17.297 1.00 18.32 ? 87  ASP A CG  1 
ATOM   667  O OD1 . ASP A 1 92  ? 11.164  9.332   -17.735 1.00 17.78 ? 87  ASP A OD1 1 
ATOM   668  O OD2 . ASP A 1 92  ? 10.860  7.160   -17.901 1.00 19.24 ? 87  ASP A OD2 1 
ATOM   669  N N   . SER A 1 93  ? 11.854  11.484  -14.823 1.00 13.48 ? 88  SER A N   1 
ATOM   670  C CA  . SER A 1 93  ? 11.011  12.621  -14.345 1.00 15.17 ? 88  SER A CA  1 
ATOM   671  C C   . SER A 1 93  ? 9.674   12.698  -15.001 1.00 15.07 ? 88  SER A C   1 
ATOM   672  O O   . SER A 1 93  ? 8.621   12.953  -14.350 1.00 16.78 ? 88  SER A O   1 
ATOM   673  C CB  . SER A 1 93  ? 11.768  13.949  -14.592 1.00 18.08 ? 88  SER A CB  1 
ATOM   674  O OG  . SER A 1 93  ? 12.637  14.062  -13.504 1.00 27.28 ? 88  SER A OG  1 
ATOM   675  N N   . GLY A 1 94  ? 9.692   12.508  -16.300 1.00 14.64 ? 89  GLY A N   1 
ATOM   676  C CA  . GLY A 1 94  ? 8.465   12.720  -17.064 1.00 14.71 ? 89  GLY A CA  1 
ATOM   677  C C   . GLY A 1 94  ? 7.660   11.453  -17.294 1.00 16.31 ? 89  GLY A C   1 
ATOM   678  O O   . GLY A 1 94  ? 6.809   11.434  -18.167 1.00 17.73 ? 89  GLY A O   1 
ATOM   679  N N   . MET A 1 95  ? 7.947   10.394  -16.536 1.00 13.89 ? 90  MET A N   1 
ATOM   680  C CA  . MET A 1 95  ? 7.212   9.150   -16.650 1.00 15.45 ? 90  MET A CA  1 
ATOM   681  C C   . MET A 1 95  ? 5.714   9.363   -16.570 1.00 14.51 ? 90  MET A C   1 
ATOM   682  O O   . MET A 1 95  ? 5.243   10.206  -15.789 1.00 14.20 ? 90  MET A O   1 
ATOM   683  C CB  . MET A 1 95  ? 7.625   8.210   -15.509 1.00 14.44 ? 90  MET A CB  1 
ATOM   684  C CG  . MET A 1 95  ? 6.923   6.839   -15.532 1.00 19.07 ? 90  MET A CG  1 
ATOM   685  S SD  . MET A 1 95  ? 7.638   5.631   -14.397 1.00 21.45 ? 90  MET A SD  1 
ATOM   686  C CE  . MET A 1 95  ? 9.210   5.475   -15.147 1.00 22.89 ? 90  MET A CE  1 
ATOM   687  N N   . ASP A 1 96  ? 4.967   8.580   -17.357 1.00 14.50 ? 91  ASP A N   1 
ATOM   688  C CA  . ASP A 1 96  ? 3.506   8.655   -17.335 1.00 14.03 ? 91  ASP A CA  1 
ATOM   689  C C   . ASP A 1 96  ? 3.064   8.345   -15.926 1.00 13.21 ? 91  ASP A C   1 
ATOM   690  O O   . ASP A 1 96  ? 3.621   7.439   -15.310 1.00 13.55 ? 91  ASP A O   1 
ATOM   691  C CB  . ASP A 1 96  ? 2.967   7.600   -18.294 1.00 15.09 ? 91  ASP A CB  1 
ATOM   692  C CG  . ASP A 1 96  ? 1.509   7.398   -18.150 1.00 17.65 ? 91  ASP A CG  1 
ATOM   693  O OD1 . ASP A 1 96  ? 0.696   8.091   -18.819 1.00 19.74 ? 91  ASP A OD1 1 
ATOM   694  O OD2 . ASP A 1 96  ? 1.131   6.515   -17.357 1.00 17.45 ? 91  ASP A OD2 1 
ATOM   695  N N   . LYS A 1 97  ? 2.129   9.101   -15.359 1.00 12.71 ? 92  LYS A N   1 
ATOM   696  C CA  . LYS A 1 97  ? 1.813   8.888   -13.926 1.00 12.81 ? 92  LYS A CA  1 
ATOM   697  C C   . LYS A 1 97  ? 1.214   7.554   -13.574 1.00 12.03 ? 92  LYS A C   1 
ATOM   698  O O   . LYS A 1 97  ? 1.437   7.065   -12.473 1.00 12.60 ? 92  LYS A O   1 
ATOM   699  C CB  . LYS A 1 97  ? 0.946   10.037  -13.381 1.00 14.60 ? 92  LYS A CB  1 
ATOM   700  C CG  . LYS A 1 97  ? 1.669   11.376  -13.480 1.00 13.05 ? 92  LYS A CG  1 
ATOM   701  C CD  . LYS A 1 97  ? 1.003   12.489  -12.651 1.00 15.49 ? 92  LYS A CD  1 
ATOM   702  C CE  . LYS A 1 97  ? 1.761   13.827  -12.825 1.00 17.32 ? 92  LYS A CE  1 
ATOM   703  N NZ  . LYS A 1 97  ? 1.099   14.626  -13.879 1.00 25.74 ? 92  LYS A NZ  1 
ATOM   704  N N   . ALA A 1 98  ? 0.445   6.944   -14.489 1.00 11.41 ? 93  ALA A N   1 
ATOM   705  C CA  . ALA A 1 98  ? -0.110  5.597   -14.199 1.00 10.44 ? 93  ALA A CA  1 
ATOM   706  C C   . ALA A 1 98  ? 0.970   4.546   -14.299 1.00 12.23 ? 93  ALA A C   1 
ATOM   707  O O   . ALA A 1 98  ? 0.954   3.541   -13.576 1.00 14.25 ? 93  ALA A O   1 
ATOM   708  C CB  . ALA A 1 98  ? -1.262  5.239   -15.175 1.00 11.61 ? 93  ALA A CB  1 
ATOM   709  N N   . LYS A 1 99  ? 1.952   4.768   -15.178 1.00 11.04 ? 94  LYS A N   1 
ATOM   710  C CA  . LYS A 1 99  ? 3.119   3.878   -15.226 1.00 12.41 ? 94  LYS A CA  1 
ATOM   711  C C   . LYS A 1 99  ? 3.930   3.999   -13.910 1.00 12.09 ? 94  LYS A C   1 
ATOM   712  O O   . LYS A 1 99  ? 4.442   2.996   -13.372 1.00 10.93 ? 94  LYS A O   1 
ATOM   713  C CB  . LYS A 1 99  ? 4.031   4.170   -16.442 1.00 12.32 ? 94  LYS A CB  1 
ATOM   714  C CG  . LYS A 1 99  ? 5.284   3.258   -16.466 1.00 15.39 ? 94  LYS A CG  1 
ATOM   715  C CD  . LYS A 1 99  ? 6.143   3.528   -17.700 1.00 17.89 ? 94  LYS A CD  1 
ATOM   716  C CE  . LYS A 1 99  ? 7.500   2.800   -17.560 1.00 21.74 ? 94  LYS A CE  1 
ATOM   717  N NZ  . LYS A 1 99  ? 8.503   3.267   -18.564 1.00 25.53 ? 94  LYS A NZ  1 
ATOM   718  N N   . ALA A 1 100 ? 4.068   5.234   -13.406 1.00 11.57 ? 95  ALA A N   1 
ATOM   719  C CA  . ALA A 1 100 ? 4.792   5.434   -12.121 1.00 10.19 ? 95  ALA A CA  1 
ATOM   720  C C   . ALA A 1 100 ? 4.016   4.747   -10.974 1.00 10.92 ? 95  ALA A C   1 
ATOM   721  O O   . ALA A 1 100 ? 4.619   4.149   -10.103 1.00 11.55 ? 95  ALA A O   1 
ATOM   722  C CB  . ALA A 1 100 ? 4.928   6.911   -11.844 1.00 12.35 ? 95  ALA A CB  1 
ATOM   723  N N   . ALA A 1 101 ? 2.694   4.795   -11.022 1.00 10.57 ? 96  ALA A N   1 
ATOM   724  C CA  . ALA A 1 101 ? 1.885   4.122   -9.999  1.00 11.15 ? 96  ALA A CA  1 
ATOM   725  C C   . ALA A 1 101 ? 2.168   2.614   -10.012 1.00 12.06 ? 96  ALA A C   1 
ATOM   726  O O   . ALA A 1 101 ? 2.261   1.956   -8.970  1.00 13.26 ? 96  ALA A O   1 
ATOM   727  C CB  . ALA A 1 101 ? 0.400   4.388   -10.273 1.00 10.77 ? 96  ALA A CB  1 
ATOM   728  N N   . GLU A 1 102 ? 2.269   2.058   -11.221 1.00 11.96 ? 97  GLU A N   1 
ATOM   729  C CA  . GLU A 1 102 ? 2.513   0.643   -11.382 1.00 11.53 ? 97  GLU A CA  1 
ATOM   730  C C   . GLU A 1 102 ? 3.885   0.307   -10.843 1.00 11.55 ? 97  GLU A C   1 
ATOM   731  O O   . GLU A 1 102 ? 4.064   -0.661  -10.092 1.00 12.08 ? 97  GLU A O   1 
ATOM   732  C CB  . GLU A 1 102 ? 2.481   0.309   -12.878 1.00 14.49 ? 97  GLU A CB  1 
ATOM   733  C CG  . GLU A 1 102 ? 2.589   -1.182  -13.149 1.00 17.77 ? 97  GLU A CG  1 
ATOM   734  C CD  . GLU A 1 102 ? 2.454   -1.455  -14.630 1.00 21.89 ? 97  GLU A CD  1 
ATOM   735  O OE1 . GLU A 1 102 ? 2.301   -0.468  -15.390 1.00 24.41 ? 97  GLU A OE1 1 
ATOM   736  O OE2 . GLU A 1 102 ? 2.466   -2.635  -15.019 1.00 23.63 ? 97  GLU A OE2 1 
ATOM   737  N N   . GLN A 1 103 ? 4.866   1.125   -11.191 1.00 11.87 ? 98  GLN A N   1 
ATOM   738  C CA  . GLN A 1 103 ? 6.244   0.818   -10.758 1.00 13.79 ? 98  GLN A CA  1 
ATOM   739  C C   . GLN A 1 103 ? 6.394   0.908   -9.255  1.00 12.83 ? 98  GLN A C   1 
ATOM   740  O O   . GLN A 1 103 ? 7.082   0.092   -8.619  1.00 14.51 ? 98  GLN A O   1 
ATOM   741  C CB  . GLN A 1 103 ? 7.212   1.776   -11.426 1.00 15.22 ? 98  GLN A CB  1 
ATOM   742  C CG  . GLN A 1 103 ? 7.290   1.594   -12.914 1.00 20.04 ? 98  GLN A CG  1 
ATOM   743  C CD  . GLN A 1 103 ? 8.626   2.113   -13.485 1.00 20.96 ? 98  GLN A CD  1 
ATOM   744  O OE1 . GLN A 1 103 ? 9.403   2.798   -12.801 1.00 22.81 ? 98  GLN A OE1 1 
ATOM   745  N NE2 . GLN A 1 103 ? 8.877   1.787   -14.761 1.00 23.61 ? 98  GLN A NE2 1 
ATOM   746  N N   . ALA A 1 104 ? 5.757   1.920   -8.665  1.00 11.42 ? 99  ALA A N   1 
ATOM   747  C CA  . ALA A 1 104 ? 5.874   2.091   -7.205  1.00 9.64  ? 99  ALA A CA  1 
ATOM   748  C C   . ALA A 1 104 ? 5.238   0.938   -6.480  1.00 9.89  ? 99  ALA A C   1 
ATOM   749  O O   . ALA A 1 104 ? 5.795   0.372   -5.538  1.00 11.38 ? 99  ALA A O   1 
ATOM   750  C CB  . ALA A 1 104 ? 5.214   3.387   -6.770  1.00 9.30  ? 99  ALA A CB  1 
ATOM   751  N N   . SER A 1 105 ? 4.061   0.539   -6.961  1.00 9.84  ? 100 SER A N   1 
ATOM   752  C CA  . SER A 1 105 ? 3.302   -0.499  -6.272  1.00 9.34  ? 100 SER A CA  1 
ATOM   753  C C   . SER A 1 105 ? 4.064   -1.804  -6.393  1.00 11.27 ? 100 SER A C   1 
ATOM   754  O O   . SER A 1 105 ? 4.143   -2.557  -5.425  1.00 12.37 ? 100 SER A O   1 
ATOM   755  C CB  . SER A 1 105 ? 1.891   -0.619  -6.873  1.00 9.95  ? 100 SER A CB  1 
ATOM   756  O OG  . SER A 1 105 ? 1.166   0.639   -6.745  1.00 10.25 ? 100 SER A OG  1 
ATOM   757  N N   . LYS A 1 106 ? 4.654   -2.078  -7.558  1.00 11.24 ? 101 LYS A N   1 
ATOM   758  C CA  . LYS A 1 106 ? 5.488   -3.290  -7.719  1.00 12.52 ? 101 LYS A CA  1 
ATOM   759  C C   . LYS A 1 106 ? 6.720   -3.265  -6.814  1.00 11.62 ? 101 LYS A C   1 
ATOM   760  O O   . LYS A 1 106 ? 7.089   -4.295  -6.263  1.00 13.09 ? 101 LYS A O   1 
ATOM   761  C CB  . LYS A 1 106 ? 5.952   -3.458  -9.176  1.00 13.32 ? 101 LYS A CB  1 
ATOM   762  C CG  . LYS A 1 106 ? 4.833   -3.816  -10.144 1.00 16.08 ? 101 LYS A CG  1 
ATOM   763  C CD  . LYS A 1 106 ? 5.457   -3.771  -11.541 1.00 20.43 ? 101 LYS A CD  1 
ATOM   764  C CE  . LYS A 1 106 ? 4.714   -4.547  -12.562 1.00 22.24 ? 101 LYS A CE  1 
ATOM   765  N NZ  . LYS A 1 106 ? 5.410   -4.387  -13.916 1.00 24.05 ? 101 LYS A NZ  1 
ATOM   766  N N   . ALA A 1 107 ? 7.401   -2.114  -6.691  1.00 11.50 ? 102 ALA A N   1 
ATOM   767  C CA  . ALA A 1 107 ? 8.637   -2.020  -5.892  1.00 11.45 ? 102 ALA A CA  1 
ATOM   768  C C   . ALA A 1 107 ? 8.341   -2.258  -4.418  1.00 13.35 ? 102 ALA A C   1 
ATOM   769  O O   . ALA A 1 107 ? 9.118   -2.885  -3.693  1.00 14.76 ? 102 ALA A O   1 
ATOM   770  C CB  . ALA A 1 107 ? 9.279   -0.632  -6.057  1.00 12.90 ? 102 ALA A CB  1 
ATOM   771  N N   . TRP A 1 108 ? 7.219   -1.701  -3.975  1.00 12.14 ? 103 TRP A N   1 
ATOM   772  C CA  . TRP A 1 108 ? 6.821   -1.860  -2.566  1.00 10.96 ? 103 TRP A CA  1 
ATOM   773  C C   . TRP A 1 108 ? 6.449   -3.299  -2.295  1.00 10.97 ? 103 TRP A C   1 
ATOM   774  O O   . TRP A 1 108 ? 6.903   -3.909  -1.317  1.00 11.76 ? 103 TRP A O   1 
ATOM   775  C CB  . TRP A 1 108 ? 5.648   -0.945  -2.215  1.00 11.77 ? 103 TRP A CB  1 
ATOM   776  C CG  . TRP A 1 108 ? 6.002   0.544   -2.322  1.00 10.64 ? 103 TRP A CG  1 
ATOM   777  C CD1 . TRP A 1 108 ? 7.232   1.127   -2.135  1.00 9.94  ? 103 TRP A CD1 1 
ATOM   778  C CD2 . TRP A 1 108 ? 5.089   1.604   -2.615  1.00 9.58  ? 103 TRP A CD2 1 
ATOM   779  N NE1 . TRP A 1 108 ? 7.143   2.500   -2.344  1.00 10.66 ? 103 TRP A NE1 1 
ATOM   780  C CE2 . TRP A 1 108 ? 5.838   2.803   -2.657  1.00 9.39  ? 103 TRP A CE2 1 
ATOM   781  C CE3 . TRP A 1 108 ? 3.698   1.645   -2.908  1.00 10.68 ? 103 TRP A CE3 1 
ATOM   782  C CZ2 . TRP A 1 108 ? 5.244   4.037   -2.896  1.00 9.33  ? 103 TRP A CZ2 1 
ATOM   783  C CZ3 . TRP A 1 108 ? 3.113   2.882   -3.161  1.00 10.77 ? 103 TRP A CZ3 1 
ATOM   784  C CH2 . TRP A 1 108 ? 3.909   4.064   -3.180  1.00 10.03 ? 103 TRP A CH2 1 
ATOM   785  N N   . PHE A 1 109 ? 5.564   -3.829  -3.128  1.00 10.32 ? 104 PHE A N   1 
ATOM   786  C CA  . PHE A 1 109 ? 5.077   -5.186  -2.907  1.00 10.52 ? 104 PHE A CA  1 
ATOM   787  C C   . PHE A 1 109 ? 6.193   -6.194  -3.067  1.00 12.07 ? 104 PHE A C   1 
ATOM   788  O O   . PHE A 1 109 ? 6.173   -7.237  -2.419  1.00 12.94 ? 104 PHE A O   1 
ATOM   789  C CB  . PHE A 1 109 ? 3.947   -5.477  -3.871  1.00 10.82 ? 104 PHE A CB  1 
ATOM   790  C CG  . PHE A 1 109 ? 3.279   -6.791  -3.586  1.00 10.50 ? 104 PHE A CG  1 
ATOM   791  C CD1 . PHE A 1 109 ? 2.278   -6.871  -2.608  1.00 10.26 ? 104 PHE A CD1 1 
ATOM   792  C CD2 . PHE A 1 109 ? 3.662   -7.932  -4.273  1.00 11.36 ? 104 PHE A CD2 1 
ATOM   793  C CE1 . PHE A 1 109 ? 1.659   -8.084  -2.343  1.00 13.22 ? 104 PHE A CE1 1 
ATOM   794  C CE2 . PHE A 1 109 ? 3.058   -9.158  -3.981  1.00 10.37 ? 104 PHE A CE2 1 
ATOM   795  C CZ  . PHE A 1 109 ? 2.065   -9.233  -3.035  1.00 10.52 ? 104 PHE A CZ  1 
ATOM   796  N N   . GLY A 1 110 ? 7.187   -5.865  -3.890  1.00 13.22 ? 105 GLY A N   1 
ATOM   797  C CA  . GLY A 1 110 ? 8.262   -6.815  -4.200  1.00 14.14 ? 105 GLY A CA  1 
ATOM   798  C C   . GLY A 1 110 ? 9.152   -7.186  -3.028  1.00 14.13 ? 105 GLY A C   1 
ATOM   799  O O   . GLY A 1 110 ? 9.850   -8.191  -3.099  1.00 15.77 ? 105 GLY A O   1 
ATOM   800  N N   . GLU A 1 111 ? 9.068   -6.416  -1.935  1.00 11.76 ? 106 GLU A N   1 
ATOM   801  C CA  . GLU A 1 111 ? 9.774   -6.715  -0.667  1.00 11.93 ? 106 GLU A CA  1 
ATOM   802  C C   . GLU A 1 111 ? 9.439   -8.125  -0.156  1.00 13.30 ? 106 GLU A C   1 
ATOM   803  O O   . GLU A 1 111 ? 10.305  -8.790  0.424   1.00 14.12 ? 106 GLU A O   1 
ATOM   804  C CB  . GLU A 1 111 ? 9.446   -5.626  0.366   1.00 12.43 ? 106 GLU A CB  1 
ATOM   805  C CG  . GLU A 1 111 ? 10.084  -4.308  -0.076  1.00 12.74 ? 106 GLU A CG  1 
ATOM   806  C CD  . GLU A 1 111 ? 9.819   -3.148  0.838   1.00 16.12 ? 106 GLU A CD  1 
ATOM   807  O OE1 . GLU A 1 111 ? 8.915   -3.261  1.699   1.00 16.05 ? 106 GLU A OE1 1 
ATOM   808  O OE2 . GLU A 1 111 ? 10.550  -2.110  0.676   1.00 14.93 ? 106 GLU A OE2 1 
ATOM   809  N N   . LEU A 1 112 ? 8.192   -8.581  -0.354  1.00 11.68 ? 107 LEU A N   1 
ATOM   810  C CA  . LEU A 1 112 ? 7.810   -9.905  0.170   1.00 10.96 ? 107 LEU A CA  1 
ATOM   811  C C   . LEU A 1 112 ? 8.635   -10.987 -0.542  1.00 11.78 ? 107 LEU A C   1 
ATOM   812  O O   . LEU A 1 112 ? 9.253   -11.816 0.124   1.00 12.90 ? 107 LEU A O   1 
ATOM   813  C CB  . LEU A 1 112 ? 6.307   -10.154 -0.077  1.00 11.17 ? 107 LEU A CB  1 
ATOM   814  C CG  . LEU A 1 112 ? 5.803   -11.585 0.227   1.00 12.88 ? 107 LEU A CG  1 
ATOM   815  C CD1 . LEU A 1 112 ? 5.975   -11.940 1.719   1.00 12.03 ? 107 LEU A CD1 1 
ATOM   816  C CD2 . LEU A 1 112 ? 4.330   -11.694 -0.258  1.00 11.60 ? 107 LEU A CD2 1 
ATOM   817  N N   . ALA A 1 113 ? 8.664   -10.956 -1.863  1.00 13.97 ? 108 ALA A N   1 
ATOM   818  C CA  . ALA A 1 113 ? 9.416   -11.980 -2.619  1.00 14.23 ? 108 ALA A CA  1 
ATOM   819  C C   . ALA A 1 113 ? 10.927  -11.840 -2.497  1.00 16.76 ? 108 ALA A C   1 
ATOM   820  O O   . ALA A 1 113 ? 11.643  -12.859 -2.456  1.00 17.24 ? 108 ALA A O   1 
ATOM   821  C CB  . ALA A 1 113 ? 9.035   -11.954 -4.085  1.00 15.03 ? 108 ALA A CB  1 
ATOM   822  N N   . GLU A 1 114 ? 11.428  -10.612 -2.487  1.00 16.30 ? 109 GLU A N   1 
ATOM   823  C CA  . GLU A 1 114 ? 12.890  -10.431 -2.403  1.00 17.65 ? 109 GLU A CA  1 
ATOM   824  C C   . GLU A 1 114 ? 13.526  -10.596 -1.042  1.00 18.42 ? 109 GLU A C   1 
ATOM   825  O O   . GLU A 1 114 ? 14.606  -11.238 -0.940  1.00 20.63 ? 109 GLU A O   1 
ATOM   826  C CB  . GLU A 1 114 ? 13.299  -9.069  -2.955  1.00 19.70 ? 109 GLU A CB  1 
ATOM   827  C CG  . GLU A 1 114 ? 14.839  -8.957  -3.083  1.00 22.70 ? 109 GLU A CG  1 
ATOM   828  C CD  . GLU A 1 114 ? 15.330  -7.549  -3.394  1.00 24.54 ? 109 GLU A CD  1 
ATOM   829  O OE1 . GLU A 1 114 ? 14.498  -6.658  -3.685  1.00 26.65 ? 109 GLU A OE1 1 
ATOM   830  O OE2 . GLU A 1 114 ? 16.578  -7.337  -3.349  1.00 28.90 ? 109 GLU A OE2 1 
ATOM   831  N N   . LYS A 1 115 ? 12.933  -9.982  -0.017  1.00 14.27 ? 110 LYS A N   1 
ATOM   832  C CA  . LYS A 1 115 ? 13.481  -9.985  1.340   1.00 14.58 ? 110 LYS A CA  1 
ATOM   833  C C   . LYS A 1 115 ? 12.889  -11.088 2.215   1.00 15.24 ? 110 LYS A C   1 
ATOM   834  O O   . LYS A 1 115 ? 13.564  -11.546 3.155   1.00 19.28 ? 110 LYS A O   1 
ATOM   835  C CB  . LYS A 1 115 ? 13.286  -8.636  2.030   1.00 14.83 ? 110 LYS A CB  1 
ATOM   836  C CG  . LYS A 1 115 ? 13.866  -7.459  1.172   1.00 17.66 ? 110 LYS A CG  1 
ATOM   837  C CD  . LYS A 1 115 ? 15.267  -7.739  0.702   1.00 23.73 ? 110 LYS A CD  1 
ATOM   838  C CE  . LYS A 1 115 ? 16.019  -6.436  0.371   1.00 26.81 ? 110 LYS A CE  1 
ATOM   839  N NZ  . LYS A 1 115 ? 17.341  -6.726  -0.291  1.00 30.22 ? 110 LYS A NZ  1 
ATOM   840  N N   . GLY A 1 116 ? 11.626  -11.481 1.982   1.00 13.24 ? 111 GLY A N   1 
ATOM   841  C CA  . GLY A 1 116 ? 10.998  -12.503 2.812   1.00 14.93 ? 111 GLY A CA  1 
ATOM   842  C C   . GLY A 1 116 ? 10.343  -11.923 4.058   1.00 15.35 ? 111 GLY A C   1 
ATOM   843  O O   . GLY A 1 116 ? 10.858  -10.971 4.671   1.00 15.61 ? 111 GLY A O   1 
ATOM   844  N N   . VAL A 1 117 ? 9.187   -12.469 4.430   1.00 13.30 ? 112 VAL A N   1 
ATOM   845  C CA  . VAL A 1 117 ? 8.550   -12.070 5.667   1.00 13.07 ? 112 VAL A CA  1 
ATOM   846  C C   . VAL A 1 117 ? 8.429   -13.290 6.587   1.00 14.25 ? 112 VAL A C   1 
ATOM   847  O O   . VAL A 1 117 ? 8.904   -13.267 7.737   1.00 16.60 ? 112 VAL A O   1 
ATOM   848  C CB  . VAL A 1 117 ? 7.150   -11.518 5.360   1.00 13.91 ? 112 VAL A CB  1 
ATOM   849  C CG1 . VAL A 1 117 ? 6.331   -11.386 6.624   1.00 14.26 ? 112 VAL A CG1 1 
ATOM   850  C CG2 . VAL A 1 117 ? 7.310   -10.158 4.643   1.00 13.23 ? 112 VAL A CG2 1 
ATOM   851  N N   . GLY A 1 118 ? 7.823   -14.352 6.067   1.00 15.24 ? 113 GLY A N   1 
ATOM   852  C CA  . GLY A 1 118 ? 7.639   -15.575 6.887   1.00 13.16 ? 113 GLY A CA  1 
ATOM   853  C C   . GLY A 1 118 ? 6.252   -15.747 7.434   1.00 14.20 ? 113 GLY A C   1 
ATOM   854  O O   . GLY A 1 118 ? 5.342   -14.936 7.154   1.00 13.39 ? 113 GLY A O   1 
ATOM   855  N N   . GLN A 1 119 ? 6.056   -16.810 8.225   1.00 14.32 ? 114 GLN A N   1 
ATOM   856  C CA  . GLN A 1 119 ? 4.686   -17.140 8.675   1.00 13.34 ? 114 GLN A CA  1 
ATOM   857  C C   . GLN A 1 119 ? 4.284   -16.400 9.939   1.00 13.61 ? 114 GLN A C   1 
ATOM   858  O O   . GLN A 1 119 ? 3.090   -16.337 10.273  1.00 16.27 ? 114 GLN A O   1 
ATOM   859  C CB  . GLN A 1 119 ? 4.563   -18.642 8.931   1.00 13.70 ? 114 GLN A CB  1 
ATOM   860  C CG  . GLN A 1 119 ? 4.819   -19.497 7.730   1.00 19.65 ? 114 GLN A CG  1 
ATOM   861  C CD  . GLN A 1 119 ? 3.976   -19.092 6.558   1.00 24.04 ? 114 GLN A CD  1 
ATOM   862  O OE1 . GLN A 1 119 ? 2.761   -19.352 6.527   1.00 25.28 ? 114 GLN A OE1 1 
ATOM   863  N NE2 . GLN A 1 119 ? 4.606   -18.428 5.575   1.00 27.27 ? 114 GLN A NE2 1 
ATOM   864  N N   . ASN A 1 120 ? 5.248   -15.811 10.655  1.00 14.31 ? 115 ASN A N   1 
ATOM   865  C CA  . ASN A 1 120 ? 4.907   -14.997 11.816  1.00 14.01 ? 115 ASN A CA  1 
ATOM   866  C C   . ASN A 1 120 ? 4.743   -13.546 11.404  1.00 14.89 ? 115 ASN A C   1 
ATOM   867  O O   . ASN A 1 120 ? 5.730   -12.876 11.057  1.00 16.11 ? 115 ASN A O   1 
ATOM   868  C CB  . ASN A 1 120 ? 6.011   -15.041 12.893  1.00 13.98 ? 115 ASN A CB  1 
ATOM   869  C CG  . ASN A 1 120 ? 5.613   -14.308 14.173  1.00 15.57 ? 115 ASN A CG  1 
ATOM   870  O OD1 . ASN A 1 120 ? 4.621   -13.575 14.217  1.00 17.87 ? 115 ASN A OD1 1 
ATOM   871  N ND2 . ASN A 1 120 ? 6.374   -14.563 15.257  1.00 17.14 ? 115 ASN A ND2 1 
ATOM   872  N N   . LEU A 1 121 ? 3.513   -13.058 11.496  1.00 14.37 ? 116 LEU A N   1 
ATOM   873  C CA  . LEU A 1 121 ? 3.196   -11.738 10.933  1.00 14.94 ? 116 LEU A CA  1 
ATOM   874  C C   . LEU A 1 121 ? 3.276   -10.619 11.932  1.00 16.54 ? 116 LEU A C   1 
ATOM   875  O O   . LEU A 1 121 ? 2.881   -9.474  11.638  1.00 15.50 ? 116 LEU A O   1 
ATOM   876  C CB  . LEU A 1 121 ? 1.825   -11.772 10.252  1.00 14.53 ? 116 LEU A CB  1 
ATOM   877  C CG  . LEU A 1 121 ? 1.702   -12.828 9.169   1.00 13.29 ? 116 LEU A CG  1 
ATOM   878  C CD1 . LEU A 1 121 ? 0.307   -12.675 8.568   1.00 15.78 ? 116 LEU A CD1 1 
ATOM   879  C CD2 . LEU A 1 121 ? 2.791   -12.638 8.095   1.00 14.91 ? 116 LEU A CD2 1 
ATOM   880  N N   . LYS A 1 122 ? 3.793   -10.924 13.124  1.00 17.84 ? 117 LYS A N   1 
ATOM   881  C CA  . LYS A 1 122 ? 4.062   -9.884  14.128  1.00 18.31 ? 117 LYS A CA  1 
ATOM   882  C C   . LYS A 1 122 ? 5.129   -8.912  13.656  1.00 20.65 ? 117 LYS A C   1 
ATOM   883  O O   . LYS A 1 122 ? 6.256   -9.304  13.318  1.00 20.25 ? 117 LYS A O   1 
ATOM   884  C CB  . LYS A 1 122 ? 4.539   -10.537 15.435  1.00 20.43 ? 117 LYS A CB  1 
ATOM   885  C CG  . LYS A 1 122 ? 4.610   -9.592  16.627  1.00 22.84 ? 117 LYS A CG  1 
ATOM   886  C CD  . LYS A 1 122 ? 5.122   -10.354 17.845  1.00 25.07 ? 117 LYS A CD  1 
ATOM   887  C CE  . LYS A 1 122 ? 5.107   -9.486  19.079  1.00 26.50 ? 117 LYS A CE  1 
ATOM   888  N NZ  . LYS A 1 122 ? 6.287   -8.592  19.050  1.00 30.75 ? 117 LYS A NZ  1 
ATOM   889  N N   . LEU A 1 123 ? 4.808   -7.640  13.648  1.00 21.68 ? 118 LEU A N   1 
ATOM   890  C CA  . LEU A 1 123 ? 5.794   -6.692  13.174  1.00 24.09 ? 118 LEU A CA  1 
ATOM   891  C C   . LEU A 1 123 ? 6.869   -6.397  14.225  1.00 25.33 ? 118 LEU A C   1 
ATOM   892  O O   . LEU A 1 123 ? 6.754   -5.413  14.949  1.00 26.99 ? 118 LEU A O   1 
ATOM   893  C CB  . LEU A 1 123 ? 5.121   -5.397  12.723  1.00 24.22 ? 118 LEU A CB  1 
ATOM   894  C CG  . LEU A 1 123 ? 6.124   -4.484  12.011  1.00 25.70 ? 118 LEU A CG  1 
ATOM   895  C CD1 . LEU A 1 123 ? 6.653   -5.135  10.738  1.00 25.76 ? 118 LEU A CD1 1 
ATOM   896  C CD2 . LEU A 1 123 ? 5.502   -3.124  11.700  1.00 25.68 ? 118 LEU A CD2 1 
ATOM   897  N N   . THR A 1 124 ? 7.897   -7.254  14.289  1.00 24.43 ? 119 THR A N   1 
ATOM   898  C CA  . THR A 1 124 ? 9.061   -7.095  15.188  1.00 26.65 ? 119 THR A CA  1 
ATOM   899  C C   . THR A 1 124 ? 10.157  -6.217  14.609  1.00 28.45 ? 119 THR A C   1 
ATOM   900  O O   . THR A 1 124 ? 10.229  -6.033  13.401  1.00 29.04 ? 119 THR A O   1 
ATOM   901  C CB  . THR A 1 124 ? 9.761   -8.430  15.371  1.00 27.04 ? 119 THR A CB  1 
ATOM   902  O OG1 . THR A 1 124 ? 10.181  -8.898  14.083  1.00 26.86 ? 119 THR A OG1 1 
ATOM   903  C CG2 . THR A 1 124 ? 8.817   -9.445  15.991  1.00 26.97 ? 119 THR A CG2 1 
ATOM   904  N N   . GLY A 1 125 ? 11.061  -5.732  15.470  1.00 28.88 ? 120 GLY A N   1 
ATOM   905  C CA  . GLY A 1 125 ? 12.205  -4.943  14.998  1.00 29.31 ? 120 GLY A CA  1 
ATOM   906  C C   . GLY A 1 125 ? 12.962  -5.761  13.980  1.00 28.60 ? 120 GLY A C   1 
ATOM   907  O O   . GLY A 1 125 ? 13.395  -5.255  12.938  1.00 29.20 ? 120 GLY A O   1 
ATOM   908  N N   . GLY A 1 126 ? 13.100  -7.042  14.266  1.00 28.85 ? 121 GLY A N   1 
ATOM   909  C CA  . GLY A 1 126 ? 13.849  -7.908  13.390  1.00 29.15 ? 121 GLY A CA  1 
ATOM   910  C C   . GLY A 1 126 ? 13.174  -7.983  12.044  1.00 28.25 ? 121 GLY A C   1 
ATOM   911  O O   . GLY A 1 126 ? 13.833  -7.972  11.011  1.00 27.55 ? 121 GLY A O   1 
ATOM   912  N N   . LEU A 1 127 ? 11.852  -8.036  12.053  1.00 27.98 ? 122 LEU A N   1 
ATOM   913  C CA  . LEU A 1 127 ? 11.140  -8.182  10.781  1.00 26.80 ? 122 LEU A CA  1 
ATOM   914  C C   . LEU A 1 127 ? 11.289  -6.920  9.948   1.00 27.66 ? 122 LEU A C   1 
ATOM   915  O O   . LEU A 1 127 ? 11.650  -6.969  8.764   1.00 28.96 ? 122 LEU A O   1 
ATOM   916  C CB  . LEU A 1 127 ? 9.669   -8.540  11.005  1.00 25.50 ? 122 LEU A CB  1 
ATOM   917  C CG  . LEU A 1 127 ? 8.878   -8.658  9.696   1.00 23.61 ? 122 LEU A CG  1 
ATOM   918  C CD1 . LEU A 1 127 ? 9.491   -9.673  8.737   1.00 23.96 ? 122 LEU A CD1 1 
ATOM   919  C CD2 . LEU A 1 127 ? 7.417   -8.981  10.026  1.00 22.75 ? 122 LEU A CD2 1 
ATOM   920  N N   . PHE A 1 128 ? 11.045  -5.783  10.568  1.00 28.51 ? 123 PHE A N   1 
ATOM   921  C CA  . PHE A 1 128 ? 11.133  -4.526  9.853   1.00 30.58 ? 123 PHE A CA  1 
ATOM   922  C C   . PHE A 1 128 ? 12.528  -4.346  9.275   1.00 31.31 ? 123 PHE A C   1 
ATOM   923  O O   . PHE A 1 128 ? 12.687  -3.906  8.127   1.00 30.94 ? 123 PHE A O   1 
ATOM   924  C CB  . PHE A 1 128 ? 10.787  -3.358  10.779  1.00 32.97 ? 123 PHE A CB  1 
ATOM   925  C CG  . PHE A 1 128 ? 10.367  -2.113  10.051  1.00 33.69 ? 123 PHE A CG  1 
ATOM   926  C CD1 . PHE A 1 128 ? 9.033   -1.909  9.708   1.00 34.20 ? 123 PHE A CD1 1 
ATOM   927  C CD2 . PHE A 1 128 ? 11.300  -1.140  9.709   1.00 34.51 ? 123 PHE A CD2 1 
ATOM   928  C CE1 . PHE A 1 128 ? 8.632   -0.771  9.044   1.00 34.72 ? 123 PHE A CE1 1 
ATOM   929  C CE2 . PHE A 1 128 ? 10.907  0.014   9.028   1.00 34.79 ? 123 PHE A CE2 1 
ATOM   930  C CZ  . PHE A 1 128 ? 9.570   0.198   8.689   1.00 34.34 ? 123 PHE A CZ  1 
ATOM   931  N N   . SER A 1 129 ? 13.538  -4.698  10.062  1.00 30.94 ? 124 SER A N   1 
ATOM   932  C CA  . SER A 1 129 ? 14.916  -4.517  9.616   1.00 31.57 ? 124 SER A CA  1 
ATOM   933  C C   . SER A 1 129 ? 15.216  -5.346  8.366   1.00 31.13 ? 124 SER A C   1 
ATOM   934  O O   . SER A 1 129 ? 16.265  -5.169  7.742   1.00 31.42 ? 124 SER A O   1 
ATOM   935  C CB  . SER A 1 129 ? 15.905  -4.836  10.748  1.00 33.37 ? 124 SER A CB  1 
ATOM   936  O OG  . SER A 1 129 ? 15.921  -6.219  11.044  1.00 35.95 ? 124 SER A OG  1 
ATOM   937  N N   . ARG A 1 130 ? 14.311  -6.251  7.984   1.00 29.52 ? 125 ARG A N   1 
ATOM   938  C CA  . ARG A 1 130 ? 14.506  -7.000  6.743   1.00 29.62 ? 125 ARG A CA  1 
ATOM   939  C C   . ARG A 1 130 ? 14.228  -6.116  5.521   1.00 26.85 ? 125 ARG A C   1 
ATOM   940  O O   . ARG A 1 130 ? 14.516  -6.506  4.380   1.00 28.64 ? 125 ARG A O   1 
ATOM   941  C CB  . ARG A 1 130 ? 13.627  -8.254  6.673   1.00 29.66 ? 125 ARG A CB  1 
ATOM   942  C CG  . ARG A 1 130 ? 14.096  -9.458  7.503   1.00 31.10 ? 125 ARG A CG  1 
ATOM   943  C CD  . ARG A 1 130 ? 13.352  -10.724 7.041   1.00 32.72 ? 125 ARG A CD  1 
ATOM   944  N NE  . ARG A 1 130 ? 14.144  -11.538 6.110   1.00 35.80 ? 125 ARG A NE  1 
ATOM   945  C CZ  . ARG A 1 130 ? 13.763  -12.734 5.664   1.00 37.27 ? 125 ARG A CZ  1 
ATOM   946  N NH1 . ARG A 1 130 ? 12.601  -13.231 6.042   1.00 38.50 ? 125 ARG A NH1 1 
ATOM   947  N NH2 . ARG A 1 130 ? 14.523  -13.431 4.825   1.00 38.39 ? 125 ARG A NH2 1 
ATOM   948  N N   . GLY A 1 131 ? 13.675  -4.942  5.776   1.00 25.19 ? 126 GLY A N   1 
ATOM   949  C CA  . GLY A 1 131 ? 13.306  -3.989  4.720   1.00 22.59 ? 126 GLY A CA  1 
ATOM   950  C C   . GLY A 1 131 ? 11.997  -4.361  4.054   1.00 20.59 ? 126 GLY A C   1 
ATOM   951  O O   . GLY A 1 131 ? 11.895  -4.367  2.829   1.00 20.31 ? 126 GLY A O   1 
ATOM   952  N N   . VAL A 1 132 ? 10.994  -4.696  4.862   1.00 16.92 ? 127 VAL A N   1 
ATOM   953  C CA  . VAL A 1 132 ? 9.699   -5.097  4.302   1.00 14.94 ? 127 VAL A CA  1 
ATOM   954  C C   . VAL A 1 132 ? 8.566   -4.131  4.597   1.00 14.66 ? 127 VAL A C   1 
ATOM   955  O O   . VAL A 1 132 ? 7.406   -4.451  4.378   1.00 13.18 ? 127 VAL A O   1 
ATOM   956  C CB  . VAL A 1 132 ? 9.300   -6.515  4.726   1.00 15.97 ? 127 VAL A CB  1 
ATOM   957  C CG1 . VAL A 1 132 ? 10.231  -7.560  4.054   1.00 14.96 ? 127 VAL A CG1 1 
ATOM   958  C CG2 . VAL A 1 132 ? 9.314   -6.611  6.227   1.00 16.76 ? 127 VAL A CG2 1 
ATOM   959  N N   . GLY A 1 133 ? 8.897   -2.951  5.122   1.00 13.98 ? 128 GLY A N   1 
ATOM   960  C CA  . GLY A 1 133 ? 7.873   -2.081  5.649   1.00 12.98 ? 128 GLY A CA  1 
ATOM   961  C C   . GLY A 1 133 ? 6.985   -1.415  4.603   1.00 13.24 ? 128 GLY A C   1 
ATOM   962  O O   . GLY A 1 133 ? 5.892   -0.936  4.917   1.00 13.37 ? 128 GLY A O   1 
ATOM   963  N N   . HIS A 1 134 ? 7.417   -1.402  3.349   1.00 12.18 ? 129 HIS A N   1 
ATOM   964  C CA  . HIS A 1 134 ? 6.507   -0.869  2.328   1.00 12.24 ? 129 HIS A CA  1 
ATOM   965  C C   . HIS A 1 134 ? 5.464   -1.934  1.987   1.00 11.22 ? 129 HIS A C   1 
ATOM   966  O O   . HIS A 1 134 ? 4.287   -1.636  1.845   1.00 10.25 ? 129 HIS A O   1 
ATOM   967  C CB  . HIS A 1 134 ? 7.249   -0.443  1.059   1.00 16.15 ? 129 HIS A CB  1 
ATOM   968  C CG  . HIS A 1 134 ? 8.327   0.567   1.295   1.00 19.06 ? 129 HIS A CG  1 
ATOM   969  N ND1 . HIS A 1 134 ? 9.666   0.227   1.311   1.00 21.70 ? 129 HIS A ND1 1 
ATOM   970  C CD2 . HIS A 1 134 ? 8.271   1.900   1.518   1.00 21.59 ? 129 HIS A CD2 1 
ATOM   971  C CE1 . HIS A 1 134 ? 10.388  1.316   1.533   1.00 22.84 ? 129 HIS A CE1 1 
ATOM   972  N NE2 . HIS A 1 134 ? 9.564   2.340   1.679   1.00 22.89 ? 129 HIS A NE2 1 
ATOM   973  N N   . TYR A 1 135 ? 5.886   -3.185  1.788   1.00 10.06 ? 130 TYR A N   1 
ATOM   974  C CA  . TYR A 1 135 ? 4.942   -4.287  1.636   1.00 9.48  ? 130 TYR A CA  1 
ATOM   975  C C   . TYR A 1 135 ? 3.948   -4.408  2.776   1.00 10.57 ? 130 TYR A C   1 
ATOM   976  O O   . TYR A 1 135 ? 2.732   -4.525  2.523   1.00 9.78  ? 130 TYR A O   1 
ATOM   977  C CB  . TYR A 1 135 ? 5.720   -5.623  1.459   1.00 10.48 ? 130 TYR A CB  1 
ATOM   978  C CG  . TYR A 1 135 ? 4.843   -6.844  1.684   1.00 9.37  ? 130 TYR A CG  1 
ATOM   979  C CD1 . TYR A 1 135 ? 3.960   -7.269  0.718   1.00 10.53 ? 130 TYR A CD1 1 
ATOM   980  C CD2 . TYR A 1 135 ? 4.871   -7.528  2.902   1.00 10.54 ? 130 TYR A CD2 1 
ATOM   981  C CE1 . TYR A 1 135 ? 3.150   -8.373  0.917   1.00 8.90  ? 130 TYR A CE1 1 
ATOM   982  C CE2 . TYR A 1 135 ? 4.057   -8.632  3.112   1.00 11.07 ? 130 TYR A CE2 1 
ATOM   983  C CZ  . TYR A 1 135 ? 3.198   -9.025  2.127   1.00 10.40 ? 130 TYR A CZ  1 
ATOM   984  O OH  . TYR A 1 135 ? 2.393   -10.104 2.329   1.00 11.59 ? 130 TYR A OH  1 
ATOM   985  N N   . THR A 1 136 ? 4.433   -4.381  4.014   1.00 11.07 ? 131 THR A N   1 
ATOM   986  C CA  . THR A 1 136 ? 3.525   -4.634  5.147   1.00 11.76 ? 131 THR A CA  1 
ATOM   987  C C   . THR A 1 136 ? 2.465   -3.529  5.230   1.00 10.43 ? 131 THR A C   1 
ATOM   988  O O   . THR A 1 136 ? 1.347   -3.768  5.668   1.00 10.88 ? 131 THR A O   1 
ATOM   989  C CB  . THR A 1 136 ? 4.287   -4.753  6.493   1.00 11.37 ? 131 THR A CB  1 
ATOM   990  O OG1 . THR A 1 136 ? 5.055   -3.556  6.702   1.00 13.10 ? 131 THR A OG1 1 
ATOM   991  C CG2 . THR A 1 136 ? 5.209   -5.920  6.457   1.00 10.52 ? 131 THR A CG2 1 
ATOM   992  N N   . GLN A 1 137 ? 2.816   -2.298  4.829   1.00 11.90 ? 132 GLN A N   1 
ATOM   993  C CA  . GLN A 1 137 ? 1.782   -1.276  4.784   1.00 11.21 ? 132 GLN A CA  1 
ATOM   994  C C   . GLN A 1 137 ? 0.751   -1.539  3.654   1.00 10.97 ? 132 GLN A C   1 
ATOM   995  O O   . GLN A 1 137 ? -0.439  -1.340  3.833   1.00 11.80 ? 132 GLN A O   1 
ATOM   996  C CB  . GLN A 1 137 ? 2.397   0.140   4.718   1.00 11.64 ? 132 GLN A CB  1 
ATOM   997  C CG  . GLN A 1 137 ? 1.367   1.250   4.587   1.00 11.10 ? 132 GLN A CG  1 
ATOM   998  C CD  . GLN A 1 137 ? 0.377   1.357   5.787   1.00 12.61 ? 132 GLN A CD  1 
ATOM   999  O OE1 . GLN A 1 137 ? -0.725  0.736   5.793   1.00 15.44 ? 132 GLN A OE1 1 
ATOM   1000 N NE2 . GLN A 1 137 ? 0.730   2.191   6.757   1.00 11.44 ? 132 GLN A NE2 1 
ATOM   1001 N N   . MET A 1 138 ? 1.211   -2.029  2.493   1.00 9.10  ? 133 MET A N   1 
ATOM   1002 C CA  . MET A 1 138 ? 0.263   -2.248  1.417   1.00 9.67  ? 133 MET A CA  1 
ATOM   1003 C C   . MET A 1 138 ? -0.775  -3.290  1.837   1.00 11.33 ? 133 MET A C   1 
ATOM   1004 O O   . MET A 1 138 ? -1.919  -3.201  1.415   1.00 12.24 ? 133 MET A O   1 
ATOM   1005 C CB  . MET A 1 138 ? 0.966   -2.777  0.160   1.00 11.41 ? 133 MET A CB  1 
ATOM   1006 C CG  . MET A 1 138 ? 1.681   -1.677  -0.588  1.00 10.56 ? 133 MET A CG  1 
ATOM   1007 S SD  . MET A 1 138 ? 2.422   -2.314  -2.137  1.00 12.20 ? 133 MET A SD  1 
ATOM   1008 C CE  . MET A 1 138 ? 0.914   -2.408  -3.136  1.00 10.62 ? 133 MET A CE  1 
ATOM   1009 N N   . VAL A 1 139 ? -0.359  -4.332  2.580   1.00 10.44 ? 134 VAL A N   1 
ATOM   1010 C CA  . VAL A 1 139 ? -1.289  -5.402  2.944   1.00 9.93  ? 134 VAL A CA  1 
ATOM   1011 C C   . VAL A 1 139 ? -1.737  -5.389  4.412   1.00 10.36 ? 134 VAL A C   1 
ATOM   1012 O O   . VAL A 1 139 ? -2.179  -6.413  4.930   1.00 11.07 ? 134 VAL A O   1 
ATOM   1013 C CB  . VAL A 1 139 ? -0.731  -6.812  2.577   1.00 10.18 ? 134 VAL A CB  1 
ATOM   1014 C CG1 . VAL A 1 139 ? -0.387  -6.892  1.026   1.00 11.86 ? 134 VAL A CG1 1 
ATOM   1015 C CG2 . VAL A 1 139 ? 0.531   -7.165  3.424   1.00 11.18 ? 134 VAL A CG2 1 
ATOM   1016 N N   . TRP A 1 140 ? -1.620  -4.226  5.071   1.00 10.58 ? 135 TRP A N   1 
ATOM   1017 C CA  . TRP A 1 140 ? -2.063  -4.097  6.456   1.00 10.19 ? 135 TRP A CA  1 
ATOM   1018 C C   . TRP A 1 140 ? -3.596  -4.242  6.519   1.00 11.52 ? 135 TRP A C   1 
ATOM   1019 O O   . TRP A 1 140 ? -4.327  -3.505  5.866   1.00 11.37 ? 135 TRP A O   1 
ATOM   1020 C CB  . TRP A 1 140 ? -1.632  -2.728  6.984   1.00 11.56 ? 135 TRP A CB  1 
ATOM   1021 C CG  . TRP A 1 140 ? -1.672  -2.654  8.491   1.00 11.31 ? 135 TRP A CG  1 
ATOM   1022 C CD1 . TRP A 1 140 ? -2.647  -2.133  9.276   1.00 12.56 ? 135 TRP A CD1 1 
ATOM   1023 C CD2 . TRP A 1 140 ? -0.624  -3.090  9.364   1.00 13.13 ? 135 TRP A CD2 1 
ATOM   1024 N NE1 . TRP A 1 140 ? -2.262  -2.210  10.620  1.00 14.26 ? 135 TRP A NE1 1 
ATOM   1025 C CE2 . TRP A 1 140 ? -1.046  -2.828  10.693  1.00 13.00 ? 135 TRP A CE2 1 
ATOM   1026 C CE3 . TRP A 1 140 ? 0.613   -3.707  9.153   1.00 12.64 ? 135 TRP A CE3 1 
ATOM   1027 C CZ2 . TRP A 1 140 ? -0.248  -3.158  11.802  1.00 14.42 ? 135 TRP A CZ2 1 
ATOM   1028 C CZ3 . TRP A 1 140 ? 1.401   -4.039  10.237  1.00 13.24 ? 135 TRP A CZ3 1 
ATOM   1029 C CH2 . TRP A 1 140 ? 0.964   -3.764  11.557  1.00 12.17 ? 135 TRP A CH2 1 
ATOM   1030 N N   . GLN A 1 141 ? -4.067  -5.219  7.293   1.00 10.41 ? 136 GLN A N   1 
ATOM   1031 C CA  . GLN A 1 141 ? -5.466  -5.634  7.244   1.00 11.55 ? 136 GLN A CA  1 
ATOM   1032 C C   . GLN A 1 141 ? -6.378  -4.459  7.473   1.00 12.57 ? 136 GLN A C   1 
ATOM   1033 O O   . GLN A 1 141 ? -7.385  -4.309  6.765   1.00 13.94 ? 136 GLN A O   1 
ATOM   1034 C CB  . GLN A 1 141 ? -5.680  -6.711  8.290   1.00 12.39 ? 136 GLN A CB  1 
ATOM   1035 C CG  . GLN A 1 141 ? -7.146  -6.974  8.589   1.00 14.56 ? 136 GLN A CG  1 
ATOM   1036 C CD  . GLN A 1 141 ? -7.246  -7.978  9.677   1.00 16.60 ? 136 GLN A CD  1 
ATOM   1037 O OE1 . GLN A 1 141 ? -6.786  -9.076  9.521   1.00 16.21 ? 136 GLN A OE1 1 
ATOM   1038 N NE2 . GLN A 1 141 ? -7.849  -7.595  10.801  1.00 17.14 ? 136 GLN A NE2 1 
ATOM   1039 N N   . GLU A 1 142 ? -6.059  -3.668  8.501   1.00 14.11 ? 137 GLU A N   1 
ATOM   1040 C CA  . GLU A 1 142 ? -6.982  -2.640  8.957   1.00 15.09 ? 137 GLU A CA  1 
ATOM   1041 C C   . GLU A 1 142 ? -6.893  -1.336  8.180   1.00 14.51 ? 137 GLU A C   1 
ATOM   1042 O O   . GLU A 1 142 ? -7.739  -0.435  8.355   1.00 17.55 ? 137 GLU A O   1 
ATOM   1043 C CB  . GLU A 1 142 ? -6.829  -2.437  10.461  1.00 15.93 ? 137 GLU A CB  1 
ATOM   1044 C CG  . GLU A 1 142 ? -7.256  -3.712  11.223  1.00 19.26 ? 137 GLU A CG  1 
ATOM   1045 C CD  . GLU A 1 142 ? -8.719  -3.974  11.099  1.00 21.15 ? 137 GLU A CD  1 
ATOM   1046 O OE1 . GLU A 1 142 ? -9.485  -2.987  10.985  1.00 23.17 ? 137 GLU A OE1 1 
ATOM   1047 O OE2 . GLU A 1 142 ? -9.146  -5.157  11.129  1.00 22.79 ? 137 GLU A OE2 1 
ATOM   1048 N N   . THR A 1 143 ? -5.945  -1.254  7.242   1.00 11.85 ? 138 THR A N   1 
ATOM   1049 C CA  . THR A 1 143 ? -5.825  -0.034  6.447   1.00 12.29 ? 138 THR A CA  1 
ATOM   1050 C C   . THR A 1 143 ? -6.829  -0.132  5.310   1.00 12.47 ? 138 THR A C   1 
ATOM   1051 O O   . THR A 1 143 ? -6.774  -1.081  4.514   1.00 12.50 ? 138 THR A O   1 
ATOM   1052 C CB  . THR A 1 143 ? -4.427  0.080   5.882   1.00 13.68 ? 138 THR A CB  1 
ATOM   1053 O OG1 . THR A 1 143 ? -3.525  0.373   6.947   1.00 13.16 ? 138 THR A OG1 1 
ATOM   1054 C CG2 . THR A 1 143 ? -4.376  1.232   4.853   1.00 13.23 ? 138 THR A CG2 1 
ATOM   1055 N N   . VAL A 1 144 ? -7.774  0.810   5.230   1.00 11.45 ? 139 VAL A N   1 
ATOM   1056 C CA  . VAL A 1 144 ? -8.849  0.730   4.261   1.00 13.22 ? 139 VAL A CA  1 
ATOM   1057 C C   . VAL A 1 144 ? -9.036  2.002   3.406   1.00 13.68 ? 139 VAL A C   1 
ATOM   1058 O O   . VAL A 1 144 ? -9.942  2.063   2.606   1.00 14.22 ? 139 VAL A O   1 
ATOM   1059 C CB  . VAL A 1 144 ? -10.191 0.376   4.942   1.00 14.30 ? 139 VAL A CB  1 
ATOM   1060 C CG1 . VAL A 1 144 ? -10.093 -0.994  5.562   1.00 17.04 ? 139 VAL A CG1 1 
ATOM   1061 C CG2 . VAL A 1 144 ? -10.497 1.430   6.000   1.00 17.03 ? 139 VAL A CG2 1 
ATOM   1062 N N   . LYS A 1 145 ? -8.187  3.014   3.591   1.00 12.39 ? 140 LYS A N   1 
ATOM   1063 C CA  . LYS A 1 145 ? -8.195  4.220   2.748   1.00 12.31 ? 140 LYS A CA  1 
ATOM   1064 C C   . LYS A 1 145 ? -6.813  4.391   2.115   1.00 10.50 ? 140 LYS A C   1 
ATOM   1065 O O   . LYS A 1 145 ? -5.805  4.261   2.798   1.00 10.95 ? 140 LYS A O   1 
ATOM   1066 C CB  . LYS A 1 145 ? -8.485  5.456   3.605   1.00 15.28 ? 140 LYS A CB  1 
ATOM   1067 C CG  . LYS A 1 145 ? -9.890  5.427   4.287   1.00 17.30 ? 140 LYS A CG  1 
ATOM   1068 C CD  . LYS A 1 145 ? -10.060 6.646   5.233   1.00 17.71 ? 140 LYS A CD  1 
ATOM   1069 C CE  . LYS A 1 145 ? -11.558 6.926   5.544   1.00 20.23 ? 140 LYS A CE  1 
ATOM   1070 N NZ  . LYS A 1 145 ? -12.262 7.540   4.396   1.00 23.12 ? 140 LYS A NZ  1 
ATOM   1071 N N   . LEU A 1 146 ? -6.785  4.723   0.835   1.00 11.79 ? 141 LEU A N   1 
ATOM   1072 C CA  . LEU A 1 146 ? -5.555  4.922   0.103   1.00 10.97 ? 141 LEU A CA  1 
ATOM   1073 C C   . LEU A 1 146 ? -5.666  6.242   -0.609  1.00 11.38 ? 141 LEU A C   1 
ATOM   1074 O O   . LEU A 1 146 ? -6.726  6.549   -1.157  1.00 13.21 ? 141 LEU A O   1 
ATOM   1075 C CB  . LEU A 1 146 ? -5.424  3.809   -0.976  1.00 13.01 ? 141 LEU A CB  1 
ATOM   1076 C CG  . LEU A 1 146 ? -4.188  3.914   -1.858  1.00 11.86 ? 141 LEU A CG  1 
ATOM   1077 C CD1 . LEU A 1 146 ? -2.959  3.650   -1.019  1.00 12.94 ? 141 LEU A CD1 1 
ATOM   1078 C CD2 . LEU A 1 146 ? -4.241  2.886   -3.021  1.00 13.55 ? 141 LEU A CD2 1 
ATOM   1079 N N   . GLY A 1 147 ? -4.595  7.027   -0.637  1.00 11.31 ? 142 GLY A N   1 
ATOM   1080 C CA  . GLY A 1 147 ? -4.614  8.239   -1.478  1.00 9.46  ? 142 GLY A CA  1 
ATOM   1081 C C   . GLY A 1 147 ? -3.166  8.478   -1.877  1.00 9.75  ? 142 GLY A C   1 
ATOM   1082 O O   . GLY A 1 147 ? -2.292  8.400   -1.021  1.00 11.24 ? 142 GLY A O   1 
ATOM   1083 N N   . CYS A 1 148 ? -2.897  8.758   -3.159  1.00 10.04 ? 143 CYS A N   1 
ATOM   1084 C CA  . CYS A 1 148 ? -1.515  8.920   -3.594  1.00 8.75  ? 143 CYS A CA  1 
ATOM   1085 C C   . CYS A 1 148 ? -1.347  10.115  -4.508  1.00 10.53 ? 143 CYS A C   1 
ATOM   1086 O O   . CYS A 1 148 ? -2.305  10.609  -5.072  1.00 10.65 ? 143 CYS A O   1 
ATOM   1087 C CB  . CYS A 1 148 ? -1.090  7.662   -4.387  1.00 11.70 ? 143 CYS A CB  1 
ATOM   1088 S SG  . CYS A 1 148 ? -1.470  6.088   -3.574  1.00 12.20 ? 143 CYS A SG  1 
ATOM   1089 N N   . TYR A 1 149 ? -0.099  10.507  -4.710  1.00 10.05 ? 144 TYR A N   1 
ATOM   1090 C CA  . TYR A 1 149 ? 0.187   11.567  -5.679  1.00 11.36 ? 144 TYR A CA  1 
ATOM   1091 C C   . TYR A 1 149 ? 1.518   11.279  -6.347  1.00 12.19 ? 144 TYR A C   1 
ATOM   1092 O O   . TYR A 1 149 ? 2.461   10.810  -5.680  1.00 12.01 ? 144 TYR A O   1 
ATOM   1093 C CB  . TYR A 1 149 ? 0.197   12.926  -4.977  1.00 11.51 ? 144 TYR A CB  1 
ATOM   1094 C CG  . TYR A 1 149 ? 0.112   14.108  -5.932  1.00 10.51 ? 144 TYR A CG  1 
ATOM   1095 C CD1 . TYR A 1 149 ? -1.134  14.610  -6.328  1.00 9.45  ? 144 TYR A CD1 1 
ATOM   1096 C CD2 . TYR A 1 149 ? 1.269   14.692  -6.458  1.00 12.75 ? 144 TYR A CD2 1 
ATOM   1097 C CE1 . TYR A 1 149 ? -1.198  15.654  -7.235  1.00 10.38 ? 144 TYR A CE1 1 
ATOM   1098 C CE2 . TYR A 1 149 ? 1.202   15.730  -7.349  1.00 11.94 ? 144 TYR A CE2 1 
ATOM   1099 C CZ  . TYR A 1 149 ? -0.028  16.220  -7.731  1.00 13.15 ? 144 TYR A CZ  1 
ATOM   1100 O OH  . TYR A 1 149 ? -0.100  17.301  -8.608  1.00 13.13 ? 144 TYR A OH  1 
ATOM   1101 N N   . VAL A 1 150 ? 1.608   11.581  -7.648  1.00 12.18 ? 145 VAL A N   1 
ATOM   1102 C CA  . VAL A 1 150 ? 2.832   11.439  -8.459  1.00 11.39 ? 145 VAL A CA  1 
ATOM   1103 C C   . VAL A 1 150 ? 3.191   12.807  -8.963  1.00 11.46 ? 145 VAL A C   1 
ATOM   1104 O O   . VAL A 1 150 ? 2.345   13.496  -9.605  1.00 12.34 ? 145 VAL A O   1 
ATOM   1105 C CB  . VAL A 1 150 ? 2.616   10.536  -9.664  1.00 13.60 ? 145 VAL A CB  1 
ATOM   1106 C CG1 . VAL A 1 150 ? 3.896   10.401  -10.492 1.00 13.13 ? 145 VAL A CG1 1 
ATOM   1107 C CG2 . VAL A 1 150 ? 2.065   9.151   -9.214  1.00 12.63 ? 145 VAL A CG2 1 
ATOM   1108 N N   . GLU A 1 151 ? 4.412   13.227  -8.645  1.00 11.46 ? 146 GLU A N   1 
ATOM   1109 C CA  . GLU A 1 151 ? 4.900   14.547  -9.037  1.00 11.80 ? 146 GLU A CA  1 
ATOM   1110 C C   . GLU A 1 151 ? 6.084   14.423  -9.963  1.00 13.77 ? 146 GLU A C   1 
ATOM   1111 O O   . GLU A 1 151 ? 7.030   13.708  -9.663  1.00 13.46 ? 146 GLU A O   1 
ATOM   1112 C CB  . GLU A 1 151 ? 5.330   15.331  -7.794  1.00 13.35 ? 146 GLU A CB  1 
ATOM   1113 C CG  . GLU A 1 151 ? 5.861   16.765  -8.072  1.00 12.87 ? 146 GLU A CG  1 
ATOM   1114 C CD  . GLU A 1 151 ? 4.821   17.769  -8.559  1.00 15.79 ? 146 GLU A CD  1 
ATOM   1115 O OE1 . GLU A 1 151 ? 3.670   17.390  -8.831  1.00 16.12 ? 146 GLU A OE1 1 
ATOM   1116 O OE2 . GLU A 1 151 ? 5.196   18.974  -8.727  1.00 17.37 ? 146 GLU A OE2 1 
ATOM   1117 N N   . ALA A 1 152 ? 6.066   15.185  -11.063 1.00 14.13 ? 147 ALA A N   1 
ATOM   1118 C CA  . ALA A 1 152 ? 7.221   15.226  -11.941 1.00 16.19 ? 147 ALA A CA  1 
ATOM   1119 C C   . ALA A 1 152 ? 8.115   16.324  -11.459 1.00 16.80 ? 147 ALA A C   1 
ATOM   1120 O O   . ALA A 1 152 ? 7.902   17.498  -11.807 1.00 19.19 ? 147 ALA A O   1 
ATOM   1121 C CB  . ALA A 1 152 ? 6.796   15.512  -13.369 1.00 18.90 ? 147 ALA A CB  1 
ATOM   1122 N N   . CYS A 1 153 ? 9.111   15.968  -10.651 1.00 16.19 ? 148 CYS A N   1 
ATOM   1123 C CA  . CYS A 1 153 ? 10.023  16.955  -10.124 1.00 17.75 ? 148 CYS A CA  1 
ATOM   1124 C C   . CYS A 1 153 ? 11.117  17.191  -11.133 1.00 19.61 ? 148 CYS A C   1 
ATOM   1125 O O   . CYS A 1 153 ? 11.172  16.531  -12.176 1.00 19.52 ? 148 CYS A O   1 
ATOM   1126 C CB  . CYS A 1 153 ? 10.634  16.455  -8.828  1.00 16.16 ? 148 CYS A CB  1 
ATOM   1127 S SG  . CYS A 1 153 ? 9.435   16.131  -7.550  1.00 16.60 ? 148 CYS A SG  1 
ATOM   1128 N N   . SER A 1 154 ? 12.018  18.110  -10.830 1.00 21.22 ? 149 SER A N   1 
ATOM   1129 C CA  . SER A 1 154 ? 13.029  18.466  -11.830 1.00 22.94 ? 149 SER A CA  1 
ATOM   1130 C C   . SER A 1 154 ? 13.888  17.262  -12.201 1.00 23.06 ? 149 SER A C   1 
ATOM   1131 O O   . SER A 1 154 ? 14.181  17.037  -13.389 1.00 23.65 ? 149 SER A O   1 
ATOM   1132 C CB  . SER A 1 154 ? 13.907  19.604  -11.311 1.00 26.03 ? 149 SER A CB  1 
ATOM   1133 O OG  . SER A 1 154 ? 13.107  20.758  -11.101 1.00 29.45 ? 149 SER A OG  1 
ATOM   1134 N N   . ASN A 1 155 ? 14.270  16.475  -11.199 1.00 20.85 ? 150 ASN A N   1 
ATOM   1135 C CA  . ASN A 1 155 ? 15.193  15.362  -11.407 1.00 21.06 ? 150 ASN A CA  1 
ATOM   1136 C C   . ASN A 1 155 ? 14.721  13.983  -10.982 1.00 20.15 ? 150 ASN A C   1 
ATOM   1137 O O   . ASN A 1 155 ? 15.522  13.048  -10.950 1.00 20.10 ? 150 ASN A O   1 
ATOM   1138 C CB  . ASN A 1 155 ? 16.535  15.654  -10.729 1.00 23.63 ? 150 ASN A CB  1 
ATOM   1139 C CG  . ASN A 1 155 ? 17.339  16.684  -11.494 1.00 29.35 ? 150 ASN A CG  1 
ATOM   1140 O OD1 . ASN A 1 155 ? 16.862  17.249  -12.481 1.00 32.51 ? 150 ASN A OD1 1 
ATOM   1141 N ND2 . ASN A 1 155 ? 18.558  16.919  -11.065 1.00 31.59 ? 150 ASN A ND2 1 
ATOM   1142 N N   . MET A 1 156 ? 13.436  13.845  -10.673 1.00 17.65 ? 151 MET A N   1 
ATOM   1143 C CA  . MET A 1 156 ? 12.884  12.539  -10.334 1.00 16.03 ? 151 MET A CA  1 
ATOM   1144 C C   . MET A 1 156 ? 11.383  12.570  -10.548 1.00 15.13 ? 151 MET A C   1 
ATOM   1145 O O   . MET A 1 156 ? 10.762  13.637  -10.512 1.00 15.64 ? 151 MET A O   1 
ATOM   1146 C CB  . MET A 1 156 ? 13.145  12.166  -8.862  1.00 16.72 ? 151 MET A CB  1 
ATOM   1147 C CG  . MET A 1 156 ? 12.458  13.137  -7.869  1.00 16.96 ? 151 MET A CG  1 
ATOM   1148 S SD  . MET A 1 156 ? 12.711  12.544  -6.175  1.00 17.52 ? 151 MET A SD  1 
ATOM   1149 C CE  . MET A 1 156 ? 12.198  14.023  -5.312  1.00 16.87 ? 151 MET A CE  1 
ATOM   1150 N N   . CYS A 1 157 ? 10.811  11.393  -10.735 1.00 13.76 ? 152 CYS A N   1 
ATOM   1151 C CA  . CYS A 1 157 ? 9.363   11.244  -10.694 1.00 12.19 ? 152 CYS A CA  1 
ATOM   1152 C C   . CYS A 1 157 ? 9.144   10.751  -9.269  1.00 12.12 ? 152 CYS A C   1 
ATOM   1153 O O   . CYS A 1 157 ? 9.718   9.720   -8.901  1.00 13.05 ? 152 CYS A O   1 
ATOM   1154 C CB  . CYS A 1 157 ? 8.895   10.189  -11.707 1.00 14.61 ? 152 CYS A CB  1 
ATOM   1155 S SG  . CYS A 1 157 ? 7.115   9.842   -11.542 1.00 14.24 ? 152 CYS A SG  1 
ATOM   1156 N N   . TYR A 1 158 ? 8.389   11.503  -8.448  1.00 9.78  ? 153 TYR A N   1 
ATOM   1157 C CA  . TYR A 1 158 ? 8.306   11.219  -7.014  1.00 10.95 ? 153 TYR A CA  1 
ATOM   1158 C C   . TYR A 1 158 ? 6.877   10.802  -6.656  1.00 10.87 ? 153 TYR A C   1 
ATOM   1159 O O   . TYR A 1 158 ? 5.918   11.506  -6.972  1.00 10.06 ? 153 TYR A O   1 
ATOM   1160 C CB  . TYR A 1 158 ? 8.749   12.470  -6.233  1.00 11.60 ? 153 TYR A CB  1 
ATOM   1161 C CG  . TYR A 1 158 ? 8.722   12.354  -4.735  1.00 11.71 ? 153 TYR A CG  1 
ATOM   1162 C CD1 . TYR A 1 158 ? 9.119   11.170  -4.091  1.00 12.32 ? 153 TYR A CD1 1 
ATOM   1163 C CD2 . TYR A 1 158 ? 8.399   13.444  -3.946  1.00 12.98 ? 153 TYR A CD2 1 
ATOM   1164 C CE1 . TYR A 1 158 ? 9.116   11.059  -2.695  1.00 12.42 ? 153 TYR A CE1 1 
ATOM   1165 C CE2 . TYR A 1 158 ? 8.363   13.333  -2.539  1.00 13.44 ? 153 TYR A CE2 1 
ATOM   1166 C CZ  . TYR A 1 158 ? 8.731   12.155  -1.924  1.00 12.41 ? 153 TYR A CZ  1 
ATOM   1167 O OH  . TYR A 1 158 ? 8.722   12.076  -0.545  1.00 12.20 ? 153 TYR A OH  1 
ATOM   1168 N N   . VAL A 1 159 ? 6.745   9.618   -6.035  1.00 10.29 ? 154 VAL A N   1 
ATOM   1169 C CA  . VAL A 1 159 ? 5.430   9.018   -5.768  1.00 10.09 ? 154 VAL A CA  1 
ATOM   1170 C C   . VAL A 1 159 ? 5.290   8.877   -4.285  1.00 9.05  ? 154 VAL A C   1 
ATOM   1171 O O   . VAL A 1 159 ? 6.165   8.308   -3.616  1.00 9.91  ? 154 VAL A O   1 
ATOM   1172 C CB  . VAL A 1 159 ? 5.353   7.602   -6.364  1.00 9.70  ? 154 VAL A CB  1 
ATOM   1173 C CG1 . VAL A 1 159 ? 4.055   6.895   -6.010  1.00 11.87 ? 154 VAL A CG1 1 
ATOM   1174 C CG2 . VAL A 1 159 ? 5.566   7.664   -7.906  1.00 12.47 ? 154 VAL A CG2 1 
ATOM   1175 N N   . VAL A 1 160 ? 4.163   9.317   -3.779  1.00 11.18 ? 155 VAL A N   1 
ATOM   1176 C CA  . VAL A 1 160 ? 3.848   9.137   -2.378  1.00 10.02 ? 155 VAL A CA  1 
ATOM   1177 C C   . VAL A 1 160 ? 2.454   8.565   -2.279  1.00 10.82 ? 155 VAL A C   1 
ATOM   1178 O O   . VAL A 1 160 ? 1.520   9.116   -2.843  1.00 11.43 ? 155 VAL A O   1 
ATOM   1179 C CB  . VAL A 1 160 ? 3.872   10.522  -1.674  1.00 11.39 ? 155 VAL A CB  1 
ATOM   1180 C CG1 . VAL A 1 160 ? 3.502   10.414  -0.175  1.00 13.13 ? 155 VAL A CG1 1 
ATOM   1181 C CG2 . VAL A 1 160 ? 5.248   11.139  -1.771  1.00 12.44 ? 155 VAL A CG2 1 
ATOM   1182 N N   . CYS A 1 161 ? 2.289   7.460   -1.536  1.00 10.11 ? 156 CYS A N   1 
ATOM   1183 C CA  . CYS A 1 161 ? 0.945   7.004   -1.142  1.00 8.94  ? 156 CYS A CA  1 
ATOM   1184 C C   . CYS A 1 161 ? 0.773   7.121   0.373   1.00 9.71  ? 156 CYS A C   1 
ATOM   1185 O O   . CYS A 1 161 ? 1.725   6.867   1.117   1.00 10.75 ? 156 CYS A O   1 
ATOM   1186 C CB  . CYS A 1 161 ? 0.740   5.530   -1.486  1.00 8.87  ? 156 CYS A CB  1 
ATOM   1187 S SG  . CYS A 1 161 ? 0.425   5.269   -3.254  1.00 11.46 ? 156 CYS A SG  1 
ATOM   1188 N N   . GLN A 1 162 ? -0.403  7.533   0.827   1.00 10.15 ? 157 GLN A N   1 
ATOM   1189 C CA  . GLN A 1 162 ? -0.659  7.482   2.271   1.00 10.32 ? 157 GLN A CA  1 
ATOM   1190 C C   . GLN A 1 162 ? -1.841  6.545   2.531   1.00 10.92 ? 157 GLN A C   1 
ATOM   1191 O O   . GLN A 1 162 ? -2.610  6.249   1.634   1.00 12.29 ? 157 GLN A O   1 
ATOM   1192 C CB  . GLN A 1 162 ? -0.847  8.887   2.884   1.00 9.20  ? 157 GLN A CB  1 
ATOM   1193 C CG  . GLN A 1 162 ? 0.502   9.598   2.944   1.00 10.56 ? 157 GLN A CG  1 
ATOM   1194 C CD  . GLN A 1 162 ? 0.445   11.087  3.299   1.00 11.47 ? 157 GLN A CD  1 
ATOM   1195 O OE1 . GLN A 1 162 ? -0.631  11.615  3.558   1.00 12.97 ? 157 GLN A OE1 1 
ATOM   1196 N NE2 . GLN A 1 162 ? 1.621   11.758  3.336   1.00 11.49 ? 157 GLN A NE2 1 
ATOM   1197 N N   . TYR A 1 163 ? -1.974  6.119   3.793   1.00 9.68  ? 158 TYR A N   1 
ATOM   1198 C CA  . TYR A 1 163 ? -2.735  4.915   4.161   1.00 9.47  ? 158 TYR A CA  1 
ATOM   1199 C C   . TYR A 1 163 ? -3.477  5.176   5.473   1.00 10.28 ? 158 TYR A C   1 
ATOM   1200 O O   . TYR A 1 163 ? -2.823  5.507   6.503   1.00 12.45 ? 158 TYR A O   1 
ATOM   1201 C CB  . TYR A 1 163 ? -1.714  3.793   4.415   1.00 10.23 ? 158 TYR A CB  1 
ATOM   1202 C CG  . TYR A 1 163 ? -1.027  3.350   3.147   1.00 9.08  ? 158 TYR A CG  1 
ATOM   1203 C CD1 . TYR A 1 163 ? -1.554  2.311   2.386   1.00 9.06  ? 158 TYR A CD1 1 
ATOM   1204 C CD2 . TYR A 1 163 ? 0.172   3.933   2.740   1.00 10.48 ? 158 TYR A CD2 1 
ATOM   1205 C CE1 . TYR A 1 163 ? -0.901  1.913   1.187   1.00 9.52  ? 158 TYR A CE1 1 
ATOM   1206 C CE2 . TYR A 1 163 ? 0.838   3.527   1.544   1.00 10.66 ? 158 TYR A CE2 1 
ATOM   1207 C CZ  . TYR A 1 163 ? 0.323   2.507   0.819   1.00 10.29 ? 158 TYR A CZ  1 
ATOM   1208 O OH  . TYR A 1 163 ? 0.974   2.167   -0.350  1.00 10.48 ? 158 TYR A OH  1 
ATOM   1209 N N   . GLY A 1 164 ? -4.807  5.034   5.444   1.00 10.49 ? 159 GLY A N   1 
ATOM   1210 C CA  . GLY A 1 164 ? -5.702  5.254   6.635   1.00 13.47 ? 159 GLY A CA  1 
ATOM   1211 C C   . GLY A 1 164 ? -6.399  3.985   7.046   1.00 13.49 ? 159 GLY A C   1 
ATOM   1212 O O   . GLY A 1 164 ? -7.051  3.417   6.208   1.00 13.47 ? 159 GLY A O   1 
ATOM   1213 N N   . PRO A 1 165 ? -6.651  3.825   8.359   1.00 12.37 ? 160 PRO A N   1 
ATOM   1214 C CA  . PRO A 1 165 ? -5.659  4.062   9.395   1.00 13.51 ? 160 PRO A CA  1 
ATOM   1215 C C   . PRO A 1 165 ? -4.261  3.605   9.106   1.00 14.43 ? 160 PRO A C   1 
ATOM   1216 O O   . PRO A 1 165 ? -4.064  2.679   8.314   1.00 15.51 ? 160 PRO A O   1 
ATOM   1217 C CB  . PRO A 1 165 ? -6.206  3.384   10.648  1.00 13.92 ? 160 PRO A CB  1 
ATOM   1218 C CG  . PRO A 1 165 ? -7.463  2.778   10.292  1.00 17.29 ? 160 PRO A CG  1 
ATOM   1219 C CD  . PRO A 1 165 ? -7.764  2.967   8.815   1.00 15.63 ? 160 PRO A CD  1 
ATOM   1220 N N   . ALA A 1 166 ? -3.301  4.229   9.774   1.00 12.15 ? 161 ALA A N   1 
ATOM   1221 C CA  . ALA A 1 166 ? -1.889  3.853   9.582   1.00 12.01 ? 161 ALA A CA  1 
ATOM   1222 C C   . ALA A 1 166 ? -1.603  2.386   9.918   1.00 13.34 ? 161 ALA A C   1 
ATOM   1223 O O   . ALA A 1 166 ? -2.141  1.842   10.895  1.00 15.79 ? 161 ALA A O   1 
ATOM   1224 C CB  . ALA A 1 166 ? -0.959  4.732   10.408  1.00 13.60 ? 161 ALA A CB  1 
ATOM   1225 N N   . GLY A 1 167 ? -0.750  1.757   9.113   1.00 12.61 ? 162 GLY A N   1 
ATOM   1226 C CA  . GLY A 1 167 ? -0.300  0.396   9.442   1.00 13.56 ? 162 GLY A CA  1 
ATOM   1227 C C   . GLY A 1 167 ? 1.056   0.437   10.108  1.00 13.92 ? 162 GLY A C   1 
ATOM   1228 O O   . GLY A 1 167 ? 1.434   1.469   10.680  1.00 15.01 ? 162 GLY A O   1 
ATOM   1229 N N   . ASN A 1 168 ? 1.748   -0.692  10.094  1.00 13.99 ? 163 ASN A N   1 
ATOM   1230 C CA  . ASN A 1 168 ? 3.124   -0.788  10.629  1.00 13.85 ? 163 ASN A CA  1 
ATOM   1231 C C   . ASN A 1 168 ? 3.214   -0.364  12.087  1.00 15.97 ? 163 ASN A C   1 
ATOM   1232 O O   . ASN A 1 168 ? 4.174   0.315   12.493  1.00 16.53 ? 163 ASN A O   1 
ATOM   1233 C CB  . ASN A 1 168 ? 4.064   0.035   9.777   1.00 15.47 ? 163 ASN A CB  1 
ATOM   1234 C CG  . ASN A 1 168 ? 4.287   -0.604  8.419   1.00 14.54 ? 163 ASN A CG  1 
ATOM   1235 O OD1 . ASN A 1 168 ? 3.752   -1.684  8.165   1.00 15.15 ? 163 ASN A OD1 1 
ATOM   1236 N ND2 . ASN A 1 168 ? 5.102   0.019   7.587   1.00 15.45 ? 163 ASN A ND2 1 
ATOM   1237 N N   . MET A 1 169 ? 2.220   -0.780  12.853  1.00 18.26 ? 164 MET A N   1 
ATOM   1238 C CA  . MET A 1 169 ? 2.221   -0.574  14.302  1.00 21.62 ? 164 MET A CA  1 
ATOM   1239 C C   . MET A 1 169 ? 3.118   -1.626  14.950  1.00 21.03 ? 164 MET A C   1 
ATOM   1240 O O   . MET A 1 169 ? 2.926   -2.838  14.772  1.00 19.52 ? 164 MET A O   1 
ATOM   1241 C CB  . MET A 1 169 ? 0.776   -0.606  14.811  1.00 22.77 ? 164 MET A CB  1 
ATOM   1242 C CG  . MET A 1 169 ? -0.057  0.557   14.230  1.00 25.91 ? 164 MET A CG  1 
ATOM   1243 S SD  . MET A 1 169 ? -1.639  0.911   15.044  1.00 33.00 ? 164 MET A SD  1 
ATOM   1244 C CE  . MET A 1 169 ? -2.208  -0.783  15.020  1.00 29.81 ? 164 MET A CE  1 
ATOM   1245 N N   . MET A 1 170 ? 4.151   -1.152  15.652  1.00 23.48 ? 165 MET A N   1 
ATOM   1246 C CA  . MET A 1 170 ? 5.157   -2.007  16.272  1.00 27.95 ? 165 MET A CA  1 
ATOM   1247 C C   . MET A 1 170 ? 4.508   -3.078  17.130  1.00 26.17 ? 165 MET A C   1 
ATOM   1248 O O   . MET A 1 170 ? 3.624   -2.801  17.941  1.00 26.21 ? 165 MET A O   1 
ATOM   1249 C CB  . MET A 1 170 ? 6.136   -1.143  17.103  1.00 29.53 ? 165 MET A CB  1 
ATOM   1250 C CG  . MET A 1 170 ? 7.308   -1.883  17.757  1.00 32.73 ? 165 MET A CG  1 
ATOM   1251 S SD  . MET A 1 170 ? 8.462   -0.753  18.624  1.00 37.16 ? 165 MET A SD  1 
ATOM   1252 C CE  . MET A 1 170 ? 7.477   -0.279  20.015  1.00 34.34 ? 165 MET A CE  1 
ATOM   1253 N N   . GLY A 1 171 ? 4.922   -4.321  16.909  1.00 26.23 ? 166 GLY A N   1 
ATOM   1254 C CA  . GLY A 1 171 ? 4.458   -5.411  17.751  1.00 24.54 ? 166 GLY A CA  1 
ATOM   1255 C C   . GLY A 1 171 ? 3.110   -6.011  17.383  1.00 24.70 ? 166 GLY A C   1 
ATOM   1256 O O   . GLY A 1 171 ? 2.718   -7.025  17.967  1.00 25.17 ? 166 GLY A O   1 
ATOM   1257 N N   . LYS A 1 172 ? 2.397   -5.413  16.415  1.00 22.16 ? 167 LYS A N   1 
ATOM   1258 C CA  . LYS A 1 172 ? 1.074   -5.919  16.026  1.00 22.00 ? 167 LYS A CA  1 
ATOM   1259 C C   . LYS A 1 172 ? 1.206   -6.744  14.763  1.00 18.77 ? 167 LYS A C   1 
ATOM   1260 O O   . LYS A 1 172 ? 2.159   -6.591  14.042  1.00 20.10 ? 167 LYS A O   1 
ATOM   1261 C CB  . LYS A 1 172 ? 0.079   -4.798  15.695  1.00 24.58 ? 167 LYS A CB  1 
ATOM   1262 C CG  . LYS A 1 172 ? -0.085  -3.728  16.744  1.00 27.80 ? 167 LYS A CG  1 
ATOM   1263 C CD  . LYS A 1 172 ? -0.741  -4.299  17.986  1.00 31.41 ? 167 LYS A CD  1 
ATOM   1264 C CE  . LYS A 1 172 ? -0.897  -3.207  19.037  1.00 32.96 ? 167 LYS A CE  1 
ATOM   1265 N NZ  . LYS A 1 172 ? -2.044  -2.280  18.713  1.00 35.44 ? 167 LYS A NZ  1 
ATOM   1266 N N   . ASP A 1 173 ? 0.195   -7.564  14.503  1.00 18.86 ? 168 ASP A N   1 
ATOM   1267 C CA  . ASP A 1 173 ? 0.190   -8.440  13.325  1.00 16.26 ? 168 ASP A CA  1 
ATOM   1268 C C   . ASP A 1 173 ? -0.232  -7.671  12.089  1.00 15.85 ? 168 ASP A C   1 
ATOM   1269 O O   . ASP A 1 173 ? -1.189  -6.896  12.108  1.00 14.61 ? 168 ASP A O   1 
ATOM   1270 C CB  . ASP A 1 173 ? -0.805  -9.577  13.509  1.00 19.86 ? 168 ASP A CB  1 
ATOM   1271 C CG  . ASP A 1 173 ? -0.304  -10.655 14.455  1.00 20.99 ? 168 ASP A CG  1 
ATOM   1272 O OD1 . ASP A 1 173 ? 0.865   -10.616 14.892  1.00 23.21 ? 168 ASP A OD1 1 
ATOM   1273 O OD2 . ASP A 1 173 ? -1.073  -11.587 14.696  1.00 22.59 ? 168 ASP A OD2 1 
ATOM   1274 N N   . ILE A 1 174 ? 0.431   -7.971  10.977  1.00 13.93 ? 169 ILE A N   1 
ATOM   1275 C CA  . ILE A 1 174 ? 0.096   -7.310  9.702   1.00 13.28 ? 169 ILE A CA  1 
ATOM   1276 C C   . ILE A 1 174 ? -1.344  -7.626  9.297   1.00 12.79 ? 169 ILE A C   1 
ATOM   1277 O O   . ILE A 1 174 ? -2.115  -6.757  8.870   1.00 12.74 ? 169 ILE A O   1 
ATOM   1278 C CB  . ILE A 1 174 ? 1.044   -7.801  8.580   1.00 12.63 ? 169 ILE A CB  1 
ATOM   1279 C CG1 . ILE A 1 174 ? 2.542   -7.506  8.920   1.00 13.00 ? 169 ILE A CG1 1 
ATOM   1280 C CG2 . ILE A 1 174 ? 0.630   -7.175  7.220   1.00 11.11 ? 169 ILE A CG2 1 
ATOM   1281 C CD1 . ILE A 1 174 ? 3.494   -8.534  8.211   1.00 13.45 ? 169 ILE A CD1 1 
ATOM   1282 N N   . TYR A 1 175 ? -1.699  -8.901  9.382   1.00 12.73 ? 170 TYR A N   1 
ATOM   1283 C CA  . TYR A 1 175 ? -3.101  -9.294  9.244   1.00 13.11 ? 170 TYR A CA  1 
ATOM   1284 C C   . TYR A 1 175 ? -3.325  -10.573 10.043  1.00 12.61 ? 170 TYR A C   1 
ATOM   1285 O O   . TYR A 1 175 ? -2.365  -11.243 10.419  1.00 12.27 ? 170 TYR A O   1 
ATOM   1286 C CB  . TYR A 1 175 ? -3.479  -9.489  7.756   1.00 13.63 ? 170 TYR A CB  1 
ATOM   1287 C CG  . TYR A 1 175 ? -2.610  -10.437 6.938   1.00 11.80 ? 170 TYR A CG  1 
ATOM   1288 C CD1 . TYR A 1 175 ? -2.885  -11.811 6.896   1.00 13.21 ? 170 TYR A CD1 1 
ATOM   1289 C CD2 . TYR A 1 175 ? -1.494  -9.968  6.196   1.00 12.41 ? 170 TYR A CD2 1 
ATOM   1290 C CE1 . TYR A 1 175 ? -2.098  -12.704 6.130   1.00 10.60 ? 170 TYR A CE1 1 
ATOM   1291 C CE2 . TYR A 1 175 ? -0.712  -10.853 5.425   1.00 12.31 ? 170 TYR A CE2 1 
ATOM   1292 C CZ  . TYR A 1 175 ? -1.008  -12.209 5.411   1.00 11.01 ? 170 TYR A CZ  1 
ATOM   1293 O OH  . TYR A 1 175 ? -0.235  -13.046 4.679   1.00 11.62 ? 170 TYR A OH  1 
ATOM   1294 N N   . GLU A 1 176 ? -4.596  -10.870 10.296  1.00 12.72 ? 171 GLU A N   1 
ATOM   1295 C CA  . GLU A 1 176 ? -5.039  -12.115 10.934  1.00 16.15 ? 171 GLU A CA  1 
ATOM   1296 C C   . GLU A 1 176 ? -4.989  -13.273 9.958   1.00 14.52 ? 171 GLU A C   1 
ATOM   1297 O O   . GLU A 1 176 ? -5.568  -13.189 8.894   1.00 13.48 ? 171 GLU A O   1 
ATOM   1298 C CB  . GLU A 1 176 ? -6.483  -11.940 11.430  1.00 16.19 ? 171 GLU A CB  1 
ATOM   1299 C CG  . GLU A 1 176 ? -7.060  -13.207 12.036  1.00 20.48 ? 171 GLU A CG  1 
ATOM   1300 C CD  . GLU A 1 176 ? -8.409  -13.024 12.724  1.00 20.27 ? 171 GLU A CD  1 
ATOM   1301 O OE1 . GLU A 1 176 ? -8.853  -11.875 12.990  1.00 21.90 ? 171 GLU A OE1 1 
ATOM   1302 O OE2 . GLU A 1 176 ? -9.050  -14.063 13.008  1.00 22.62 ? 171 GLU A OE2 1 
ATOM   1303 N N   . LYS A 1 177 ? -4.351  -14.382 10.343  1.00 13.55 ? 172 LYS A N   1 
ATOM   1304 C CA  . LYS A 1 177 ? -4.260  -15.562 9.456   1.00 14.91 ? 172 LYS A CA  1 
ATOM   1305 C C   . LYS A 1 177 ? -5.509  -16.434 9.537   1.00 16.03 ? 172 LYS A C   1 
ATOM   1306 O O   . LYS A 1 177 ? -6.082  -16.623 10.613  1.00 15.65 ? 172 LYS A O   1 
ATOM   1307 C CB  . LYS A 1 177 ? -3.056  -16.436 9.837   1.00 15.93 ? 172 LYS A CB  1 
ATOM   1308 C CG  . LYS A 1 177 ? -1.712  -15.698 9.618   1.00 16.48 ? 172 LYS A CG  1 
ATOM   1309 C CD  . LYS A 1 177 ? -0.493  -16.606 9.837   1.00 18.52 ? 172 LYS A CD  1 
ATOM   1310 C CE  . LYS A 1 177 ? -0.182  -16.893 11.282  1.00 20.66 ? 172 LYS A CE  1 
ATOM   1311 N NZ  . LYS A 1 177 ? 0.968   -17.942 11.241  1.00 18.69 ? 172 LYS A NZ  1 
ATOM   1312 N N   . GLY A 1 178 ? -5.897  -17.000 8.412   1.00 15.07 ? 173 GLY A N   1 
ATOM   1313 C CA  . GLY A 1 178 ? -6.924  -18.014 8.364   1.00 16.76 ? 173 GLY A CA  1 
ATOM   1314 C C   . GLY A 1 178 ? -7.501  -18.076 6.963   1.00 18.88 ? 173 GLY A C   1 
ATOM   1315 O O   . GLY A 1 178 ? -7.076  -17.316 6.073   1.00 17.30 ? 173 GLY A O   1 
ATOM   1316 N N   . GLU A 1 179 ? -8.465  -18.968 6.751   1.00 19.63 ? 174 GLU A N   1 
ATOM   1317 C CA  . GLU A 1 179 ? -9.044  -19.119 5.409   1.00 22.94 ? 174 GLU A CA  1 
ATOM   1318 C C   . GLU A 1 179 ? -9.686  -17.820 4.983   1.00 20.77 ? 174 GLU A C   1 
ATOM   1319 O O   . GLU A 1 179 ? -10.273 -17.153 5.803   1.00 19.79 ? 174 GLU A O   1 
ATOM   1320 C CB  . GLU A 1 179 ? -10.089 -20.244 5.386   1.00 27.13 ? 174 GLU A CB  1 
ATOM   1321 C CG  . GLU A 1 179 ? -9.488  -21.634 5.414   1.00 30.83 ? 174 GLU A CG  1 
ATOM   1322 C CD  . GLU A 1 179 ? -8.593  -21.907 4.201   1.00 33.66 ? 174 GLU A CD  1 
ATOM   1323 O OE1 . GLU A 1 179 ? -8.878  -21.379 3.105   1.00 34.63 ? 174 GLU A OE1 1 
ATOM   1324 O OE2 . GLU A 1 179 ? -7.595  -22.638 4.357   1.00 36.01 ? 174 GLU A OE2 1 
ATOM   1325 N N   . PRO A 1 180 ? -9.525  -17.432 3.695   1.00 21.31 ? 175 PRO A N   1 
ATOM   1326 C CA  . PRO A 1 180 ? -10.059 -16.172 3.185   1.00 20.71 ? 175 PRO A CA  1 
ATOM   1327 C C   . PRO A 1 180 ? -11.521 -16.017 3.553   1.00 20.82 ? 175 PRO A C   1 
ATOM   1328 O O   . PRO A 1 180 ? -12.281 -16.993 3.432   1.00 19.96 ? 175 PRO A O   1 
ATOM   1329 C CB  . PRO A 1 180 ? -9.913  -16.295 1.665   1.00 21.81 ? 175 PRO A CB  1 
ATOM   1330 C CG  . PRO A 1 180 ? -8.964  -17.352 1.417   1.00 22.14 ? 175 PRO A CG  1 
ATOM   1331 C CD  . PRO A 1 180 ? -8.779  -18.183 2.671   1.00 21.57 ? 175 PRO A CD  1 
ATOM   1332 N N   . CYS A 1 181 ? -11.877 -14.826 4.029   1.00 20.12 ? 176 CYS A N   1 
ATOM   1333 C CA  . CYS A 1 181 ? -13.224 -14.445 4.450   1.00 22.48 ? 176 CYS A CA  1 
ATOM   1334 C C   . CYS A 1 181 ? -13.813 -15.191 5.660   1.00 22.96 ? 176 CYS A C   1 
ATOM   1335 O O   . CYS A 1 181 ? -14.988 -14.983 6.020   1.00 23.33 ? 176 CYS A O   1 
ATOM   1336 C CB  . CYS A 1 181 ? -14.210 -14.519 3.291   1.00 23.74 ? 176 CYS A CB  1 
ATOM   1337 S SG  . CYS A 1 181 ? -14.152 -13.108 2.112   1.00 26.01 ? 176 CYS A SG  1 
ATOM   1338 N N   . SER A 1 182 ? -13.004 -16.032 6.294   1.00 21.46 ? 177 SER A N   1 
ATOM   1339 C CA  . SER A 1 182 ? -13.492 -16.834 7.413   1.00 21.46 ? 177 SER A CA  1 
ATOM   1340 C C   . SER A 1 182 ? -13.811 -16.011 8.639   1.00 21.54 ? 177 SER A C   1 
ATOM   1341 O O   . SER A 1 182 ? -14.530 -16.494 9.531   1.00 21.69 ? 177 SER A O   1 
ATOM   1342 C CB  . SER A 1 182 ? -12.518 -17.943 7.763   1.00 20.98 ? 177 SER A CB  1 
ATOM   1343 O OG  . SER A 1 182 ? -11.241 -17.424 8.087   1.00 21.76 ? 177 SER A OG  1 
ATOM   1344 N N   . LYS A 1 183 ? -13.298 -14.784 8.717   1.00 20.97 ? 178 LYS A N   1 
ATOM   1345 C CA  . LYS A 1 183 ? -13.713 -13.871 9.780   1.00 22.57 ? 178 LYS A CA  1 
ATOM   1346 C C   . LYS A 1 183 ? -14.402 -12.639 9.224   1.00 23.23 ? 178 LYS A C   1 
ATOM   1347 O O   . LYS A 1 183 ? -14.371 -11.575 9.818   1.00 22.67 ? 178 LYS A O   1 
ATOM   1348 C CB  . LYS A 1 183 ? -12.528 -13.466 10.674  1.00 24.96 ? 178 LYS A CB  1 
ATOM   1349 C CG  . LYS A 1 183 ? -11.811 -14.616 11.380  1.00 26.29 ? 178 LYS A CG  1 
ATOM   1350 C CD  . LYS A 1 183 ? -12.561 -15.078 12.600  1.00 28.85 ? 178 LYS A CD  1 
ATOM   1351 C CE  . LYS A 1 183 ? -11.612 -15.179 13.807  1.00 30.37 ? 178 LYS A CE  1 
ATOM   1352 N NZ  . LYS A 1 183 ? -11.230 -13.851 14.316  1.00 32.12 ? 178 LYS A NZ  1 
ATOM   1353 N N   . CYS A 1 184 ? -15.037 -12.811 8.065   1.00 24.25 ? 179 CYS A N   1 
ATOM   1354 C CA  . CYS A 1 184 ? -15.660 -11.721 7.352   1.00 25.49 ? 179 CYS A CA  1 
ATOM   1355 C C   . CYS A 1 184 ? -17.127 -12.068 7.096   1.00 25.72 ? 179 CYS A C   1 
ATOM   1356 O O   . CYS A 1 184 ? -17.437 -13.134 6.572   1.00 27.88 ? 179 CYS A O   1 
ATOM   1357 C CB  . CYS A 1 184 ? -14.925 -11.500 6.017   1.00 26.21 ? 179 CYS A CB  1 
ATOM   1358 S SG  . CYS A 1 184 ? -15.608 -10.218 5.044   1.00 29.66 ? 179 CYS A SG  1 
ATOM   1359 N N   . GLU A 1 185 ? -18.026 -11.171 7.471   1.00 25.37 ? 180 GLU A N   1 
ATOM   1360 C CA  . GLU A 1 185 ? -19.445 -11.354 7.178   1.00 27.82 ? 180 GLU A CA  1 
ATOM   1361 C C   . GLU A 1 185 ? -19.878 -10.665 5.879   1.00 26.05 ? 180 GLU A C   1 
ATOM   1362 O O   . GLU A 1 185 ? -20.965 -10.931 5.364   1.00 26.96 ? 180 GLU A O   1 
ATOM   1363 C CB  . GLU A 1 185 ? -20.308 -10.832 8.345   1.00 29.47 ? 180 GLU A CB  1 
ATOM   1364 C CG  . GLU A 1 185 ? -20.736 -9.372  8.232   1.00 31.83 ? 180 GLU A CG  1 
ATOM   1365 C CD  . GLU A 1 185 ? -21.593 -8.937  9.413   1.00 31.64 ? 180 GLU A CD  1 
ATOM   1366 O OE1 . GLU A 1 185 ? -21.300 -9.422  10.543  1.00 32.79 ? 180 GLU A OE1 1 
ATOM   1367 O OE2 . GLU A 1 185 ? -22.541 -8.118  9.223   1.00 32.59 ? 180 GLU A OE2 1 
ATOM   1368 N N   . ASN A 1 186 ? -19.044 -9.763  5.370   1.00 23.08 ? 181 ASN A N   1 
ATOM   1369 C CA  . ASN A 1 186 ? -19.333 -9.060  4.111   1.00 23.24 ? 181 ASN A CA  1 
ATOM   1370 C C   . ASN A 1 186 ? -18.189 -9.360  3.153   1.00 23.77 ? 181 ASN A C   1 
ATOM   1371 O O   . ASN A 1 186 ? -17.354 -8.500  2.912   1.00 24.93 ? 181 ASN A O   1 
ATOM   1372 C CB  . ASN A 1 186 ? -19.423 -7.534  4.320   1.00 24.74 ? 181 ASN A CB  1 
ATOM   1373 C CG  . ASN A 1 186 ? -20.550 -7.115  5.279   1.00 26.04 ? 181 ASN A CG  1 
ATOM   1374 O OD1 . ASN A 1 186 ? -21.693 -7.559  5.172   1.00 26.13 ? 181 ASN A OD1 1 
ATOM   1375 N ND2 . ASN A 1 186 ? -20.224 -6.204  6.187   1.00 28.53 ? 181 ASN A ND2 1 
ATOM   1376 N N   . CYS A 1 187 ? -18.181 -10.570 2.601   1.00 24.36 ? 182 CYS A N   1 
ATOM   1377 C CA  . CYS A 1 187 ? -17.087 -11.136 1.829   1.00 23.57 ? 182 CYS A CA  1 
ATOM   1378 C C   . CYS A 1 187 ? -17.215 -11.061 0.318   1.00 22.63 ? 182 CYS A C   1 
ATOM   1379 O O   . CYS A 1 187 ? -18.246 -11.437 -0.250  1.00 21.82 ? 182 CYS A O   1 
ATOM   1380 C CB  . CYS A 1 187 ? -17.010 -12.618 2.151   1.00 24.95 ? 182 CYS A CB  1 
ATOM   1381 S SG  . CYS A 1 187 ? -15.888 -13.465 1.123   1.00 29.28 ? 182 CYS A SG  1 
ATOM   1382 N N   . ASP A 1 188 ? -16.128 -10.623 -0.327  1.00 23.74 ? 183 ASP A N   1 
ATOM   1383 C CA  . ASP A 1 188 ? -15.992 -10.634 -1.790  1.00 25.68 ? 183 ASP A CA  1 
ATOM   1384 C C   . ASP A 1 188 ? -15.346 -11.994 -2.040  1.00 26.20 ? 183 ASP A C   1 
ATOM   1385 O O   . ASP A 1 188 ? -14.141 -12.222 -1.801  1.00 24.26 ? 183 ASP A O   1 
ATOM   1386 C CB  . ASP A 1 188 ? -15.137 -9.429  -2.225  1.00 27.15 ? 183 ASP A CB  1 
ATOM   1387 C CG  . ASP A 1 188 ? -14.997 -9.279  -3.757  1.00 28.83 ? 183 ASP A CG  1 
ATOM   1388 O OD1 . ASP A 1 188 ? -15.191 -10.252 -4.496  1.00 27.85 ? 183 ASP A OD1 1 
ATOM   1389 O OD2 . ASP A 1 188 ? -14.633 -8.165  -4.197  1.00 29.97 ? 183 ASP A OD2 1 
ATOM   1390 N N   . LYS A 1 189 ? -16.180 -12.953 -2.411  1.00 26.28 ? 184 LYS A N   1 
ATOM   1391 C CA  . LYS A 1 189 ? -15.741 -14.331 -2.409  1.00 27.91 ? 184 LYS A CA  1 
ATOM   1392 C C   . LYS A 1 189 ? -14.705 -14.604 -3.488  1.00 27.71 ? 184 LYS A C   1 
ATOM   1393 O O   . LYS A 1 189 ? -13.813 -15.409 -3.303  1.00 28.67 ? 184 LYS A O   1 
ATOM   1394 C CB  . LYS A 1 189 ? -16.943 -15.252 -2.602  1.00 29.96 ? 184 LYS A CB  1 
ATOM   1395 C CG  . LYS A 1 189 ? -17.769 -15.371 -1.345  1.00 31.97 ? 184 LYS A CG  1 
ATOM   1396 C CD  . LYS A 1 189 ? -16.900 -15.867 -0.181  1.00 33.13 ? 184 LYS A CD  1 
ATOM   1397 C CE  . LYS A 1 189 ? -17.766 -16.451 0.943   1.00 34.75 ? 184 LYS A CE  1 
ATOM   1398 N NZ  . LYS A 1 189 ? -16.982 -17.125 2.020   1.00 34.77 ? 184 LYS A NZ  1 
ATOM   1399 N N   . GLU A 1 190 ? -14.880 -13.928 -4.612  1.00 29.15 ? 185 GLU A N   1 
ATOM   1400 C CA  . GLU A 1 190 ? -13.961 -13.983 -5.743  1.00 28.76 ? 185 GLU A CA  1 
ATOM   1401 C C   . GLU A 1 190 ? -12.544 -13.602 -5.306  1.00 27.05 ? 185 GLU A C   1 
ATOM   1402 O O   . GLU A 1 190 ? -11.549 -14.242 -5.674  1.00 26.99 ? 185 GLU A O   1 
ATOM   1403 C CB  . GLU A 1 190 ? -14.448 -13.010 -6.817  1.00 32.69 ? 185 GLU A CB  1 
ATOM   1404 C CG  . GLU A 1 190 ? -15.819 -13.353 -7.382  1.00 36.84 ? 185 GLU A CG  1 
ATOM   1405 C CD  . GLU A 1 190 ? -15.787 -14.634 -8.194  1.00 39.04 ? 185 GLU A CD  1 
ATOM   1406 O OE1 . GLU A 1 190 ? -14.913 -14.718 -9.104  1.00 42.29 ? 185 GLU A OE1 1 
ATOM   1407 O OE2 . GLU A 1 190 ? -16.606 -15.552 -7.910  1.00 40.28 ? 185 GLU A OE2 1 
ATOM   1408 N N   . LYS A 1 191 ? -12.445 -12.567 -4.495  1.00 24.33 ? 186 LYS A N   1 
ATOM   1409 C CA  . LYS A 1 191 ? -11.120 -12.059 -4.173  1.00 21.59 ? 186 LYS A CA  1 
ATOM   1410 C C   . LYS A 1 191 ? -10.586 -12.395 -2.784  1.00 18.03 ? 186 LYS A C   1 
ATOM   1411 O O   . LYS A 1 191 ? -9.434  -12.126 -2.520  1.00 14.98 ? 186 LYS A O   1 
ATOM   1412 C CB  . LYS A 1 191 ? -11.080 -10.561 -4.397  1.00 23.95 ? 186 LYS A CB  1 
ATOM   1413 C CG  . LYS A 1 191 ? -11.575 -10.131 -5.807  1.00 25.27 ? 186 LYS A CG  1 
ATOM   1414 C CD  . LYS A 1 191 ? -12.118 -8.743  -5.742  1.00 26.84 ? 186 LYS A CD  1 
ATOM   1415 C CE  . LYS A 1 191 ? -12.803 -8.264  -7.056  1.00 27.85 ? 186 LYS A CE  1 
ATOM   1416 N NZ  . LYS A 1 191 ? -14.314 -8.562  -7.056  1.00 30.93 ? 186 LYS A NZ  1 
ATOM   1417 N N   . GLY A 1 192 ? -11.405 -12.979 -1.901  1.00 16.70 ? 187 GLY A N   1 
ATOM   1418 C CA  . GLY A 1 192 ? -10.962 -13.206 -0.533  1.00 15.67 ? 187 GLY A CA  1 
ATOM   1419 C C   . GLY A 1 192 ? -10.806 -11.900 0.206   1.00 14.47 ? 187 GLY A C   1 
ATOM   1420 O O   . GLY A 1 192 ? -10.005 -11.821 1.129   1.00 16.28 ? 187 GLY A O   1 
ATOM   1421 N N   . LEU A 1 193 ? -11.582 -10.889 -0.170  1.00 14.94 ? 188 LEU A N   1 
ATOM   1422 C CA  . LEU A 1 193 ? -11.509 -9.579  0.471   1.00 14.92 ? 188 LEU A CA  1 
ATOM   1423 C C   . LEU A 1 193 ? -12.814 -9.258  1.192   1.00 19.06 ? 188 LEU A C   1 
ATOM   1424 O O   . LEU A 1 193 ? -13.893 -9.564  0.683   1.00 16.79 ? 188 LEU A O   1 
ATOM   1425 C CB  . LEU A 1 193 ? -11.255 -8.458  -0.558  1.00 15.84 ? 188 LEU A CB  1 
ATOM   1426 C CG  . LEU A 1 193 ? -9.911  -8.525  -1.280  1.00 16.54 ? 188 LEU A CG  1 
ATOM   1427 C CD1 . LEU A 1 193 ? -9.795  -7.388  -2.324  1.00 15.38 ? 188 LEU A CD1 1 
ATOM   1428 C CD2 . LEU A 1 193 ? -8.795  -8.459  -0.262  1.00 15.73 ? 188 LEU A CD2 1 
ATOM   1429 N N   . CYS A 1 194 ? -12.689 -8.621  2.349   1.00 20.08 ? 189 CYS A N   1 
ATOM   1430 C CA  . CYS A 1 194 ? -13.822 -8.161  3.163   1.00 22.71 ? 189 CYS A CA  1 
ATOM   1431 C C   . CYS A 1 194 ? -14.156 -6.697  2.883   1.00 25.10 ? 189 CYS A C   1 
ATOM   1432 O O   . CYS A 1 194 ? -13.268 -5.843  2.870   1.00 21.22 ? 189 CYS A O   1 
ATOM   1433 C CB  . CYS A 1 194 ? -13.374 -8.246  4.606   1.00 25.99 ? 189 CYS A CB  1 
ATOM   1434 S SG  . CYS A 1 194 ? -14.664 -8.543  5.755   1.00 29.96 ? 189 CYS A SG  1 
ATOM   1435 N N   . SER A 1 195 ? -15.427 -6.341  2.691   1.00 27.48 ? 190 SER A N   1 
ATOM   1436 C CA  . SER A 1 195 ? -15.728 -4.897  2.759   1.00 31.87 ? 190 SER A CA  1 
ATOM   1437 C C   . SER A 1 195 ? -15.701 -4.592  4.237   1.00 35.47 ? 190 SER A C   1 
ATOM   1438 O O   . SER A 1 195 ? -15.188 -3.557  4.679   1.00 36.90 ? 190 SER A O   1 
ATOM   1439 C CB  . SER A 1 195 ? -17.129 -4.570  2.240   1.00 33.09 ? 190 SER A CB  1 
ATOM   1440 O OG  . SER A 1 195 ? -17.667 -5.635  1.486   1.00 33.32 ? 190 SER A OG  1 
ATOM   1441 N N   . ALA A 1 196 ? -16.296 -5.535  4.970   1.00 38.06 ? 191 ALA A N   1 
ATOM   1442 C CA  . ALA A 1 196 ? -16.521 -5.511  6.402   1.00 39.28 ? 191 ALA A CA  1 
ATOM   1443 C C   . ALA A 1 196 ? -16.688 -6.970  6.791   1.00 39.68 ? 191 ALA A C   1 
ATOM   1444 O O   . ALA A 1 196 ? -15.993 -7.827  6.252   1.00 38.90 ? 191 ALA A O   1 
ATOM   1445 C CB  . ALA A 1 196 ? -17.783 -4.763  6.710   1.00 39.90 ? 191 ALA A CB  1 
ATOM   1446 O OXT . ALA A 1 196 ? -17.520 -7.354  7.621   1.00 41.58 ? 191 ALA A OXT 1 
HETATM 1447 O O   . HOH B 2 .   ? 2.556   -11.603 4.555   1.00 11.89 ? 192 HOH A O   1 
HETATM 1448 O O   . HOH B 2 .   ? 2.120   14.712  4.054   1.00 13.88 ? 193 HOH A O   1 
HETATM 1449 O O   . HOH B 2 .   ? 12.371  4.359   -4.632  1.00 12.91 ? 194 HOH A O   1 
HETATM 1450 O O   . HOH B 2 .   ? 4.375   -13.789 4.881   1.00 14.26 ? 195 HOH A O   1 
HETATM 1451 O O   . HOH B 2 .   ? -9.953  -12.349 3.942   1.00 17.15 ? 196 HOH A O   1 
HETATM 1452 O O   . HOH B 2 .   ? 6.663   -9.687  -3.563  1.00 12.79 ? 197 HOH A O   1 
HETATM 1453 O O   . HOH B 2 .   ? -6.852  -11.071 7.621   1.00 14.26 ? 198 HOH A O   1 
HETATM 1454 O O   . HOH B 2 .   ? -0.398  -15.404 -0.120  1.00 13.61 ? 199 HOH A O   1 
HETATM 1455 O O   . HOH B 2 .   ? -1.365  -12.960 12.308  1.00 16.49 ? 200 HOH A O   1 
HETATM 1456 O O   . HOH B 2 .   ? 3.342   3.283   6.688   1.00 17.28 ? 201 HOH A O   1 
HETATM 1457 O O   . HOH B 2 .   ? -3.354  -14.811 12.994  1.00 18.48 ? 202 HOH A O   1 
HETATM 1458 O O   . HOH B 2 .   ? -8.179  -4.934  -8.385  1.00 20.49 ? 203 HOH A O   1 
HETATM 1459 O O   . HOH B 2 .   ? -12.741 10.777  -1.113  1.00 15.20 ? 204 HOH A O   1 
HETATM 1460 O O   . HOH B 2 .   ? 7.851   -14.209 10.031  1.00 16.87 ? 205 HOH A O   1 
HETATM 1461 O O   . HOH B 2 .   ? 5.276   2.034   5.094   1.00 15.92 ? 206 HOH A O   1 
HETATM 1462 O O   . HOH B 2 .   ? 5.221   -12.129 -3.808  1.00 14.27 ? 207 HOH A O   1 
HETATM 1463 O O   . HOH B 2 .   ? 8.655   15.013  2.924   1.00 22.18 ? 208 HOH A O   1 
HETATM 1464 O O   . HOH B 2 .   ? -5.445  16.992  -12.910 1.00 32.20 ? 209 HOH A O   1 
HETATM 1465 O O   . HOH B 2 .   ? 8.934   15.928  0.345   1.00 17.40 ? 210 HOH A O   1 
HETATM 1466 O O   . HOH B 2 .   ? 6.708   16.384  4.405   1.00 18.19 ? 211 HOH A O   1 
HETATM 1467 O O   . HOH B 2 .   ? -1.976  -20.201 4.755   1.00 22.63 ? 212 HOH A O   1 
HETATM 1468 O O   . HOH B 2 .   ? -3.962  -4.846  10.574  1.00 16.93 ? 213 HOH A O   1 
HETATM 1469 O O   . HOH B 2 .   ? -7.275  -12.230 -6.898  1.00 20.79 ? 214 HOH A O   1 
HETATM 1470 O O   . HOH B 2 .   ? 0.165   -19.700 2.216   1.00 22.98 ? 215 HOH A O   1 
HETATM 1471 O O   . HOH B 2 .   ? 1.307   -14.345 12.808  1.00 23.98 ? 216 HOH A O   1 
HETATM 1472 O O   . HOH B 2 .   ? -5.310  13.586  5.093   1.00 20.35 ? 217 HOH A O   1 
HETATM 1473 O O   . HOH B 2 .   ? 18.766  7.286   -14.897 1.00 15.82 ? 218 HOH A O   1 
HETATM 1474 O O   . HOH B 2 .   ? -2.617  15.884  8.635   1.00 25.45 ? 219 HOH A O   1 
HETATM 1475 O O   . HOH B 2 .   ? 0.154   17.815  5.102   1.00 18.05 ? 220 HOH A O   1 
HETATM 1476 O O   . HOH B 2 .   ? -8.416  -16.233 11.878  1.00 24.57 ? 221 HOH A O   1 
HETATM 1477 O O   . HOH B 2 .   ? 11.091  -1.235  5.792   1.00 35.26 ? 222 HOH A O   1 
HETATM 1478 O O   . HOH B 2 .   ? 5.399   22.885  -7.340  1.00 42.17 ? 223 HOH A O   1 
HETATM 1479 O O   . HOH B 2 .   ? -12.545 2.686   3.197   1.00 22.70 ? 224 HOH A O   1 
HETATM 1480 O O   . HOH B 2 .   ? -12.576 3.852   -4.100  1.00 25.97 ? 225 HOH A O   1 
HETATM 1481 O O   . HOH B 2 .   ? 7.343   -11.839 12.868  1.00 20.28 ? 226 HOH A O   1 
HETATM 1482 O O   . HOH B 2 .   ? -3.297  -18.565 7.117   1.00 23.19 ? 227 HOH A O   1 
HETATM 1483 O O   . HOH B 2 .   ? -10.377 -1.908  -6.392  1.00 24.64 ? 228 HOH A O   1 
HETATM 1484 O O   . HOH B 2 .   ? -5.311  2.946   -14.849 1.00 21.32 ? 229 HOH A O   1 
HETATM 1485 O O   . HOH B 2 .   ? 0.208   -3.733  -13.984 1.00 23.00 ? 230 HOH A O   1 
HETATM 1486 O O   . HOH B 2 .   ? -0.868  -20.948 0.075   1.00 25.16 ? 231 HOH A O   1 
HETATM 1487 O O   . HOH B 2 .   ? -9.524  -13.567 -7.631  1.00 25.47 ? 232 HOH A O   1 
HETATM 1488 O O   . HOH B 2 .   ? 6.277   6.989   -19.483 1.00 20.50 ? 233 HOH A O   1 
HETATM 1489 O O   . HOH B 2 .   ? 9.844   9.492   -20.192 1.00 23.64 ? 234 HOH A O   1 
HETATM 1490 O O   . HOH B 2 .   ? 0.959   11.284  -17.067 1.00 21.64 ? 235 HOH A O   1 
HETATM 1491 O O   . HOH B 2 .   ? -4.603  13.490  7.942   1.00 29.14 ? 236 HOH A O   1 
HETATM 1492 O O   . HOH B 2 .   ? 9.453   -5.314  -7.520  1.00 25.13 ? 237 HOH A O   1 
HETATM 1493 O O   . HOH B 2 .   ? 3.598   -11.345 20.354  1.00 27.83 ? 238 HOH A O   1 
HETATM 1494 O O   . HOH B 2 .   ? -13.053 -0.042  -3.048  1.00 26.35 ? 239 HOH A O   1 
HETATM 1495 O O   . HOH B 2 .   ? -10.461 -18.163 10.639  1.00 24.39 ? 240 HOH A O   1 
HETATM 1496 O O   . HOH B 2 .   ? -7.354  15.132  -3.491  1.00 27.16 ? 241 HOH A O   1 
HETATM 1497 O O   . HOH B 2 .   ? 3.553   20.863  -0.001  1.00 26.59 ? 242 HOH A O   1 
HETATM 1498 O O   . HOH B 2 .   ? -8.176  -9.287  13.212  1.00 24.72 ? 243 HOH A O   1 
HETATM 1499 O O   . HOH B 2 .   ? 7.259   -18.348 4.886   1.00 26.68 ? 244 HOH A O   1 
HETATM 1500 O O   . HOH B 2 .   ? 3.571   16.794  -11.755 1.00 20.94 ? 245 HOH A O   1 
HETATM 1501 O O   . HOH B 2 .   ? -7.015  -3.803  -13.119 1.00 28.63 ? 246 HOH A O   1 
HETATM 1502 O O   . HOH B 2 .   ? -12.089 15.713  -0.230  1.00 22.37 ? 247 HOH A O   1 
HETATM 1503 O O   . HOH B 2 .   ? -19.166 -11.379 -3.048  1.00 30.38 ? 248 HOH A O   1 
HETATM 1504 O O   . HOH B 2 .   ? 1.171   10.618  -19.427 1.00 26.73 ? 249 HOH A O   1 
HETATM 1505 O O   . HOH B 2 .   ? -14.505 10.044  -3.084  1.00 30.00 ? 250 HOH A O   1 
HETATM 1506 O O   . HOH B 2 .   ? -13.390 5.235   2.640   1.00 28.27 ? 251 HOH A O   1 
HETATM 1507 O O   . HOH B 2 .   ? -3.892  -11.143 14.397  1.00 26.56 ? 252 HOH A O   1 
HETATM 1508 O O   . HOH B 2 .   ? 9.109   -1.383  -9.793  1.00 25.18 ? 253 HOH A O   1 
HETATM 1509 O O   . HOH B 2 .   ? -9.806  -0.161  9.846   1.00 30.23 ? 254 HOH A O   1 
HETATM 1510 O O   . HOH B 2 .   ? -3.417  20.127  3.626   1.00 25.22 ? 255 HOH A O   1 
HETATM 1511 O O   . HOH B 2 .   ? -13.206 6.672   0.234   1.00 31.34 ? 256 HOH A O   1 
HETATM 1512 O O   . HOH B 2 .   ? 6.505   2.236   8.880   1.00 27.48 ? 257 HOH A O   1 
HETATM 1513 O O   . HOH B 2 .   ? 14.730  13.680  -15.260 1.00 29.07 ? 258 HOH A O   1 
HETATM 1514 O O   . HOH B 2 .   ? -13.031 16.916  -4.658  1.00 27.19 ? 259 HOH A O   1 
HETATM 1515 O O   . HOH B 2 .   ? 16.073  -10.791 3.712   1.00 32.13 ? 260 HOH A O   1 
HETATM 1516 O O   . HOH B 2 .   ? -2.616  21.458  -0.084  1.00 31.89 ? 261 HOH A O   1 
HETATM 1517 O O   . HOH B 2 .   ? -1.917  7.662   -18.206 1.00 32.99 ? 262 HOH A O   1 
HETATM 1518 O O   . HOH B 2 .   ? 15.889  -12.984 -2.327  1.00 27.70 ? 263 HOH A O   1 
HETATM 1519 O O   . HOH B 2 .   ? 14.131  16.554  -8.330  1.00 23.45 ? 264 HOH A O   1 
HETATM 1520 O O   . HOH B 2 .   ? -8.549  -0.065  -14.576 1.00 41.37 ? 265 HOH A O   1 
HETATM 1521 O O   . HOH B 2 .   ? 15.407  14.290  -2.465  1.00 24.73 ? 266 HOH A O   1 
HETATM 1522 O O   . HOH B 2 .   ? -4.049  5.449   12.464  1.00 35.89 ? 267 HOH A O   1 
HETATM 1523 O O   . HOH B 2 .   ? -9.603  10.469  5.218   1.00 30.10 ? 268 HOH A O   1 
HETATM 1524 O O   . HOH B 2 .   ? 8.090   0.702   22.355  1.00 28.12 ? 269 HOH A O   1 
HETATM 1525 O O   . HOH B 2 .   ? -1.428  9.205   -16.018 1.00 30.56 ? 270 HOH A O   1 
HETATM 1526 O O   . HOH B 2 .   ? 11.336  3.583   -2.076  1.00 21.24 ? 271 HOH A O   1 
HETATM 1527 O O   . HOH B 2 .   ? 3.319   -21.518 2.342   1.00 25.46 ? 272 HOH A O   1 
HETATM 1528 O O   . HOH B 2 .   ? 1.093   9.207   11.083  1.00 32.41 ? 273 HOH A O   1 
HETATM 1529 O O   . HOH B 2 .   ? 3.564   -4.861  -15.501 1.00 33.12 ? 274 HOH A O   1 
HETATM 1530 O O   . HOH B 2 .   ? 11.231  21.508  -1.124  1.00 33.08 ? 275 HOH A O   1 
HETATM 1531 O O   . HOH B 2 .   ? 11.427  -3.957  -4.005  1.00 28.65 ? 276 HOH A O   1 
HETATM 1532 O O   . HOH B 2 .   ? 5.851   12.246  -14.284 1.00 28.90 ? 277 HOH A O   1 
HETATM 1533 O O   . HOH B 2 .   ? 12.753  6.637   -19.880 1.00 29.40 ? 278 HOH A O   1 
HETATM 1534 O O   . HOH B 2 .   ? 7.485   19.729  4.880   1.00 26.56 ? 279 HOH A O   1 
HETATM 1535 O O   . HOH B 2 .   ? 10.584  -1.233  -2.032  1.00 22.60 ? 280 HOH A O   1 
HETATM 1536 O O   . HOH B 2 .   ? 3.937   5.085   8.832   1.00 29.63 ? 281 HOH A O   1 
HETATM 1537 O O   . HOH B 2 .   ? -9.296  -20.511 9.099   1.00 30.66 ? 282 HOH A O   1 
HETATM 1538 O O   . HOH B 2 .   ? -20.635 -12.873 0.385   1.00 30.41 ? 283 HOH A O   1 
HETATM 1539 O O   . HOH B 2 .   ? 8.721   5.830   -19.356 1.00 28.77 ? 284 HOH A O   1 
HETATM 1540 O O   . HOH B 2 .   ? 0.229   4.323   -18.574 1.00 36.91 ? 285 HOH A O   1 
HETATM 1541 O O   . HOH B 2 .   ? -17.644 14.660  -7.990  1.00 32.20 ? 286 HOH A O   1 
HETATM 1542 O O   . HOH B 2 .   ? -4.964  -12.927 -7.473  1.00 36.12 ? 287 HOH A O   1 
HETATM 1543 O O   . HOH B 2 .   ? 5.561   3.051   11.389  1.00 37.33 ? 288 HOH A O   1 
HETATM 1544 O O   . HOH B 2 .   ? 14.037  -3.831  1.187   1.00 30.46 ? 289 HOH A O   1 
HETATM 1545 O O   . HOH B 2 .   ? -12.082 -14.280 -10.851 1.00 34.81 ? 290 HOH A O   1 
HETATM 1546 O O   . HOH B 2 .   ? 12.371  -21.502 4.145   1.00 31.21 ? 291 HOH A O   1 
HETATM 1547 O O   . HOH B 2 .   ? 11.633  11.916  -18.180 1.00 24.26 ? 292 HOH A O   1 
HETATM 1548 O O   . HOH B 2 .   ? 7.218   9.266   -20.718 1.00 26.77 ? 293 HOH A O   1 
HETATM 1549 O O   . HOH B 2 .   ? -20.134 14.299  -5.664  1.00 33.38 ? 294 HOH A O   1 
HETATM 1550 O O   . HOH B 2 .   ? 11.749  20.071  -8.747  1.00 30.77 ? 295 HOH A O   1 
HETATM 1551 O O   . HOH B 2 .   ? -5.502  18.308  -4.125  1.00 29.82 ? 296 HOH A O   1 
HETATM 1552 O O   . HOH B 2 .   ? -7.587  -19.388 -1.698  1.00 35.05 ? 297 HOH A O   1 
HETATM 1553 O O   . HOH B 2 .   ? 16.374  12.575  -13.686 1.00 32.52 ? 298 HOH A O   1 
HETATM 1554 O O   . HOH B 2 .   ? -11.567 10.715  -8.443  1.00 28.95 ? 299 HOH A O   1 
HETATM 1555 O O   . HOH B 2 .   ? -2.591  -9.819  -8.088  1.00 29.48 ? 300 HOH A O   1 
HETATM 1556 O O   . HOH B 2 .   ? 6.546   20.657  -6.982  1.00 22.56 ? 301 HOH A O   1 
HETATM 1557 O O   . HOH B 2 .   ? 1.891   -13.030 15.075  1.00 29.55 ? 302 HOH A O   1 
HETATM 1558 O O   . HOH B 2 .   ? 1.295   -20.560 4.478   1.00 34.80 ? 303 HOH A O   1 
HETATM 1559 O O   . HOH B 2 .   ? -16.340 -2.912  -0.894  1.00 40.41 ? 304 HOH A O   1 
HETATM 1560 O O   . HOH B 2 .   ? 11.302  -11.261 14.413  1.00 29.14 ? 305 HOH A O   1 
HETATM 1561 O O   . HOH B 2 .   ? 12.758  -5.385  -2.132  1.00 28.44 ? 306 HOH A O   1 
HETATM 1562 O O   . HOH B 2 .   ? -13.316 -2.294  3.429   1.00 40.15 ? 307 HOH A O   1 
HETATM 1563 O O   . HOH B 2 .   ? 1.732   14.135  -16.172 1.00 43.28 ? 308 HOH A O   1 
HETATM 1564 O O   . HOH B 2 .   ? -7.956  11.659  -17.988 1.00 32.91 ? 309 HOH A O   1 
HETATM 1565 O O   . HOH B 2 .   ? -9.982  15.525  5.658   1.00 30.34 ? 310 HOH A O   1 
HETATM 1566 O O   . HOH B 2 .   ? 13.291  3.576   -9.264  1.00 36.58 ? 311 HOH A O   1 
HETATM 1567 O O   . HOH B 2 .   ? -7.836  20.091  -16.476 1.00 36.30 ? 312 HOH A O   1 
HETATM 1568 O O   . HOH B 2 .   ? -8.042  2.355   -15.260 1.00 33.06 ? 313 HOH A O   1 
HETATM 1569 O O   . HOH B 2 .   ? -1.900  -7.809  16.414  1.00 30.60 ? 314 HOH A O   1 
HETATM 1570 O O   . HOH B 2 .   ? 0.280   1.293   -15.589 1.00 37.25 ? 315 HOH A O   1 
HETATM 1571 O O   . HOH B 2 .   ? 18.357  -9.333  -3.475  1.00 28.90 ? 316 HOH A O   1 
HETATM 1572 O O   . HOH B 2 .   ? 13.533  17.907  -15.947 1.00 29.41 ? 317 HOH A O   1 
HETATM 1573 O O   . HOH B 2 .   ? -9.054  0.549   12.710  1.00 42.71 ? 318 HOH A O   1 
HETATM 1574 O O   . HOH B 2 .   ? 10.446  21.090  1.745   1.00 37.02 ? 319 HOH A O   1 
HETATM 1575 O O   . HOH B 2 .   ? 10.825  -17.645 -3.174  1.00 43.22 ? 320 HOH A O   1 
HETATM 1576 O O   . HOH B 2 .   ? 4.096   16.686  3.644   1.00 17.45 ? 321 HOH A O   1 
HETATM 1577 O O   . HOH B 2 .   ? -12.731 13.136  0.539   1.00 21.93 ? 322 HOH A O   1 
HETATM 1578 O O   . HOH B 2 .   ? -11.327 16.527  -2.387  1.00 25.03 ? 323 HOH A O   1 
HETATM 1579 O O   . HOH B 2 .   ? 3.549   -12.975 -5.716  1.00 22.20 ? 324 HOH A O   1 
HETATM 1580 O O   . HOH B 2 .   ? -18.125 16.466  -5.943  1.00 22.58 ? 325 HOH A O   1 
HETATM 1581 O O   . HOH B 2 .   ? 1.134   -11.928 -6.049  1.00 28.38 ? 326 HOH A O   1 
HETATM 1582 O O   . HOH B 2 .   ? 14.123  12.131  -17.315 1.00 24.75 ? 327 HOH A O   1 
HETATM 1583 O O   . HOH B 2 .   ? -4.193  -7.361  11.761  1.00 25.27 ? 328 HOH A O   1 
HETATM 1584 O O   . HOH B 2 .   ? -7.470  11.602  6.179   1.00 29.56 ? 329 HOH A O   1 
HETATM 1585 O O   . HOH B 2 .   ? 10.510  -3.530  -8.865  1.00 33.07 ? 330 HOH A O   1 
HETATM 1586 O O   . HOH B 2 .   ? -0.982  17.244  -15.196 1.00 28.90 ? 331 HOH A O   1 
HETATM 1587 O O   . HOH B 2 .   ? 4.357   5.484   -20.824 1.00 27.60 ? 332 HOH A O   1 
HETATM 1588 O O   . HOH B 2 .   ? 15.552  15.201  -6.667  1.00 36.82 ? 333 HOH A O   1 
HETATM 1589 O O   . HOH B 2 .   ? -8.550  -19.634 -4.525  1.00 35.91 ? 334 HOH A O   1 
HETATM 1590 O O   . HOH B 2 .   ? 4.602   17.185  15.253  1.00 30.15 ? 335 HOH A O   1 
HETATM 1591 O O   . HOH B 2 .   ? 5.331   -9.885  22.337  1.00 39.12 ? 336 HOH A O   1 
HETATM 1592 O O   . HOH B 2 .   ? -11.755 8.903   -7.000  1.00 36.90 ? 337 HOH A O   1 
HETATM 1593 O O   . HOH B 2 .   ? -7.969  12.281  -15.033 1.00 37.99 ? 338 HOH A O   1 
HETATM 1594 O O   . HOH B 2 .   ? -4.864  -8.806  13.633  1.00 31.43 ? 339 HOH A O   1 
HETATM 1595 O O   . HOH B 2 .   ? -3.954  3.078   -17.089 1.00 36.03 ? 340 HOH A O   1 
HETATM 1596 O O   . HOH B 2 .   ? 15.299  16.485  -4.152  1.00 27.84 ? 341 HOH A O   1 
HETATM 1597 O O   . HOH B 2 .   ? 3.491   -23.199 6.596   1.00 35.38 ? 342 HOH A O   1 
HETATM 1598 O O   . HOH B 2 .   ? -7.829  14.669  -12.092 1.00 34.25 ? 343 HOH A O   1 
HETATM 1599 O O   . HOH B 2 .   ? -15.497 5.859   -1.326  1.00 37.83 ? 344 HOH A O   1 
HETATM 1600 O O   . HOH B 2 .   ? 10.917  1.070   -3.155  1.00 28.62 ? 345 HOH A O   1 
HETATM 1601 O O   . HOH B 2 .   ? 3.157   16.787  -14.462 1.00 37.29 ? 346 HOH A O   1 
HETATM 1602 O O   . HOH B 2 .   ? 8.703   22.498  -4.556  1.00 41.34 ? 347 HOH A O   1 
HETATM 1603 O O   . HOH B 2 .   ? -5.748  2.897   14.411  1.00 43.24 ? 348 HOH A O   1 
HETATM 1604 O O   . HOH B 2 .   ? -4.236  0.155   11.522  1.00 30.49 ? 349 HOH A O   1 
HETATM 1605 O O   . HOH B 2 .   ? 16.369  12.591  -4.409  1.00 41.86 ? 350 HOH A O   1 
HETATM 1606 O O   . HOH B 2 .   ? 12.544  0.989   -5.324  1.00 38.64 ? 351 HOH A O   1 
HETATM 1607 O O   . HOH B 2 .   ? 15.419  5.331   -11.392 1.00 33.99 ? 352 HOH A O   1 
HETATM 1608 O O   . HOH B 2 .   ? -4.391  -20.034 8.869   1.00 37.56 ? 353 HOH A O   1 
HETATM 1609 O O   . HOH B 2 .   ? -4.232  14.193  -15.693 1.00 33.61 ? 354 HOH A O   1 
HETATM 1610 O O   . HOH B 2 .   ? 18.338  5.740   -12.802 1.00 38.00 ? 355 HOH A O   1 
HETATM 1611 O O   . HOH B 2 .   ? -16.292 15.671  -9.729  1.00 45.00 ? 356 HOH A O   1 
HETATM 1612 O O   . HOH B 2 .   ? -1.844  13.966  -14.779 1.00 33.97 ? 357 HOH A O   1 
HETATM 1613 O O   . HOH B 2 .   ? 1.037   17.026  -13.366 1.00 34.33 ? 358 HOH A O   1 
HETATM 1614 O O   . HOH B 2 .   ? 10.370  17.017  4.076   1.00 37.57 ? 359 HOH A O   1 
HETATM 1615 O O   . HOH B 2 .   ? -3.344  -22.492 4.146   1.00 40.83 ? 360 HOH A O   1 
HETATM 1616 O O   . HOH B 2 .   ? 10.803  4.517   -16.858 1.00 34.74 ? 361 HOH A O   1 
HETATM 1617 O O   . HOH B 2 .   ? 11.273  4.290   -14.155 1.00 30.00 ? 362 HOH A O   1 
HETATM 1618 O O   . HOH B 2 .   ? 10.027  14.764  7.382   1.00 39.57 ? 363 HOH A O   1 
HETATM 1619 O O   . HOH B 2 .   ? 8.526   4.625   2.316   1.00 33.68 ? 364 HOH A O   1 
HETATM 1620 O O   . HOH B 2 .   ? 10.368  -15.196 -3.659  1.00 37.84 ? 365 HOH A O   1 
HETATM 1621 O O   . HOH B 2 .   ? 12.564  12.728  11.346  1.00 39.89 ? 366 HOH A O   1 
HETATM 1622 O O   . HOH B 2 .   ? 13.195  -19.235 5.764   1.00 35.09 ? 367 HOH A O   1 
HETATM 1623 O O   . HOH B 2 .   ? 15.629  8.293   -8.902  1.00 39.40 ? 368 HOH A O   1 
HETATM 1624 O O   . HOH B 2 .   ? -17.622 -10.161 -7.845  1.00 36.96 ? 369 HOH A O   1 
HETATM 1625 O O   . HOH B 2 .   ? 3.927   12.284  -16.708 1.00 38.15 ? 370 HOH A O   1 
HETATM 1626 O O   . HOH B 2 .   ? 3.456   -15.306 -6.320  1.00 34.39 ? 371 HOH A O   1 
HETATM 1627 O O   . HOH B 2 .   ? -23.283 7.686   -3.931  1.00 42.32 ? 372 HOH A O   1 
HETATM 1628 O O   . HOH B 2 .   ? -3.936  -20.565 -3.226  1.00 36.15 ? 373 HOH A O   1 
HETATM 1629 O O   . HOH B 2 .   ? 17.092  18.208  -2.639  1.00 39.08 ? 374 HOH A O   1 
HETATM 1630 O O   . HOH B 2 .   ? 4.460   -17.673 -7.683  1.00 41.81 ? 375 HOH A O   1 
HETATM 1631 O O   . HOH B 2 .   ? 1.028   3.199   12.948  1.00 40.26 ? 376 HOH A O   1 
HETATM 1632 O O   . HOH B 2 .   ? -1.776  18.029  7.295   1.00 41.67 ? 377 HOH A O   1 
HETATM 1633 O O   . HOH B 2 .   ? 0.302   10.525  12.688  1.00 37.12 ? 378 HOH A O   1 
HETATM 1634 O O   . HOH B 2 .   ? -9.850  15.119  -11.126 1.00 42.82 ? 379 HOH A O   1 
HETATM 1635 O O   . HOH B 2 .   ? 6.451   -0.464  -15.923 1.00 44.03 ? 380 HOH A O   1 
HETATM 1636 O O   . HOH B 2 .   ? 4.595   14.805  13.699  1.00 29.69 ? 381 HOH A O   1 
HETATM 1637 O O   . HOH B 2 .   ? 11.184  4.515   2.480   1.00 38.68 ? 382 HOH A O   1 
HETATM 1638 O O   . HOH B 2 .   ? 7.398   16.402  7.105   1.00 22.92 ? 383 HOH A O   1 
HETATM 1639 O O   . HOH B 2 .   ? 1.051   -23.389 5.213   1.00 38.04 ? 384 HOH A O   1 
HETATM 1640 O O   . HOH B 2 .   ? -21.166 -17.377 3.909   1.00 45.00 ? 385 HOH A O   1 
HETATM 1641 O O   . HOH B 2 .   ? -6.635  -5.324  -11.221 1.00 41.99 ? 386 HOH A O   1 
HETATM 1642 O O   . HOH B 2 .   ? -17.435 -2.482  5.895   1.00 45.00 ? 387 HOH A O   1 
HETATM 1643 O O   . HOH B 2 .   ? -3.389  4.963   -18.367 1.00 37.79 ? 388 HOH A O   1 
HETATM 1644 O O   . HOH B 2 .   ? -12.518 -16.451 -1.190  1.00 43.89 ? 389 HOH A O   1 
HETATM 1645 O O   . HOH B 2 .   ? 6.168   5.226   7.181   1.00 43.24 ? 390 HOH A O   1 
HETATM 1646 O O   . HOH B 2 .   ? -17.552 -11.415 -5.485  1.00 44.40 ? 391 HOH A O   1 
HETATM 1647 O O   . HOH B 2 .   ? 0.148   -11.223 19.357  1.00 33.79 ? 392 HOH A O   1 
# 
